data_9B4L
#
_entry.id   9B4L
#
_cell.length_a   1.00
_cell.length_b   1.00
_cell.length_c   1.00
_cell.angle_alpha   90.00
_cell.angle_beta   90.00
_cell.angle_gamma   90.00
#
_symmetry.space_group_name_H-M   'P 1'
#
loop_
_entity.id
_entity.type
_entity.pdbx_description
1 polymer 'Microtubule-associated protein tau'
2 polymer DTH-DLE-DLY-DIL-DVA-DTR-DIL
3 non-polymer '{[-(BIS-CARBOXYMETHYL-AMINO)-ETHYL]-CARBOXYMETHYL-AMINO}-ACETIC ACID'
#
loop_
_entity_poly.entity_id
_entity_poly.type
_entity_poly.pdbx_seq_one_letter_code
_entity_poly.pdbx_strand_id
1 'polypeptide(L)'
;MAEPRQEFEVMEDHAGTYGLGDRKDQGGYTMHQDQEGDTDAGLKESPLQTPTEDGSEEPGSETSDAKSTPTAEDVTAPLV
DEGAPGKQAAAQPHTEIPEGTTAEEAGIGDTPSLEDEAAGHVTQEPESGKVVQEGFLREPGPPGLSHQLMSGMPGAPLLP
EGPREATRQPSGTGPEDTEGGRHAPELLKHQLLGDLHQEGPPLKGAGGKERPGSKEEVDEDRDVDESSPQDSPPSKASPA
QDGRPPQTAAREATSIPGFPAEGAIPLPVDFLSKVSTEIPASEPDGPSVGRAKGQDAPLEFTFHVEITPNVQKEQAHSEE
HLGRAAFPGAPGEGPEARGPSLGEDTKEADLPEPSEKQPAAAPRGKPVSRVPQLKARMVSKSKDGTGSDDKKAKTSTRSS
AKTLKNRPCLSPKHPTPGSSDPLIQPSSPAVCPEPPSSPKYVSSVTSRTGSSGAKEMKLKGADGKTKIATPRGAAPPGQK
GQANATRIPAKTPPAPKTPPSSGEPPKSGDRSGYSSPGSPGTPGSRSRTPSLPTPPTREPKKVAVVRTPPKSPSSAKSRL
QTAPVPMPDLKNVKSKIGSTENLKHQPGGGKVQIINKKLDLSNVQSKCGSKDNIKHVPGGGSVQIVYKPVDLSKVTSKCG
SLGNIHHKPGGGQVEVKSEKLDFKDRVQSKIGSLDNITHVPGGGNKKIETHKLTFRENAKAKTDHGAEIVYKSPVVSGDT
SPRHLSNVSSTGSIDMVDSPQLATLADEVSASLAKQGL
;
A,B,C,D,M,N,O,P,Y,Z,0,1
2 'polypeptide(D)' (DTH)(DLE)(DLY)(DIL)(DVA)(DTR)(DIL) E,F,G,H,I,J,K,L,Q,R,S,T,U,V,W,X,2,3,4,5,6,7,8,9
#
loop_
_chem_comp.id
_chem_comp.type
_chem_comp.name
_chem_comp.formula
EDT non-polymer '{[-(BIS-CARBOXYMETHYL-AMINO)-ETHYL]-CARBOXYMETHYL-AMINO}-ACETIC ACID' 'C10 H16 N2 O8'
#
# COMPACT_ATOMS: atom_id res chain seq x y z
N GLY A 621 59.64 -35.42 -25.59
CA GLY A 621 58.25 -35.39 -26.00
C GLY A 621 57.64 -34.00 -25.98
N SER A 622 57.45 -33.44 -27.17
CA SER A 622 56.88 -32.10 -27.31
C SER A 622 55.37 -32.20 -27.45
N VAL A 623 54.69 -31.17 -26.95
CA VAL A 623 53.24 -31.07 -27.08
C VAL A 623 52.91 -29.73 -27.74
N GLN A 624 52.05 -29.76 -28.74
CA GLN A 624 51.65 -28.56 -29.47
C GLN A 624 50.14 -28.41 -29.35
N ILE A 625 49.70 -27.30 -28.77
CA ILE A 625 48.29 -26.99 -28.60
C ILE A 625 48.00 -25.64 -29.25
N VAL A 626 47.09 -25.63 -30.21
CA VAL A 626 46.68 -24.42 -30.92
C VAL A 626 45.20 -24.19 -30.64
N TYR A 627 44.87 -23.05 -30.04
CA TYR A 627 43.53 -22.73 -29.57
C TYR A 627 43.10 -21.41 -30.19
N LYS A 628 42.18 -21.46 -31.16
CA LYS A 628 41.68 -20.24 -31.79
C LYS A 628 40.29 -20.49 -32.38
N PRO A 629 39.24 -20.56 -31.58
CA PRO A 629 37.89 -20.58 -32.14
C PRO A 629 37.56 -19.23 -32.76
N VAL A 630 36.62 -19.24 -33.69
CA VAL A 630 36.27 -18.04 -34.46
C VAL A 630 34.78 -17.79 -34.31
N ASP A 631 34.43 -16.59 -33.84
CA ASP A 631 33.05 -16.23 -33.57
C ASP A 631 32.63 -15.09 -34.49
N LEU A 632 31.70 -15.37 -35.40
CA LEU A 632 31.06 -14.32 -36.19
C LEU A 632 29.58 -14.20 -35.90
N SER A 633 29.13 -14.68 -34.74
CA SER A 633 27.72 -14.68 -34.42
C SER A 633 27.19 -13.27 -34.24
N LYS A 634 25.89 -13.10 -34.48
CA LYS A 634 25.23 -11.83 -34.25
C LYS A 634 23.92 -12.04 -33.50
N VAL A 635 23.65 -11.16 -32.56
CA VAL A 635 22.38 -11.12 -31.85
C VAL A 635 21.77 -9.73 -32.09
N THR A 636 20.58 -9.70 -32.69
CA THR A 636 19.96 -8.45 -33.08
C THR A 636 18.48 -8.52 -32.77
N SER A 637 17.83 -7.36 -32.87
CA SER A 637 16.39 -7.27 -32.64
C SER A 637 15.90 -5.91 -33.13
N LYS A 638 14.77 -5.92 -33.82
CA LYS A 638 14.15 -4.70 -34.31
C LYS A 638 12.73 -4.62 -33.78
N CYS A 639 12.42 -3.50 -33.12
CA CYS A 639 11.08 -3.26 -32.60
C CYS A 639 10.62 -1.88 -33.04
N GLY A 640 9.48 -1.82 -33.69
CA GLY A 640 9.00 -0.55 -34.20
C GLY A 640 8.63 0.44 -33.11
N SER A 641 7.54 0.18 -32.40
CA SER A 641 7.05 1.07 -31.37
C SER A 641 6.84 0.29 -30.09
N LEU A 642 7.39 0.80 -28.98
CA LEU A 642 7.36 0.13 -27.70
C LEU A 642 6.94 1.12 -26.63
N GLY A 643 5.83 0.85 -25.97
CA GLY A 643 5.37 1.75 -24.93
C GLY A 643 3.96 1.41 -24.48
N ASN A 644 3.37 2.35 -23.75
CA ASN A 644 2.04 2.20 -23.17
C ASN A 644 2.01 1.00 -22.21
N ILE A 645 2.77 1.16 -21.14
CA ILE A 645 2.96 0.11 -20.14
C ILE A 645 2.62 0.66 -18.76
N HIS A 646 1.74 -0.03 -18.03
CA HIS A 646 1.26 0.44 -16.75
C HIS A 646 1.54 -0.58 -15.67
N HIS A 647 2.33 -0.19 -14.69
CA HIS A 647 2.66 -1.04 -13.55
C HIS A 647 2.10 -0.39 -12.29
N LYS A 648 1.12 -1.02 -11.67
CA LYS A 648 0.43 -0.46 -10.51
C LYS A 648 0.37 -1.47 -9.37
N PRO A 649 1.44 -1.60 -8.60
CA PRO A 649 1.43 -2.54 -7.46
C PRO A 649 0.62 -1.98 -6.31
N GLY A 650 -0.39 -2.74 -5.89
CA GLY A 650 -1.35 -2.24 -4.93
C GLY A 650 -1.07 -2.52 -3.46
N GLY A 651 0.14 -2.26 -2.99
CA GLY A 651 0.43 -2.39 -1.58
C GLY A 651 0.87 -3.80 -1.20
N GLY A 652 0.81 -4.06 0.09
CA GLY A 652 1.13 -5.37 0.63
C GLY A 652 1.86 -5.28 1.95
N GLN A 653 1.86 -6.38 2.69
CA GLN A 653 2.42 -6.42 4.04
C GLN A 653 3.31 -7.64 4.22
N VAL A 654 4.55 -7.40 4.66
CA VAL A 654 5.55 -8.45 4.82
C VAL A 654 6.17 -8.36 6.21
N GLU A 655 6.13 -9.47 6.95
CA GLU A 655 6.77 -9.55 8.26
C GLU A 655 7.60 -10.82 8.34
N VAL A 656 8.87 -10.69 8.72
CA VAL A 656 9.79 -11.80 8.82
C VAL A 656 10.54 -11.70 10.14
N LYS A 657 10.62 -12.81 10.87
CA LYS A 657 11.25 -12.88 12.18
C LYS A 657 12.34 -13.92 12.16
N SER A 658 13.58 -13.51 12.44
CA SER A 658 14.70 -14.42 12.61
C SER A 658 15.56 -13.89 13.74
N GLU A 659 16.44 -14.73 14.28
CA GLU A 659 17.23 -14.26 15.40
C GLU A 659 18.73 -14.34 15.18
N LYS A 660 19.27 -15.43 14.65
CA LYS A 660 20.72 -15.59 14.50
C LYS A 660 21.09 -15.87 13.05
N LEU A 661 21.92 -15.00 12.48
CA LEU A 661 22.36 -15.10 11.09
C LEU A 661 23.88 -15.14 11.02
N ASP A 662 24.43 -16.25 10.57
CA ASP A 662 25.86 -16.38 10.32
C ASP A 662 26.09 -16.75 8.86
N PHE A 663 26.77 -15.89 8.12
CA PHE A 663 27.17 -16.15 6.75
C PHE A 663 28.68 -16.01 6.68
N LYS A 664 29.39 -17.08 6.28
CA LYS A 664 30.83 -16.98 6.02
C LYS A 664 31.18 -17.69 4.72
N ASP A 665 30.88 -17.04 3.60
CA ASP A 665 31.40 -17.42 2.28
C ASP A 665 30.85 -16.44 1.27
N ARG A 666 31.04 -16.71 -0.02
CA ARG A 666 30.32 -15.95 -1.03
C ARG A 666 28.82 -16.20 -0.85
N VAL A 667 28.11 -15.22 -0.29
CA VAL A 667 26.72 -15.39 0.12
C VAL A 667 25.92 -14.17 -0.33
N GLN A 668 24.77 -14.41 -0.95
CA GLN A 668 23.99 -13.37 -1.59
C GLN A 668 22.57 -13.29 -1.03
N SER A 669 22.45 -13.21 0.29
CA SER A 669 21.17 -13.28 0.94
C SER A 669 20.32 -12.04 0.67
N LYS A 670 19.04 -12.14 1.01
CA LYS A 670 18.08 -11.06 0.88
C LYS A 670 16.86 -11.42 1.72
N ILE A 671 16.52 -10.58 2.69
CA ILE A 671 15.54 -10.94 3.71
C ILE A 671 14.56 -9.79 3.92
N GLY A 672 13.27 -10.09 3.82
CA GLY A 672 12.28 -9.09 4.16
C GLY A 672 12.24 -7.94 3.18
N SER A 673 11.72 -8.17 1.99
CA SER A 673 11.76 -7.16 0.95
C SER A 673 10.44 -7.08 0.22
N LEU A 674 10.01 -5.86 -0.07
CA LEU A 674 8.81 -5.56 -0.86
C LEU A 674 9.26 -4.65 -1.99
N ASP A 675 9.63 -5.22 -3.13
CA ASP A 675 10.21 -4.46 -4.22
C ASP A 675 9.39 -4.59 -5.48
N ASN A 676 9.35 -3.50 -6.26
CA ASN A 676 8.70 -3.47 -7.55
C ASN A 676 9.69 -2.98 -8.58
N ILE A 677 9.82 -3.72 -9.68
CA ILE A 677 10.81 -3.41 -10.71
C ILE A 677 10.09 -3.31 -12.05
N THR A 678 10.23 -2.18 -12.72
CA THR A 678 9.77 -2.01 -14.08
C THR A 678 11.00 -1.90 -14.97
N HIS A 679 11.19 -2.90 -15.83
CA HIS A 679 12.37 -2.99 -16.68
C HIS A 679 11.89 -3.05 -18.12
N VAL A 680 12.16 -1.98 -18.87
CA VAL A 680 11.70 -1.89 -20.25
C VAL A 680 12.87 -1.46 -21.12
N PRO A 681 13.79 -2.36 -21.45
CA PRO A 681 14.89 -1.97 -22.33
C PRO A 681 14.47 -2.03 -23.80
N GLY A 682 14.88 -1.01 -24.55
CA GLY A 682 14.65 -1.02 -25.98
C GLY A 682 15.33 -2.18 -26.66
N GLY A 683 16.51 -2.56 -26.16
CA GLY A 683 17.22 -3.70 -26.70
C GLY A 683 17.06 -4.91 -25.81
N GLY A 684 18.04 -5.16 -24.96
CA GLY A 684 17.97 -6.25 -24.01
C GLY A 684 18.61 -7.54 -24.44
N ASN A 685 19.39 -7.54 -25.52
CA ASN A 685 20.05 -8.75 -25.97
C ASN A 685 21.32 -8.98 -25.17
N LYS A 686 21.61 -10.24 -24.90
CA LYS A 686 22.68 -10.60 -23.97
C LYS A 686 23.48 -11.76 -24.54
N LYS A 687 24.81 -11.60 -24.59
CA LYS A 687 25.70 -12.63 -25.08
C LYS A 687 26.79 -12.89 -24.06
N ILE A 688 26.96 -14.15 -23.67
CA ILE A 688 27.91 -14.55 -22.65
C ILE A 688 28.81 -15.63 -23.22
N GLU A 689 30.12 -15.39 -23.21
CA GLU A 689 31.06 -16.34 -23.78
C GLU A 689 32.28 -16.46 -22.87
N THR A 690 32.64 -17.71 -22.54
CA THR A 690 33.77 -17.98 -21.66
C THR A 690 34.73 -18.95 -22.33
N HIS A 691 36.01 -18.62 -22.34
CA HIS A 691 37.05 -19.46 -22.89
C HIS A 691 38.03 -19.81 -21.79
N LYS A 692 38.12 -21.10 -21.46
CA LYS A 692 38.99 -21.57 -20.39
C LYS A 692 39.91 -22.66 -20.92
N LEU A 693 41.21 -22.43 -20.84
CA LEU A 693 42.23 -23.39 -21.26
C LEU A 693 43.11 -23.72 -20.06
N THR A 694 43.15 -24.99 -19.68
CA THR A 694 43.92 -25.44 -18.53
C THR A 694 44.95 -26.47 -18.98
N PHE A 695 46.23 -26.16 -18.80
CA PHE A 695 47.31 -27.08 -19.08
C PHE A 695 47.98 -27.45 -17.77
N ARG A 696 47.85 -28.70 -17.36
CA ARG A 696 48.39 -29.16 -16.09
C ARG A 696 49.32 -30.34 -16.32
N GLU A 697 50.27 -30.51 -15.42
CA GLU A 697 51.25 -31.59 -15.51
C GLU A 697 51.18 -32.50 -14.29
N GLY B 621 62.08 -31.63 -23.48
CA GLY B 621 60.70 -31.60 -23.91
C GLY B 621 60.09 -30.21 -23.91
N SER B 622 59.93 -29.66 -25.10
CA SER B 622 59.37 -28.32 -25.27
C SER B 622 57.86 -28.41 -25.43
N VAL B 623 57.17 -27.38 -24.95
CA VAL B 623 55.73 -27.27 -25.11
C VAL B 623 55.42 -25.94 -25.78
N GLN B 624 54.57 -25.98 -26.80
CA GLN B 624 54.19 -24.78 -27.54
C GLN B 624 52.68 -24.63 -27.45
N ILE B 625 52.23 -23.51 -26.88
CA ILE B 625 50.82 -23.20 -26.74
C ILE B 625 50.55 -21.85 -27.40
N VAL B 626 49.66 -21.84 -28.38
CA VAL B 626 49.25 -20.64 -29.10
C VAL B 626 47.77 -20.39 -28.84
N TYR B 627 47.44 -19.25 -28.26
CA TYR B 627 46.10 -18.92 -27.82
C TYR B 627 45.68 -17.60 -28.45
N LYS B 628 44.77 -17.65 -29.43
CA LYS B 628 44.28 -16.45 -30.10
C LYS B 628 42.90 -16.69 -30.70
N PRO B 629 41.85 -16.75 -29.91
CA PRO B 629 40.50 -16.78 -30.49
C PRO B 629 40.18 -15.42 -31.12
N VAL B 630 39.26 -15.44 -32.08
CA VAL B 630 38.93 -14.25 -32.86
C VAL B 630 37.43 -13.98 -32.74
N ASP B 631 37.08 -12.79 -32.27
CA ASP B 631 35.69 -12.43 -32.03
C ASP B 631 35.30 -11.29 -32.97
N LEU B 632 34.37 -11.57 -33.89
CA LEU B 632 33.76 -10.52 -34.69
C LEU B 632 32.26 -10.40 -34.42
N SER B 633 31.81 -10.86 -33.28
CA SER B 633 30.38 -10.86 -32.98
C SER B 633 29.86 -9.45 -32.81
N LYS B 634 28.57 -9.27 -33.08
CA LYS B 634 27.91 -7.99 -32.87
C LYS B 634 26.59 -8.20 -32.14
N VAL B 635 26.29 -7.30 -31.20
CA VAL B 635 25.02 -7.24 -30.51
C VAL B 635 24.43 -5.87 -30.78
N THR B 636 23.25 -5.84 -31.40
CA THR B 636 22.63 -4.59 -31.82
C THR B 636 21.14 -4.65 -31.52
N SER B 637 20.50 -3.49 -31.64
CA SER B 637 19.06 -3.40 -31.44
C SER B 637 18.58 -2.04 -31.95
N LYS B 638 17.47 -2.05 -32.63
CA LYS B 638 16.89 -0.79 -33.05
C LYS B 638 15.51 -0.75 -32.48
N CYS B 639 15.10 0.38 -32.01
CA CYS B 639 13.76 0.64 -31.51
C CYS B 639 13.32 2.02 -31.97
N GLY B 640 12.17 2.08 -32.64
CA GLY B 640 11.72 3.34 -33.16
C GLY B 640 11.34 4.34 -32.10
N SER B 641 10.22 4.08 -31.40
CA SER B 641 9.73 5.00 -30.38
C SER B 641 9.50 4.22 -29.10
N LEU B 642 10.04 4.75 -27.99
CA LEU B 642 9.98 4.09 -26.70
C LEU B 642 9.55 5.09 -25.64
N GLY B 643 8.42 4.82 -25.00
CA GLY B 643 7.95 5.73 -23.98
C GLY B 643 6.54 5.40 -23.55
N ASN B 644 5.94 6.36 -22.83
CA ASN B 644 4.60 6.21 -22.26
C ASN B 644 4.54 5.03 -21.30
N ILE B 645 5.29 5.18 -20.21
CA ILE B 645 5.46 4.13 -19.21
C ILE B 645 5.11 4.71 -17.84
N HIS B 646 4.22 4.03 -17.12
CA HIS B 646 3.70 4.52 -15.85
C HIS B 646 3.97 3.50 -14.76
N HIS B 647 4.75 3.89 -13.77
CA HIS B 647 5.06 3.05 -12.60
C HIS B 647 4.49 3.73 -11.36
N LYS B 648 3.50 3.10 -10.75
CA LYS B 648 2.79 3.68 -9.61
C LYS B 648 2.71 2.66 -8.47
N PRO B 649 3.76 2.54 -7.67
CA PRO B 649 3.75 1.62 -6.54
C PRO B 649 2.90 2.19 -5.40
N GLY B 650 1.89 1.44 -4.99
CA GLY B 650 0.92 1.94 -4.04
C GLY B 650 1.17 1.69 -2.57
N GLY B 651 2.38 1.94 -2.09
CA GLY B 651 2.64 1.82 -0.67
C GLY B 651 3.08 0.42 -0.27
N GLY B 652 3.00 0.16 1.03
CA GLY B 652 3.31 -1.14 1.58
C GLY B 652 4.01 -1.03 2.91
N GLN B 653 4.00 -2.14 3.66
CA GLN B 653 4.53 -2.17 5.02
C GLN B 653 5.42 -3.38 5.22
N VAL B 654 6.65 -3.16 5.68
CA VAL B 654 7.65 -4.21 5.87
C VAL B 654 8.23 -4.10 7.26
N GLU B 655 8.19 -5.20 8.02
CA GLU B 655 8.82 -5.28 9.33
C GLU B 655 9.64 -6.55 9.43
N VAL B 656 10.90 -6.41 9.83
CA VAL B 656 11.82 -7.54 9.96
C VAL B 656 12.55 -7.43 11.29
N LYS B 657 12.60 -8.54 12.03
CA LYS B 657 13.21 -8.58 13.35
C LYS B 657 14.31 -9.63 13.35
N SER B 658 15.54 -9.22 13.66
CA SER B 658 16.65 -10.14 13.85
C SER B 658 17.50 -9.60 14.98
N GLU B 659 18.37 -10.43 15.54
CA GLU B 659 19.14 -9.96 16.68
C GLU B 659 20.65 -10.04 16.47
N LYS B 660 21.19 -11.16 15.96
CA LYS B 660 22.64 -11.31 15.83
C LYS B 660 23.03 -11.60 14.40
N LEU B 661 23.88 -10.74 13.83
CA LEU B 661 24.33 -10.86 12.46
C LEU B 661 25.85 -10.90 12.41
N ASP B 662 26.41 -12.03 11.96
CA ASP B 662 27.85 -12.16 11.74
C ASP B 662 28.09 -12.54 10.28
N PHE B 663 28.78 -11.68 9.55
CA PHE B 663 29.21 -11.96 8.19
C PHE B 663 30.72 -11.83 8.14
N LYS B 664 31.42 -12.90 7.76
CA LYS B 664 32.87 -12.81 7.53
C LYS B 664 33.24 -13.54 6.24
N ASP B 665 32.95 -12.90 5.11
CA ASP B 665 33.50 -13.28 3.80
C ASP B 665 32.96 -12.30 2.77
N ARG B 666 33.18 -12.60 1.48
CA ARG B 666 32.47 -11.84 0.45
C ARG B 666 30.98 -12.08 0.62
N VAL B 667 30.26 -11.10 1.16
CA VAL B 667 28.86 -11.25 1.54
C VAL B 667 28.07 -10.04 1.07
N GLN B 668 26.93 -10.29 0.44
CA GLN B 668 26.17 -9.24 -0.22
C GLN B 668 24.74 -9.15 0.32
N SER B 669 24.59 -9.07 1.63
CA SER B 669 23.29 -9.13 2.26
C SER B 669 22.47 -7.88 1.97
N LYS B 670 21.18 -7.98 2.29
CA LYS B 670 20.22 -6.89 2.14
C LYS B 670 18.99 -7.24 2.96
N ILE B 671 18.63 -6.39 3.92
CA ILE B 671 17.64 -6.74 4.93
C ILE B 671 16.67 -5.59 5.11
N GLY B 672 15.37 -5.87 4.99
CA GLY B 672 14.38 -4.88 5.31
C GLY B 672 14.37 -3.74 4.33
N SER B 673 13.86 -3.98 3.13
CA SER B 673 13.92 -2.97 2.07
C SER B 673 12.60 -2.89 1.33
N LEU B 674 12.19 -1.67 1.01
CA LEU B 674 11.01 -1.38 0.21
C LEU B 674 11.46 -0.47 -0.92
N ASP B 675 11.85 -1.05 -2.05
CA ASP B 675 12.47 -0.31 -3.14
C ASP B 675 11.65 -0.44 -4.41
N ASN B 676 11.63 0.63 -5.19
CA ASN B 676 10.99 0.65 -6.50
C ASN B 676 12.01 1.13 -7.52
N ILE B 677 12.16 0.39 -8.61
CA ILE B 677 13.15 0.69 -9.63
C ILE B 677 12.46 0.77 -10.98
N THR B 678 12.62 1.89 -11.66
CA THR B 678 12.18 2.06 -13.04
C THR B 678 13.42 2.15 -13.90
N HIS B 679 13.63 1.14 -14.74
CA HIS B 679 14.81 1.04 -15.58
C HIS B 679 14.35 0.98 -17.02
N VAL B 680 14.64 2.04 -17.78
CA VAL B 680 14.20 2.11 -19.17
C VAL B 680 15.39 2.53 -20.03
N PRO B 681 16.31 1.63 -20.34
CA PRO B 681 17.42 2.01 -21.20
C PRO B 681 17.03 1.94 -22.66
N GLY B 682 17.44 2.96 -23.41
CA GLY B 682 17.23 2.91 -24.85
C GLY B 682 17.93 1.75 -25.52
N GLY B 683 19.10 1.38 -25.00
CA GLY B 683 19.81 0.23 -25.51
C GLY B 683 19.63 -0.97 -24.61
N GLY B 684 20.61 -1.22 -23.75
CA GLY B 684 20.50 -2.30 -22.79
C GLY B 684 21.16 -3.60 -23.20
N ASN B 685 21.95 -3.60 -24.27
CA ASN B 685 22.61 -4.82 -24.69
C ASN B 685 23.87 -5.05 -23.87
N LYS B 686 24.16 -6.31 -23.59
CA LYS B 686 25.20 -6.66 -22.65
C LYS B 686 26.01 -7.83 -23.19
N LYS B 687 27.33 -7.67 -23.22
CA LYS B 687 28.23 -8.71 -23.69
C LYS B 687 29.30 -8.97 -22.64
N ILE B 688 29.46 -10.24 -22.25
CA ILE B 688 30.40 -10.62 -21.21
C ILE B 688 31.30 -11.71 -21.76
N GLU B 689 32.60 -11.48 -21.72
CA GLU B 689 33.56 -12.43 -22.28
C GLU B 689 34.77 -12.56 -21.35
N THR B 690 35.12 -13.80 -21.00
CA THR B 690 36.23 -14.06 -20.10
C THR B 690 37.19 -15.04 -20.75
N HIS B 691 38.48 -14.71 -20.74
CA HIS B 691 39.53 -15.57 -21.27
C HIS B 691 40.49 -15.92 -20.15
N LYS B 692 40.57 -17.20 -19.81
CA LYS B 692 41.41 -17.67 -18.72
C LYS B 692 42.34 -18.76 -19.23
N LEU B 693 43.65 -18.54 -19.12
CA LEU B 693 44.66 -19.50 -19.52
C LEU B 693 45.52 -19.82 -18.31
N THR B 694 45.55 -21.09 -17.92
CA THR B 694 46.31 -21.53 -16.75
C THR B 694 47.33 -22.58 -17.18
N PHE B 695 48.61 -22.26 -16.97
CA PHE B 695 49.70 -23.19 -17.23
C PHE B 695 50.35 -23.54 -15.90
N ARG B 696 50.21 -24.80 -15.49
CA ARG B 696 50.72 -25.25 -14.21
C ARG B 696 51.65 -26.44 -14.41
N GLU B 697 52.59 -26.59 -13.49
CA GLU B 697 53.56 -27.67 -13.56
C GLU B 697 53.48 -28.58 -12.34
N GLY C 621 -66.67 21.81 21.91
CA GLY C 621 -65.88 20.61 22.10
C GLY C 621 -64.43 20.87 22.45
N SER C 622 -64.09 20.68 23.72
CA SER C 622 -62.73 20.90 24.19
C SER C 622 -61.92 19.62 24.08
N VAL C 623 -60.62 19.79 23.85
CA VAL C 623 -59.70 18.67 23.81
C VAL C 623 -58.58 18.93 24.81
N GLN C 624 -58.26 17.93 25.61
CA GLN C 624 -57.21 18.04 26.61
C GLN C 624 -56.17 16.97 26.34
N ILE C 625 -54.93 17.40 26.10
CA ILE C 625 -53.81 16.50 25.84
C ILE C 625 -52.70 16.81 26.84
N VAL C 626 -52.32 15.81 27.62
CA VAL C 626 -51.25 15.92 28.61
C VAL C 626 -50.14 14.96 28.21
N TYR C 627 -48.95 15.50 27.97
CA TYR C 627 -47.80 14.76 27.44
C TYR C 627 -46.62 14.95 28.39
N LYS C 628 -46.28 13.90 29.14
CA LYS C 628 -45.15 13.96 30.07
C LYS C 628 -44.60 12.57 30.35
N PRO C 629 -43.89 11.95 29.42
CA PRO C 629 -43.19 10.70 29.75
C PRO C 629 -42.05 10.97 30.71
N VAL C 630 -41.66 9.95 31.46
CA VAL C 630 -40.66 10.09 32.50
C VAL C 630 -39.54 9.10 32.24
N ASP C 631 -38.31 9.61 32.13
CA ASP C 631 -37.15 8.79 31.80
C ASP C 631 -36.18 8.80 32.97
N LEU C 632 -35.98 7.64 33.60
CA LEU C 632 -34.93 7.47 34.59
C LEU C 632 -33.89 6.45 34.13
N SER C 633 -33.79 6.20 32.84
CA SER C 633 -32.88 5.17 32.34
C SER C 633 -31.44 5.58 32.56
N LYS C 634 -30.57 4.57 32.65
CA LYS C 634 -29.13 4.81 32.75
C LYS C 634 -28.39 3.90 31.80
N VAL C 635 -27.36 4.44 31.15
CA VAL C 635 -26.43 3.68 30.33
C VAL C 635 -25.04 3.87 30.92
N THR C 636 -24.41 2.77 31.33
CA THR C 636 -23.13 2.84 32.01
C THR C 636 -22.23 1.73 31.49
N SER C 637 -20.96 1.81 31.85
CA SER C 637 -19.99 0.80 31.47
C SER C 637 -18.72 0.99 32.28
N LYS C 638 -18.16 -0.11 32.68
CA LYS C 638 -16.90 -0.04 33.42
C LYS C 638 -15.93 -0.94 32.74
N CYS C 639 -14.75 -0.45 32.55
CA CYS C 639 -13.66 -1.20 31.96
C CYS C 639 -12.39 -0.96 32.76
N GLY C 640 -11.76 -2.03 33.22
CA GLY C 640 -10.58 -1.87 34.04
C GLY C 640 -9.40 -1.31 33.30
N SER C 641 -8.82 -2.09 32.40
CA SER C 641 -7.64 -1.68 31.64
C SER C 641 -7.91 -1.87 30.16
N LEU C 642 -7.62 -0.83 29.38
CA LEU C 642 -7.91 -0.82 27.95
C LEU C 642 -6.70 -0.30 27.20
N GLY C 643 -6.12 -1.12 26.34
CA GLY C 643 -4.96 -0.68 25.59
C GLY C 643 -4.31 -1.83 24.86
N ASN C 644 -3.08 -1.57 24.41
CA ASN C 644 -2.30 -2.52 23.62
C ASN C 644 -3.03 -2.90 22.33
N ILE C 645 -3.19 -1.89 21.47
CA ILE C 645 -3.95 -2.00 20.23
C ILE C 645 -3.06 -1.55 19.08
N HIS C 646 -2.95 -2.39 18.06
CA HIS C 646 -2.05 -2.13 16.94
C HIS C 646 -2.84 -2.13 15.64
N HIS C 647 -2.83 -1.00 14.95
CA HIS C 647 -3.49 -0.85 13.66
C HIS C 647 -2.42 -0.55 12.61
N LYS C 648 -2.21 -1.47 11.68
CA LYS C 648 -1.15 -1.36 10.68
C LYS C 648 -1.71 -1.62 9.28
N PRO C 649 -2.32 -0.61 8.67
CA PRO C 649 -2.85 -0.76 7.31
C PRO C 649 -1.70 -0.77 6.29
N GLY C 650 -1.62 -1.83 5.51
CA GLY C 650 -0.49 -2.02 4.63
C GLY C 650 -0.61 -1.51 3.21
N GLY C 651 -1.06 -0.28 3.02
CA GLY C 651 -1.09 0.31 1.71
C GLY C 651 -2.36 0.01 0.96
N GLY C 652 -2.31 0.21 -0.35
CA GLY C 652 -3.44 -0.07 -1.23
C GLY C 652 -3.55 0.96 -2.34
N GLN C 653 -4.30 0.60 -3.37
CA GLN C 653 -4.42 1.42 -4.58
C GLN C 653 -5.88 1.52 -5.00
N VAL C 654 -6.35 2.75 -5.17
CA VAL C 654 -7.74 3.02 -5.52
C VAL C 654 -7.80 3.97 -6.70
N GLU C 655 -8.51 3.58 -7.76
CA GLU C 655 -8.73 4.44 -8.92
C GLU C 655 -10.20 4.43 -9.28
N VAL C 656 -10.79 5.61 -9.42
CA VAL C 656 -12.20 5.77 -9.74
C VAL C 656 -12.34 6.82 -10.84
N LYS C 657 -13.13 6.49 -11.86
CA LYS C 657 -13.31 7.36 -13.02
C LYS C 657 -14.79 7.64 -13.19
N SER C 658 -15.16 8.93 -13.15
CA SER C 658 -16.51 9.37 -13.43
C SER C 658 -16.42 10.68 -14.20
N GLU C 659 -17.50 11.08 -14.85
CA GLU C 659 -17.42 12.30 -15.64
C GLU C 659 -18.42 13.37 -15.24
N LYS C 660 -19.70 13.05 -15.03
CA LYS C 660 -20.71 14.05 -14.73
C LYS C 660 -21.40 13.76 -13.41
N LEU C 661 -21.33 14.71 -12.48
CA LEU C 661 -21.92 14.57 -11.16
C LEU C 661 -22.87 15.73 -10.89
N ASP C 662 -24.16 15.41 -10.74
CA ASP C 662 -25.17 16.40 -10.34
C ASP C 662 -25.84 15.93 -9.06
N PHE C 663 -25.71 16.72 -8.00
CA PHE C 663 -26.40 16.47 -6.74
C PHE C 663 -27.21 17.72 -6.41
N LYS C 664 -28.53 17.57 -6.28
CA LYS C 664 -29.38 18.68 -5.82
C LYS C 664 -30.37 18.17 -4.78
N ASP C 665 -29.89 17.94 -3.56
CA ASP C 665 -30.72 17.76 -2.37
C ASP C 665 -29.81 17.54 -1.18
N ARG C 666 -30.37 17.15 -0.04
CA ARG C 666 -29.52 16.68 1.04
C ARG C 666 -28.77 15.43 0.59
N VAL C 667 -27.49 15.58 0.28
CA VAL C 667 -26.70 14.51 -0.35
C VAL C 667 -25.37 14.41 0.35
N GLN C 668 -24.97 13.18 0.68
CA GLN C 668 -23.80 12.93 1.51
C GLN C 668 -22.80 12.03 0.81
N SER C 669 -22.42 12.38 -0.41
CA SER C 669 -21.58 11.52 -1.23
C SER C 669 -20.15 11.45 -0.69
N LYS C 670 -19.41 10.48 -1.23
CA LYS C 670 -18.00 10.27 -0.89
C LYS C 670 -17.40 9.38 -1.97
N ILE C 671 -16.37 9.86 -2.66
CA ILE C 671 -15.89 9.20 -3.86
C ILE C 671 -14.37 9.12 -3.83
N GLY C 672 -13.84 7.91 -4.01
CA GLY C 672 -12.41 7.77 -4.15
C GLY C 672 -11.66 8.06 -2.88
N SER C 673 -11.74 7.16 -1.90
CA SER C 673 -11.16 7.42 -0.60
C SER C 673 -10.43 6.20 -0.07
N LEU C 674 -9.28 6.44 0.53
CA LEU C 674 -8.46 5.41 1.19
C LEU C 674 -8.21 5.91 2.61
N ASP C 675 -9.09 5.55 3.54
CA ASP C 675 -9.04 6.09 4.89
C ASP C 675 -8.87 4.99 5.92
N ASN C 676 -8.14 5.31 6.98
CA ASN C 676 -7.95 4.42 8.11
C ASN C 676 -8.35 5.15 9.38
N ILE C 677 -9.20 4.52 10.18
CA ILE C 677 -9.73 5.15 11.39
C ILE C 677 -9.46 4.23 12.57
N THR C 678 -8.79 4.75 13.59
CA THR C 678 -8.62 4.06 14.86
C THR C 678 -9.43 4.81 15.89
N HIS C 679 -10.48 4.17 16.40
CA HIS C 679 -11.41 4.79 17.33
C HIS C 679 -11.41 3.95 18.59
N VAL C 680 -10.88 4.50 19.67
CA VAL C 680 -10.78 3.77 20.94
C VAL C 680 -11.30 4.65 22.06
N PRO C 681 -12.61 4.79 22.20
CA PRO C 681 -13.12 5.60 23.31
C PRO C 681 -13.18 4.80 24.60
N GLY C 682 -12.75 5.43 25.69
CA GLY C 682 -12.88 4.81 26.98
C GLY C 682 -14.32 4.52 27.36
N GLY C 683 -15.24 5.39 26.95
CA GLY C 683 -16.65 5.17 27.17
C GLY C 683 -17.33 4.67 25.92
N GLY C 684 -17.98 5.57 25.19
CA GLY C 684 -18.61 5.20 23.94
C GLY C 684 -20.07 4.90 24.01
N ASN C 685 -20.73 5.17 25.13
CA ASN C 685 -22.15 4.90 25.26
C ASN C 685 -22.95 6.03 24.62
N LYS C 686 -24.07 5.66 23.99
CA LYS C 686 -24.82 6.59 23.17
C LYS C 686 -26.31 6.42 23.44
N LYS C 687 -26.98 7.54 23.72
CA LYS C 687 -28.41 7.54 23.98
C LYS C 687 -29.09 8.56 23.09
N ILE C 688 -30.10 8.12 22.34
CA ILE C 688 -30.81 8.98 21.40
C ILE C 688 -32.30 8.93 21.71
N GLU C 689 -32.89 10.09 21.96
CA GLU C 689 -34.30 10.15 22.32
C GLU C 689 -34.97 11.32 21.61
N THR C 690 -36.10 11.04 20.95
CA THR C 690 -36.83 12.05 20.20
C THR C 690 -38.28 12.06 20.64
N HIS C 691 -38.79 13.26 20.94
CA HIS C 691 -40.18 13.45 21.33
C HIS C 691 -40.85 14.37 20.32
N LYS C 692 -41.84 13.85 19.61
CA LYS C 692 -42.55 14.59 18.59
C LYS C 692 -44.04 14.57 18.87
N LEU C 693 -44.63 15.76 19.04
CA LEU C 693 -46.06 15.90 19.26
C LEU C 693 -46.64 16.79 18.16
N THR C 694 -47.58 16.26 17.40
CA THR C 694 -48.20 16.97 16.30
C THR C 694 -49.69 17.08 16.53
N PHE C 695 -50.18 18.30 16.64
CA PHE C 695 -51.61 18.58 16.76
C PHE C 695 -52.06 19.31 15.51
N ARG C 696 -52.89 18.66 14.71
CA ARG C 696 -53.35 19.22 13.44
C ARG C 696 -54.86 19.24 13.41
N GLU C 697 -55.41 20.18 12.65
CA GLU C 697 -56.85 20.34 12.53
C GLU C 697 -57.31 20.18 11.08
N GLY D 621 -64.77 26.47 21.49
CA GLY D 621 -63.99 25.26 21.71
C GLY D 621 -62.54 25.53 22.07
N SER D 622 -62.22 25.34 23.35
CA SER D 622 -60.87 25.56 23.85
C SER D 622 -60.07 24.28 23.76
N VAL D 623 -58.76 24.43 23.55
CA VAL D 623 -57.84 23.31 23.53
C VAL D 623 -56.74 23.58 24.54
N GLN D 624 -56.44 22.59 25.37
CA GLN D 624 -55.41 22.70 26.38
C GLN D 624 -54.36 21.62 26.14
N ILE D 625 -53.12 22.04 25.91
CA ILE D 625 -52.00 21.14 25.68
C ILE D 625 -50.91 21.45 26.69
N VAL D 626 -50.54 20.45 27.49
CA VAL D 626 -49.49 20.56 28.50
C VAL D 626 -48.37 19.60 28.13
N TYR D 627 -47.18 20.13 27.89
CA TYR D 627 -46.03 19.38 27.40
C TYR D 627 -44.86 19.58 28.37
N LYS D 628 -44.53 18.53 29.14
CA LYS D 628 -43.42 18.60 30.07
C LYS D 628 -42.89 17.21 30.37
N PRO D 629 -42.16 16.57 29.46
CA PRO D 629 -41.47 15.33 29.81
C PRO D 629 -40.34 15.61 30.79
N VAL D 630 -39.97 14.58 31.55
CA VAL D 630 -38.98 14.72 32.61
C VAL D 630 -37.86 13.74 32.38
N ASP D 631 -36.63 14.23 32.28
CA ASP D 631 -35.48 13.41 31.98
C ASP D 631 -34.51 13.42 33.16
N LEU D 632 -34.34 12.26 33.80
CA LEU D 632 -33.31 12.10 34.81
C LEU D 632 -32.26 11.07 34.39
N SER D 633 -32.14 10.82 33.10
CA SER D 633 -31.23 9.78 32.62
C SER D 633 -29.78 10.18 32.85
N LYS D 634 -28.92 9.17 32.97
CA LYS D 634 -27.49 9.40 33.09
C LYS D 634 -26.73 8.48 32.16
N VAL D 635 -25.69 9.02 31.53
CA VAL D 635 -24.75 8.25 30.73
C VAL D 635 -23.37 8.44 31.34
N THR D 636 -22.75 7.34 31.76
CA THR D 636 -21.49 7.41 32.46
C THR D 636 -20.59 6.29 31.96
N SER D 637 -19.32 6.36 32.35
CA SER D 637 -18.34 5.35 31.99
C SER D 637 -17.09 5.54 32.83
N LYS D 638 -16.53 4.44 33.28
CA LYS D 638 -15.30 4.52 34.06
C LYS D 638 -14.29 3.59 33.47
N CYS D 639 -13.12 4.09 33.18
CA CYS D 639 -12.03 3.31 32.61
C CYS D 639 -10.78 3.57 33.43
N GLY D 640 -10.15 2.50 33.91
CA GLY D 640 -8.99 2.65 34.75
C GLY D 640 -7.78 3.22 34.01
N SER D 641 -7.20 2.42 33.13
CA SER D 641 -6.01 2.83 32.39
C SER D 641 -6.25 2.63 30.90
N LEU D 642 -5.96 3.66 30.12
CA LEU D 642 -6.21 3.64 28.68
C LEU D 642 -4.99 4.17 27.96
N GLY D 643 -4.39 3.34 27.11
CA GLY D 643 -3.23 3.76 26.38
C GLY D 643 -2.56 2.60 25.68
N ASN D 644 -1.33 2.86 25.23
CA ASN D 644 -0.54 1.90 24.47
C ASN D 644 -1.26 1.52 23.17
N ILE D 645 -1.39 2.51 22.30
CA ILE D 645 -2.13 2.39 21.05
C ILE D 645 -1.22 2.83 19.91
N HIS D 646 -1.10 1.98 18.89
CA HIS D 646 -0.17 2.23 17.78
C HIS D 646 -0.94 2.23 16.47
N HIS D 647 -0.92 3.35 15.77
CA HIS D 647 -1.55 3.49 14.47
C HIS D 647 -0.47 3.78 13.44
N LYS D 648 -0.25 2.84 12.52
CA LYS D 648 0.83 2.95 11.54
C LYS D 648 0.30 2.69 10.14
N PRO D 649 -0.30 3.69 9.50
CA PRO D 649 -0.81 3.52 8.13
C PRO D 649 0.35 3.51 7.14
N GLY D 650 0.45 2.43 6.37
CA GLY D 650 1.60 2.24 5.50
C GLY D 650 1.50 2.74 4.08
N GLY D 651 1.06 3.97 3.88
CA GLY D 651 1.06 4.55 2.55
C GLY D 651 -0.22 4.25 1.78
N GLY D 652 -0.14 4.45 0.48
CA GLY D 652 -1.24 4.15 -0.42
C GLY D 652 -1.35 5.18 -1.53
N GLN D 653 -2.07 4.80 -2.59
CA GLN D 653 -2.17 5.62 -3.78
C GLN D 653 -3.62 5.72 -4.24
N VAL D 654 -4.09 6.96 -4.43
CA VAL D 654 -5.48 7.23 -4.81
C VAL D 654 -5.50 8.18 -6.00
N GLU D 655 -6.20 7.78 -7.06
CA GLU D 655 -6.40 8.62 -8.22
C GLU D 655 -7.87 8.62 -8.62
N VAL D 656 -8.44 9.81 -8.77
CA VAL D 656 -9.85 9.96 -9.12
C VAL D 656 -9.97 10.99 -10.23
N LYS D 657 -10.73 10.67 -11.26
CA LYS D 657 -10.90 11.53 -12.43
C LYS D 657 -12.37 11.82 -12.63
N SER D 658 -12.74 13.10 -12.60
CA SER D 658 -14.08 13.55 -12.92
C SER D 658 -13.97 14.85 -13.69
N GLU D 659 -15.05 15.25 -14.35
CA GLU D 659 -14.94 16.46 -15.15
C GLU D 659 -15.94 17.55 -14.78
N LYS D 660 -17.23 17.22 -14.59
CA LYS D 660 -18.24 18.24 -14.32
C LYS D 660 -18.96 17.96 -13.01
N LEU D 661 -18.89 18.91 -12.08
CA LEU D 661 -19.51 18.79 -10.77
C LEU D 661 -20.46 19.95 -10.52
N ASP D 662 -21.75 19.65 -10.39
CA ASP D 662 -22.76 20.63 -10.03
C ASP D 662 -23.46 20.19 -8.76
N PHE D 663 -23.33 20.98 -7.69
CA PHE D 663 -24.06 20.74 -6.45
C PHE D 663 -24.87 21.99 -6.14
N LYS D 664 -26.19 21.85 -6.03
CA LYS D 664 -27.03 22.97 -5.58
C LYS D 664 -28.05 22.48 -4.56
N ASP D 665 -27.59 22.26 -3.33
CA ASP D 665 -28.44 22.08 -2.16
C ASP D 665 -27.55 21.87 -0.95
N ARG D 666 -28.12 21.49 0.18
CA ARG D 666 -27.30 21.03 1.29
C ARG D 666 -26.55 19.77 0.85
N VAL D 667 -25.26 19.91 0.57
CA VAL D 667 -24.48 18.84 -0.04
C VAL D 667 -23.14 18.73 0.68
N GLN D 668 -22.76 17.50 1.02
CA GLN D 668 -21.61 17.26 1.88
C GLN D 668 -20.59 16.35 1.21
N SER D 669 -20.19 16.68 -0.02
CA SER D 669 -19.34 15.82 -0.81
C SER D 669 -17.92 15.74 -0.25
N LYS D 670 -17.18 14.77 -0.77
CA LYS D 670 -15.78 14.55 -0.41
C LYS D 670 -15.17 13.65 -1.46
N ILE D 671 -14.12 14.12 -2.14
CA ILE D 671 -13.62 13.45 -3.33
C ILE D 671 -12.10 13.36 -3.28
N GLY D 672 -11.57 12.16 -3.43
CA GLY D 672 -10.14 12.00 -3.56
C GLY D 672 -9.42 12.31 -2.27
N SER D 673 -9.51 11.41 -1.29
CA SER D 673 -8.96 11.69 0.02
C SER D 673 -8.24 10.45 0.57
N LEU D 674 -7.09 10.70 1.19
CA LEU D 674 -6.30 9.67 1.87
C LEU D 674 -6.06 10.18 3.29
N ASP D 675 -6.95 9.83 4.22
CA ASP D 675 -6.93 10.38 5.56
C ASP D 675 -6.77 9.28 6.60
N ASN D 676 -6.06 9.62 7.67
CA ASN D 676 -5.90 8.73 8.82
C ASN D 676 -6.32 9.47 10.06
N ILE D 677 -7.18 8.86 10.86
CA ILE D 677 -7.73 9.49 12.06
C ILE D 677 -7.48 8.59 13.24
N THR D 678 -6.82 9.11 14.27
CA THR D 678 -6.68 8.43 15.55
C THR D 678 -7.51 9.20 16.56
N HIS D 679 -8.56 8.56 17.05
CA HIS D 679 -9.51 9.19 17.97
C HIS D 679 -9.54 8.36 19.24
N VAL D 680 -9.02 8.92 20.32
CA VAL D 680 -8.94 8.20 21.59
C VAL D 680 -9.47 9.09 22.70
N PRO D 681 -10.79 9.24 22.82
CA PRO D 681 -11.33 10.06 23.91
C PRO D 681 -11.40 9.27 25.20
N GLY D 682 -10.99 9.91 26.30
CA GLY D 682 -11.15 9.29 27.60
C GLY D 682 -12.60 9.02 27.94
N GLY D 683 -13.50 9.88 27.51
CA GLY D 683 -14.91 9.68 27.71
C GLY D 683 -15.57 9.16 26.46
N GLY D 684 -16.21 10.05 25.71
CA GLY D 684 -16.81 9.69 24.45
C GLY D 684 -18.29 9.39 24.50
N ASN D 685 -18.96 9.67 25.60
CA ASN D 685 -20.38 9.41 25.72
C ASN D 685 -21.17 10.54 25.05
N LYS D 686 -22.28 10.17 24.41
CA LYS D 686 -23.01 11.09 23.57
C LYS D 686 -24.50 10.94 23.82
N LYS D 687 -25.18 12.05 24.08
CA LYS D 687 -26.61 12.06 24.31
C LYS D 687 -27.27 13.08 23.40
N ILE D 688 -28.28 12.65 22.64
CA ILE D 688 -28.96 13.49 21.68
C ILE D 688 -30.44 13.44 21.97
N GLU D 689 -31.05 14.61 22.20
CA GLU D 689 -32.46 14.69 22.54
C GLU D 689 -33.11 15.84 21.80
N THR D 690 -34.23 15.56 21.12
CA THR D 690 -34.94 16.57 20.35
C THR D 690 -36.40 16.60 20.77
N HIS D 691 -36.91 17.80 21.05
CA HIS D 691 -38.31 18.00 21.42
C HIS D 691 -38.95 18.91 20.40
N LYS D 692 -39.95 18.39 19.68
CA LYS D 692 -40.62 19.13 18.62
C LYS D 692 -42.12 19.12 18.88
N LEU D 693 -42.71 20.31 19.04
CA LEU D 693 -44.15 20.46 19.23
C LEU D 693 -44.70 21.34 18.12
N THR D 694 -45.63 20.79 17.35
CA THR D 694 -46.23 21.51 16.23
C THR D 694 -47.73 21.62 16.44
N PHE D 695 -48.21 22.86 16.53
CA PHE D 695 -49.64 23.14 16.62
C PHE D 695 -50.07 23.85 15.35
N ARG D 696 -50.88 23.20 14.54
CA ARG D 696 -51.32 23.76 13.27
C ARG D 696 -52.84 23.78 13.21
N GLU D 697 -53.36 24.72 12.43
CA GLU D 697 -54.80 24.89 12.28
C GLU D 697 -55.24 24.71 10.83
N DTH E 1 41.20 -16.25 -42.83
CA DTH E 1 40.39 -15.08 -42.50
CB DTH E 1 39.60 -15.30 -41.20
CG2 DTH E 1 38.78 -14.06 -40.86
OG1 DTH E 1 40.49 -15.58 -40.12
C DTH E 1 39.42 -14.78 -43.63
O DTH E 1 38.78 -15.66 -44.13
N DLE E 2 39.33 -13.53 -44.05
CA DLE E 2 38.49 -13.13 -45.16
CB DLE E 2 39.32 -13.12 -46.45
CG DLE E 2 38.85 -12.48 -47.77
CD1 DLE E 2 37.39 -12.77 -48.08
CD2 DLE E 2 39.13 -10.97 -47.83
C DLE E 2 37.91 -11.75 -44.87
O DLE E 2 38.63 -10.87 -44.47
N DLY E 3 36.60 -11.58 -45.04
CA DLY E 3 35.95 -10.29 -44.91
C DLY E 3 34.99 -10.11 -46.08
O DLY E 3 34.36 -11.05 -46.51
CB DLY E 3 35.21 -10.18 -43.58
CG DLY E 3 34.17 -11.26 -43.36
CD DLY E 3 33.27 -10.91 -42.18
CE DLY E 3 32.53 -9.61 -42.43
NZ DLY E 3 31.63 -9.25 -41.29
N DIL E 4 34.91 -8.90 -46.61
CA DIL E 4 34.11 -8.59 -47.78
C DIL E 4 33.41 -7.27 -47.57
O DIL E 4 34.04 -6.32 -47.18
CB DIL E 4 35.00 -8.51 -49.04
CG1 DIL E 4 35.59 -9.89 -49.38
CG2 DIL E 4 34.23 -7.94 -50.22
CD1 DIL E 4 36.50 -9.88 -50.59
N DVA E 5 32.12 -7.20 -47.87
CA DVA E 5 31.32 -6.00 -47.67
CB DVA E 5 30.42 -6.11 -46.43
CG1 DVA E 5 31.26 -6.28 -45.17
CG2 DVA E 5 29.52 -4.89 -46.31
C DVA E 5 30.48 -5.77 -48.93
O DVA E 5 29.81 -6.68 -49.40
N DTR E 6 30.52 -4.58 -49.48
CA DTR E 6 29.79 -4.24 -50.69
CB DTR E 6 30.73 -4.27 -51.89
CG DTR E 6 30.10 -3.89 -53.22
CD1 DTR E 6 28.78 -3.91 -53.54
NE1 DTR E 6 28.60 -3.50 -54.83
CE2 DTR E 6 29.82 -3.21 -55.38
CZ2 DTR E 6 30.15 -2.76 -56.66
CH2 DTR E 6 31.48 -2.55 -56.93
CZ3 DTR E 6 32.46 -2.78 -55.97
CE3 DTR E 6 32.15 -3.23 -54.70
CD2 DTR E 6 30.80 -3.44 -54.39
C DTR E 6 29.17 -2.86 -50.54
O DTR E 6 29.84 -1.94 -50.16
N DIL E 7 27.90 -2.72 -50.90
CA DIL E 7 27.17 -1.47 -50.81
C DIL E 7 26.52 -1.17 -52.16
O DIL E 7 25.90 -2.05 -52.76
CB DIL E 7 26.10 -1.52 -49.70
CG1 DIL E 7 26.73 -1.99 -48.38
CG2 DIL E 7 25.43 -0.16 -49.54
CD1 DIL E 7 25.71 -2.19 -47.28
OXT DIL E 7 26.61 -0.06 -52.67
N DTH F 1 23.66 -4.36 -53.39
CA DTH F 1 23.72 -5.55 -52.56
CB DTH F 1 22.85 -5.40 -51.30
CG2 DTH F 1 22.92 -6.66 -50.44
OG1 DTH F 1 21.50 -5.16 -51.68
C DTH F 1 25.17 -5.81 -52.15
O DTH F 1 25.85 -4.90 -51.73
N DLE F 2 25.62 -7.04 -52.27
CA DLE F 2 27.01 -7.40 -51.96
CB DLE F 2 27.85 -7.35 -53.24
CG DLE F 2 29.26 -7.93 -53.38
CD1 DLE F 2 30.13 -7.64 -52.16
CD2 DLE F 2 29.25 -9.42 -53.70
C DLE F 2 27.02 -8.80 -51.36
O DLE F 2 26.39 -9.68 -51.88
N DLY F 3 27.71 -8.98 -50.24
CA DLY F 3 27.91 -10.28 -49.64
C DLY F 3 29.37 -10.43 -49.24
O DLY F 3 29.99 -9.47 -48.81
CB DLY F 3 27.00 -10.47 -48.42
CG DLY F 3 25.98 -9.36 -48.23
CD DLY F 3 25.19 -9.56 -46.95
CE DLY F 3 24.64 -8.25 -46.42
NZ DLY F 3 23.52 -8.45 -45.46
N DIL F 4 29.93 -11.62 -49.42
CA DIL F 4 31.34 -11.87 -49.18
C DIL F 4 31.47 -13.22 -48.49
O DIL F 4 30.91 -14.17 -48.93
CB DIL F 4 32.13 -11.88 -50.50
CG1 DIL F 4 32.16 -10.49 -51.14
CG2 DIL F 4 33.55 -12.41 -50.29
CD1 DIL F 4 32.88 -10.43 -52.46
N DVA F 5 32.28 -13.30 -47.43
CA DVA F 5 32.48 -14.51 -46.66
CB DVA F 5 31.70 -14.47 -45.34
CG1 DVA F 5 30.20 -14.34 -45.58
CG2 DVA F 5 32.00 -15.71 -44.50
C DVA F 5 33.96 -14.69 -46.41
O DVA F 5 34.63 -13.78 -45.97
N DTR F 6 34.49 -15.87 -46.71
CA DTR F 6 35.91 -16.15 -46.54
CB DTR F 6 36.62 -16.06 -47.89
CG DTR F 6 38.10 -16.38 -47.87
CD1 DTR F 6 38.93 -16.37 -46.79
NE1 DTR F 6 40.20 -16.72 -47.16
CE2 DTR F 6 40.21 -16.97 -48.51
CZ2 DTR F 6 41.27 -17.35 -49.35
CH2 DTR F 6 40.98 -17.53 -50.67
CZ3 DTR F 6 39.70 -17.33 -51.18
CE3 DTR F 6 38.65 -16.95 -50.35
CD2 DTR F 6 38.90 -16.76 -48.99
C DTR F 6 36.08 -17.55 -45.97
O DTR F 6 35.50 -18.47 -46.44
N DIL F 7 36.93 -17.68 -44.95
CA DIL F 7 37.19 -18.96 -44.28
C DIL F 7 38.69 -19.20 -44.26
O DIL F 7 39.17 -20.29 -44.58
CB DIL F 7 36.61 -18.97 -42.86
CG1 DIL F 7 35.13 -18.56 -42.87
CG2 DIL F 7 36.78 -20.34 -42.22
CD1 DIL F 7 34.52 -18.41 -41.50
OXT DIL F 7 39.46 -18.30 -43.90
N DTH G 1 32.52 -1.32 -62.57
CA DTH G 1 33.95 -1.56 -62.55
CB DTH G 1 34.54 -1.54 -63.98
CG2 DTH G 1 36.04 -1.78 -63.95
OG1 DTH G 1 34.25 -0.29 -64.61
C DTH G 1 34.25 -2.89 -61.90
O DTH G 1 33.63 -3.88 -62.20
N DLE G 2 35.22 -2.92 -60.99
CA DLE G 2 35.56 -4.13 -60.25
CB DLE G 2 34.79 -4.15 -58.91
CG DLE G 2 35.10 -5.10 -57.75
CD1 DLE G 2 35.38 -6.52 -58.22
CD2 DLE G 2 36.23 -4.58 -56.85
C DLE G 2 37.06 -4.16 -60.01
O DLE G 2 37.62 -3.16 -59.62
N DLY G 3 37.71 -5.27 -60.30
CA DLY G 3 39.12 -5.47 -60.00
C DLY G 3 39.31 -6.84 -59.38
O DLY G 3 38.65 -7.78 -59.76
CB DLY G 3 39.96 -5.33 -61.28
CG DLY G 3 39.57 -6.28 -62.39
CD DLY G 3 40.64 -6.32 -63.47
CE DLY G 3 41.97 -6.78 -62.92
NZ DLY G 3 43.02 -6.82 -63.97
N DIL G 4 40.19 -6.93 -58.40
CA DIL G 4 40.40 -8.15 -57.64
C DIL G 4 41.90 -8.33 -57.42
O DIL G 4 42.56 -7.41 -57.01
CB DIL G 4 39.68 -8.09 -56.28
CG1 DIL G 4 38.16 -8.08 -56.47
CG2 DIL G 4 40.12 -9.23 -55.38
CD1 DIL G 4 37.39 -7.99 -55.17
N DVA G 5 42.42 -9.53 -57.65
CA DVA G 5 43.84 -9.83 -57.51
CB DVA G 5 44.54 -9.91 -58.89
CG1 DVA G 5 44.43 -8.59 -59.63
CG2 DVA G 5 45.99 -10.33 -58.71
C DVA G 5 43.98 -11.15 -56.75
O DVA G 5 43.36 -12.13 -57.09
N DTR G 6 44.79 -11.14 -55.70
CA DTR G 6 45.00 -12.33 -54.89
CB DTR G 6 44.18 -12.21 -53.59
CG DTR G 6 44.34 -13.35 -52.62
CD1 DTR G 6 44.79 -14.61 -52.89
NE1 DTR G 6 44.80 -15.37 -51.74
CE2 DTR G 6 44.33 -14.61 -50.71
CZ2 DTR G 6 44.16 -14.93 -49.37
CH2 DTR G 6 43.68 -13.95 -48.53
CZ3 DTR G 6 43.37 -12.68 -49.02
CE3 DTR G 6 43.55 -12.35 -50.36
CD2 DTR G 6 44.04 -13.33 -51.22
C DTR G 6 46.48 -12.47 -54.55
O DTR G 6 47.09 -11.52 -54.13
N DIL G 7 47.03 -13.66 -54.69
CA DIL G 7 48.43 -13.95 -54.41
C DIL G 7 48.52 -15.14 -53.47
O DIL G 7 47.86 -16.16 -53.68
CB DIL G 7 49.20 -14.23 -55.73
CG1 DIL G 7 48.97 -13.11 -56.74
CG2 DIL G 7 50.68 -14.41 -55.44
CD1 DIL G 7 49.59 -13.39 -58.09
OXT DIL G 7 49.25 -15.10 -52.48
N DTH H 1 45.97 -18.07 -55.02
CA DTH H 1 45.24 -17.79 -56.26
CB DTH H 1 46.21 -17.66 -57.45
CG2 DTH H 1 45.44 -17.39 -58.74
OG1 DTH H 1 46.96 -18.88 -57.60
C DTH H 1 44.45 -16.50 -56.11
O DTH H 1 44.97 -15.51 -55.65
N DLE H 2 43.20 -16.51 -56.51
CA DLE H 2 42.32 -15.34 -56.38
CB DLE H 2 41.52 -15.46 -55.07
CG DLE H 2 40.31 -14.59 -54.72
CD1 DLE H 2 40.51 -13.13 -55.09
CD2 DLE H 2 39.00 -15.14 -55.31
C DLE H 2 41.39 -15.29 -57.58
O DLE H 2 40.82 -16.29 -57.94
N DLY H 3 41.26 -14.13 -58.21
CA DLY H 3 40.32 -13.91 -59.30
C DLY H 3 39.61 -12.58 -59.06
O DLY H 3 40.21 -11.63 -58.60
CB DLY H 3 41.03 -13.92 -60.65
CG DLY H 3 42.14 -12.89 -60.78
CD DLY H 3 42.58 -12.74 -62.23
CE DLY H 3 41.43 -12.27 -63.09
NZ DLY H 3 41.84 -12.12 -64.52
N DIL H 4 38.32 -12.53 -59.36
CA DIL H 4 37.49 -11.38 -59.10
C DIL H 4 36.57 -11.16 -60.29
O DIL H 4 35.94 -12.09 -60.73
CB DIL H 4 36.65 -11.57 -57.83
CG1 DIL H 4 37.55 -11.62 -56.58
CG2 DIL H 4 35.60 -10.48 -57.69
CD1 DIL H 4 36.80 -11.84 -55.29
N DVA H 5 36.45 -9.94 -60.77
CA DVA H 5 35.63 -9.59 -61.93
CB DVA H 5 36.49 -9.38 -63.19
CG1 DVA H 5 37.26 -10.64 -63.55
CG2 DVA H 5 35.63 -8.94 -64.35
C DVA H 5 34.84 -8.34 -61.60
O DVA H 5 35.37 -7.36 -61.15
N DTR H 6 33.53 -8.39 -61.81
CA DTR H 6 32.64 -7.27 -61.52
CB DTR H 6 31.92 -7.52 -60.19
CG DTR H 6 30.94 -6.45 -59.79
CD1 DTR H 6 30.88 -5.16 -60.22
NE1 DTR H 6 29.85 -4.49 -59.62
CE2 DTR H 6 29.20 -5.35 -58.78
CZ2 DTR H 6 28.09 -5.14 -57.97
CH2 DTR H 6 27.66 -6.19 -57.21
CZ3 DTR H 6 28.29 -7.44 -57.26
CE3 DTR H 6 29.39 -7.65 -58.07
CD2 DTR H 6 29.85 -6.59 -58.86
C DTR H 6 31.63 -7.11 -62.65
O DTR H 6 31.02 -8.05 -63.04
N DIL H 7 31.43 -5.88 -63.11
CA DIL H 7 30.50 -5.58 -64.19
C DIL H 7 29.57 -4.47 -63.73
O DIL H 7 28.35 -4.54 -63.90
CB DIL H 7 31.25 -5.17 -65.46
CG1 DIL H 7 32.32 -6.20 -65.82
CG2 DIL H 7 30.28 -4.96 -66.61
CD1 DIL H 7 33.18 -5.82 -67.00
OXT DIL H 7 30.01 -3.45 -63.18
N DTH I 1 -43.85 11.96 41.71
CA DTH I 1 -42.39 12.07 41.66
CB DTH I 1 -41.85 11.72 40.26
CG2 DTH I 1 -40.33 11.84 40.22
OG1 DTH I 1 -42.42 12.60 39.29
C DTH I 1 -41.78 11.12 42.68
O DTH I 1 -42.17 9.98 42.77
N DLE I 2 -40.82 11.60 43.46
CA DLE I 2 -40.20 10.80 44.51
CB DLE I 2 -40.91 11.07 45.85
CG DLE I 2 -40.37 10.65 47.22
CD1 DLE I 2 -39.78 9.25 47.21
CD2 DLE I 2 -39.38 11.66 47.80
C DLE I 2 -38.73 11.18 44.59
O DLE I 2 -38.41 12.34 44.61
N DLY I 3 -37.84 10.20 44.63
CA DLY I 3 -36.42 10.42 44.84
C DLY I 3 -35.91 9.40 45.84
O DLY I 3 -36.33 8.26 45.86
CB DLY I 3 -35.65 10.30 43.52
CG DLY I 3 -35.83 8.96 42.82
CD DLY I 3 -34.81 8.80 41.70
CE DLY I 3 -33.39 8.83 42.24
NZ DLY I 3 -32.37 8.68 41.17
N DIL I 4 -35.01 9.83 46.72
CA DIL I 4 -34.49 9.01 47.81
C DIL I 4 -33.01 9.23 47.93
O DIL I 4 -32.57 10.35 47.97
CB DIL I 4 -35.20 9.37 49.14
CG1 DIL I 4 -36.69 8.99 49.10
CG2 DIL I 4 -34.49 8.71 50.32
CD1 DIL I 4 -37.43 9.34 50.36
N DVA I 5 -32.22 8.17 48.05
CA DVA I 5 -30.77 8.24 48.15
CB DVA I 5 -30.10 7.85 46.82
CG1 DVA I 5 -30.53 8.80 45.70
CG2 DVA I 5 -28.59 7.84 46.97
C DVA I 5 -30.32 7.32 49.27
O DVA I 5 -30.71 6.17 49.33
N DTR I 6 -29.52 7.83 50.18
CA DTR I 6 -29.02 7.06 51.32
CB DTR I 6 -29.82 7.43 52.57
CG DTR I 6 -29.39 6.73 53.84
CD1 DTR I 6 -28.66 5.59 53.95
NE1 DTR I 6 -28.46 5.27 55.27
CE2 DTR I 6 -29.07 6.22 56.05
CZ2 DTR I 6 -29.14 6.33 57.44
CH2 DTR I 6 -29.82 7.41 57.95
CZ3 DTR I 6 -30.43 8.35 57.11
CE3 DTR I 6 -30.35 8.24 55.74
CD2 DTR I 6 -29.67 7.16 55.19
C DTR I 6 -27.55 7.36 51.54
O DTR I 6 -27.16 8.49 51.58
N DIL I 7 -26.74 6.33 51.74
CA DIL I 7 -25.31 6.46 51.96
C DIL I 7 -24.93 5.70 53.23
O DIL I 7 -25.34 4.55 53.42
CB DIL I 7 -24.52 5.93 50.75
CG1 DIL I 7 -25.02 6.56 49.45
CG2 DIL I 7 -23.02 6.18 50.94
CD1 DIL I 7 -24.37 6.00 48.21
OXT DIL I 7 -24.20 6.21 54.08
N DTH J 1 -25.97 1.31 52.91
CA DTH J 1 -26.79 0.97 51.76
CB DTH J 1 -25.94 0.75 50.50
CG2 DTH J 1 -26.80 0.38 49.31
OG1 DTH J 1 -24.99 -0.31 50.73
C DTH J 1 -27.79 2.09 51.49
O DTH J 1 -27.43 3.24 51.48
N DLE J 2 -29.05 1.75 51.28
CA DLE J 2 -30.11 2.73 51.06
CB DLE J 2 -30.80 3.03 52.40
CG DLE J 2 -32.13 3.80 52.54
CD1 DLE J 2 -32.20 5.00 51.62
CD2 DLE J 2 -33.34 2.88 52.36
C DLE J 2 -31.10 2.17 50.05
O DLE J 2 -31.50 1.05 50.17
N DLY J 3 -31.46 2.96 49.05
CA DLY J 3 -32.49 2.60 48.08
C DLY J 3 -33.40 3.80 47.88
O DLY J 3 -32.96 4.92 47.87
CB DLY J 3 -31.86 2.15 46.76
CG DLY J 3 -30.35 2.00 46.79
CD DLY J 3 -29.81 1.67 45.43
CE DLY J 3 -28.36 2.10 45.28
NZ DLY J 3 -27.68 1.41 44.15
N DIL J 4 -34.69 3.55 47.74
CA DIL J 4 -35.70 4.58 47.63
C DIL J 4 -36.71 4.17 46.57
O DIL J 4 -37.18 3.07 46.60
CB DIL J 4 -36.42 4.80 48.98
CG1 DIL J 4 -35.46 5.36 50.02
CG2 DIL J 4 -37.65 5.69 48.80
CD1 DIL J 4 -36.09 5.57 51.38
N DVA J 5 -37.06 5.08 45.67
CA DVA J 5 -37.99 4.82 44.58
CB DVA J 5 -37.26 4.63 43.25
CG1 DVA J 5 -36.29 3.45 43.31
CG2 DVA J 5 -38.26 4.46 42.11
C DVA J 5 -38.99 5.97 44.50
O DVA J 5 -38.59 7.12 44.47
N DTR J 6 -40.27 5.66 44.48
CA DTR J 6 -41.32 6.68 44.42
CB DTR J 6 -41.91 6.87 45.83
CG DTR J 6 -43.04 7.87 45.91
CD1 DTR J 6 -43.33 8.86 45.02
NE1 DTR J 6 -44.45 9.55 45.44
CE2 DTR J 6 -44.89 9.02 46.62
CZ2 DTR J 6 -45.97 9.38 47.42
CH2 DTR J 6 -46.17 8.67 48.57
CZ3 DTR J 6 -45.33 7.60 48.92
CE3 DTR J 6 -44.27 7.24 48.13
CD2 DTR J 6 -44.02 7.96 46.95
C DTR J 6 -42.40 6.23 43.46
O DTR J 6 -42.86 5.13 43.53
N DIL J 7 -42.84 7.13 42.59
CA DIL J 7 -43.87 6.85 41.60
C DIL J 7 -44.95 7.92 41.70
O DIL J 7 -46.15 7.62 41.72
CB DIL J 7 -43.26 6.83 40.18
CG1 DIL J 7 -42.06 5.89 40.12
CG2 DIL J 7 -44.33 6.43 39.16
CD1 DIL J 7 -41.35 5.90 38.78
OXT DIL J 7 -44.65 9.12 41.77
N DTH K 1 -30.50 7.34 63.68
CA DTH K 1 -31.54 8.34 63.80
CB DTH K 1 -32.14 8.37 65.21
CG2 DTH K 1 -33.21 9.45 65.32
OG1 DTH K 1 -31.11 8.64 66.17
C DTH K 1 -32.64 8.06 62.79
O DTH K 1 -33.09 6.94 62.66
N DLE K 2 -33.09 9.07 62.06
CA DLE K 2 -34.10 8.91 61.03
CB DLE K 2 -33.42 8.72 59.67
CG DLE K 2 -34.15 8.80 58.31
CD1 DLE K 2 -35.50 8.11 58.34
CD2 DLE K 2 -34.26 10.24 57.80
C DLE K 2 -34.98 10.16 61.02
O DLE K 2 -34.48 11.25 61.04
N DLY K 3 -36.30 9.98 61.01
CA DLY K 3 -37.25 11.08 60.88
C DLY K 3 -38.31 10.67 59.87
O DLY K 3 -38.72 9.53 59.82
CB DLY K 3 -37.87 11.42 62.23
CG DLY K 3 -38.58 10.27 62.90
CD DLY K 3 -39.43 10.76 64.06
CE DLY K 3 -40.50 11.72 63.58
NZ DLY K 3 -41.34 12.22 64.71
N DIL K 4 -38.75 11.62 59.05
CA DIL K 4 -39.69 11.36 57.97
C DIL K 4 -40.69 12.51 57.93
O DIL K 4 -40.30 13.64 57.93
CB DIL K 4 -38.97 11.24 56.62
CG1 DIL K 4 -38.08 10.00 56.59
CG2 DIL K 4 -39.96 11.24 55.47
CD1 DIL K 4 -37.31 9.84 55.30
N DVA K 5 -41.97 12.21 57.83
CA DVA K 5 -43.04 13.20 57.80
CB DVA K 5 -43.76 13.29 59.16
CG1 DVA K 5 -42.80 13.69 60.26
CG2 DVA K 5 -44.93 14.27 59.07
C DVA K 5 -44.02 12.84 56.69
O DVA K 5 -44.47 11.72 56.60
N DTR K 6 -44.31 13.80 55.83
CA DTR K 6 -45.22 13.57 54.70
CB DTR K 6 -44.41 13.38 53.41
CG DTR K 6 -45.22 13.18 52.16
CD1 DTR K 6 -46.52 12.79 52.07
NE1 DTR K 6 -46.91 12.73 50.76
CE2 DTR K 6 -45.85 13.09 49.97
CZ2 DTR K 6 -45.76 13.19 48.58
CH2 DTR K 6 -44.56 13.58 48.06
CZ3 DTR K 6 -43.47 13.89 48.86
CE3 DTR K 6 -43.56 13.79 50.24
CD2 DTR K 6 -44.77 13.39 50.82
C DTR K 6 -46.16 14.77 54.56
O DTR K 6 -45.71 15.88 54.55
N DIL K 7 -47.45 14.51 54.38
CA DIL K 7 -48.46 15.54 54.23
C DIL K 7 -49.27 15.26 52.97
O DIL K 7 -49.71 14.12 52.74
CB DIL K 7 -49.37 15.60 55.47
CG1 DIL K 7 -48.54 15.70 56.75
CG2 DIL K 7 -50.36 16.75 55.36
CD1 DIL K 7 -49.36 15.64 58.01
OXT DIL K 7 -49.51 16.14 52.16
N DTH L 1 -50.27 11.11 53.16
CA DTH L 1 -49.85 10.31 54.30
CB DTH L 1 -50.53 10.79 55.60
CG2 DTH L 1 -50.09 9.94 56.78
OG1 DTH L 1 -51.96 10.68 55.45
C DTH L 1 -48.33 10.43 54.47
O DTH L 1 -47.80 11.51 54.42
N DLE L 2 -47.65 9.32 54.67
CA DLE L 2 -46.20 9.30 54.79
CB DLE L 2 -45.58 9.00 53.42
CG DLE L 2 -44.11 8.62 53.19
CD1 DLE L 2 -43.15 9.45 54.05
CD2 DLE L 2 -43.85 7.12 53.38
C DLE L 2 -45.81 8.23 55.80
O DLE L 2 -46.30 7.13 55.74
N DLY L 3 -44.94 8.57 56.74
CA DLY L 3 -44.40 7.60 57.70
C DLY L 3 -42.90 7.83 57.81
O DLY L 3 -42.43 8.95 57.77
CB DLY L 3 -45.06 7.75 59.06
CG DLY L 3 -44.96 9.14 59.67
CD DLY L 3 -45.37 9.12 61.13
CE DLY L 3 -44.46 8.21 61.94
NZ DLY L 3 -44.84 8.18 63.38
N DIL L 4 -42.14 6.75 57.91
CA DIL L 4 -40.68 6.80 57.93
C DIL L 4 -40.18 5.83 58.99
O DIL L 4 -40.61 4.71 59.01
CB DIL L 4 -40.10 6.43 56.55
CG1 DIL L 4 -40.47 7.49 55.51
CG2 DIL L 4 -38.60 6.22 56.64
CD1 DIL L 4 -39.96 7.17 54.13
N DVA L 5 -39.24 6.26 59.82
CA DVA L 5 -38.68 5.44 60.89
CB DVA L 5 -39.26 5.84 62.27
CG1 DVA L 5 -40.77 5.67 62.30
CG2 DVA L 5 -38.60 5.05 63.38
C DVA L 5 -37.17 5.58 60.88
O DVA L 5 -36.65 6.67 60.85
N DTR L 6 -36.46 4.47 60.87
CA DTR L 6 -35.00 4.47 60.83
CB DTR L 6 -34.53 4.17 59.41
CG DTR L 6 -33.03 4.08 59.23
CD1 DTR L 6 -32.08 4.61 60.06
NE1 DTR L 6 -30.82 4.34 59.57
CE2 DTR L 6 -30.95 3.62 58.40
CZ2 DTR L 6 -29.98 3.11 57.55
CH2 DTR L 6 -30.39 2.43 56.44
CZ3 DTR L 6 -31.76 2.24 56.18
CE3 DTR L 6 -32.73 2.74 57.03
CD2 DTR L 6 -32.33 3.44 58.17
C DTR L 6 -34.47 3.41 61.79
O DTR L 6 -34.91 2.30 61.77
N DIL L 7 -33.48 3.77 62.60
CA DIL L 7 -32.87 2.88 63.57
C DIL L 7 -31.36 2.89 63.37
O DIL L 7 -30.72 1.84 63.33
CB DIL L 7 -33.22 3.31 65.01
CG1 DIL L 7 -34.74 3.47 65.17
CG2 DIL L 7 -32.68 2.30 66.02
CD1 DIL L 7 -35.16 4.01 66.51
OXT DIL L 7 -30.75 3.95 63.24
N GLY M 621 64.53 -27.82 -21.19
CA GLY M 621 63.15 -27.79 -21.66
C GLY M 621 62.55 -26.40 -21.69
N SER M 622 62.41 -25.85 -22.89
CA SER M 622 61.84 -24.52 -23.07
C SER M 622 60.35 -24.60 -23.25
N VAL M 623 59.66 -23.56 -22.80
CA VAL M 623 58.22 -23.45 -22.98
C VAL M 623 57.92 -22.13 -23.67
N GLN M 624 57.10 -22.17 -24.71
CA GLN M 624 56.73 -20.98 -25.46
C GLN M 624 55.22 -20.82 -25.40
N ILE M 625 54.77 -19.69 -24.85
CA ILE M 625 53.35 -19.37 -24.74
C ILE M 625 53.10 -18.03 -25.41
N VAL M 626 52.22 -18.03 -26.42
CA VAL M 626 51.83 -16.83 -27.15
C VAL M 626 50.35 -16.59 -26.92
N TYR M 627 50.01 -15.44 -26.35
CA TYR M 627 48.66 -15.10 -25.93
C TYR M 627 48.27 -13.78 -26.60
N LYS M 628 47.37 -13.84 -27.59
CA LYS M 628 46.90 -12.64 -28.28
C LYS M 628 45.53 -12.88 -28.90
N PRO M 629 44.45 -12.93 -28.13
CA PRO M 629 43.13 -12.95 -28.73
C PRO M 629 42.82 -11.61 -29.38
N VAL M 630 41.91 -11.63 -30.36
CA VAL M 630 41.60 -10.45 -31.15
C VAL M 630 40.11 -10.18 -31.06
N ASP M 631 39.75 -8.97 -30.62
CA ASP M 631 38.36 -8.60 -30.40
C ASP M 631 37.99 -7.47 -31.35
N LEU M 632 37.08 -7.75 -32.29
CA LEU M 632 36.48 -6.72 -33.11
C LEU M 632 34.99 -6.58 -32.87
N SER M 633 34.50 -7.04 -31.73
CA SER M 633 33.08 -7.02 -31.46
C SER M 633 32.55 -5.60 -31.32
N LYS M 634 31.26 -5.44 -31.60
CA LYS M 634 30.61 -4.15 -31.42
C LYS M 634 29.28 -4.34 -30.71
N VAL M 635 28.98 -3.44 -29.79
CA VAL M 635 27.67 -3.38 -29.13
C VAL M 635 27.10 -2.00 -29.42
N THR M 636 25.93 -1.97 -30.06
CA THR M 636 25.32 -0.72 -30.48
C THR M 636 23.83 -0.77 -30.23
N SER M 637 23.20 0.39 -30.37
CA SER M 637 21.75 0.49 -30.19
C SER M 637 21.29 1.84 -30.71
N LYS M 638 20.18 1.83 -31.44
CA LYS M 638 19.58 3.05 -31.97
C LYS M 638 18.14 3.15 -31.49
N CYS M 639 17.82 4.27 -30.85
CA CYS M 639 16.47 4.54 -30.39
C CYS M 639 16.04 5.91 -30.87
N GLY M 640 14.91 5.98 -31.56
CA GLY M 640 14.47 7.24 -32.11
C GLY M 640 14.07 8.24 -31.05
N SER M 641 12.95 8.00 -30.38
CA SER M 641 12.43 8.92 -29.37
C SER M 641 12.18 8.15 -28.08
N LEU M 642 12.69 8.69 -26.98
CA LEU M 642 12.61 8.03 -25.68
C LEU M 642 12.17 9.05 -24.65
N GLY M 643 11.03 8.80 -24.01
CA GLY M 643 10.54 9.72 -23.01
C GLY M 643 9.12 9.40 -22.60
N ASN M 644 8.52 10.35 -21.91
CA ASN M 644 7.17 10.23 -21.36
C ASN M 644 7.09 9.04 -20.39
N ILE M 645 7.81 9.20 -19.29
CA ILE M 645 7.96 8.18 -18.27
C ILE M 645 7.58 8.75 -16.92
N HIS M 646 6.68 8.09 -16.21
CA HIS M 646 6.15 8.59 -14.95
C HIS M 646 6.39 7.57 -13.84
N HIS M 647 7.15 7.98 -12.84
CA HIS M 647 7.43 7.15 -11.67
C HIS M 647 6.84 7.83 -10.45
N LYS M 648 5.83 7.22 -9.85
CA LYS M 648 5.11 7.80 -8.72
C LYS M 648 5.01 6.81 -7.57
N PRO M 649 6.04 6.68 -6.76
CA PRO M 649 6.00 5.76 -5.61
C PRO M 649 5.14 6.35 -4.50
N GLY M 650 4.12 5.60 -4.10
CA GLY M 650 3.13 6.12 -3.17
C GLY M 650 3.36 5.87 -1.69
N GLY M 651 4.56 6.13 -1.19
CA GLY M 651 4.80 6.02 0.23
C GLY M 651 5.21 4.62 0.66
N GLY M 652 5.11 4.38 1.95
CA GLY M 652 5.40 3.08 2.52
C GLY M 652 6.08 3.19 3.86
N GLN M 653 6.05 2.10 4.62
CA GLN M 653 6.57 2.08 5.99
C GLN M 653 7.44 0.86 6.21
N VAL M 654 8.67 1.09 6.70
CA VAL M 654 9.65 0.04 6.91
C VAL M 654 10.22 0.16 8.32
N GLU M 655 10.16 -0.95 9.07
CA GLU M 655 10.76 -1.01 10.40
C GLU M 655 11.57 -2.28 10.53
N VAL M 656 12.82 -2.15 10.96
CA VAL M 656 13.74 -3.27 11.11
C VAL M 656 14.45 -3.16 12.45
N LYS M 657 14.48 -4.26 13.19
CA LYS M 657 15.07 -4.30 14.53
C LYS M 657 16.16 -5.35 14.56
N SER M 658 17.38 -4.94 14.88
CA SER M 658 18.49 -5.86 15.10
C SER M 658 19.32 -5.31 16.24
N GLU M 659 20.18 -6.14 16.82
CA GLU M 659 20.93 -5.66 17.97
C GLU M 659 22.45 -5.75 17.80
N LYS M 660 22.99 -6.86 17.31
CA LYS M 660 24.44 -7.03 17.21
C LYS M 660 24.86 -7.34 15.78
N LEU M 661 25.71 -6.48 15.22
CA LEU M 661 26.19 -6.61 13.85
C LEU M 661 27.71 -6.66 13.83
N ASP M 662 28.28 -7.79 13.41
CA ASP M 662 29.72 -7.94 13.22
C ASP M 662 29.99 -8.33 11.77
N PHE M 663 30.70 -7.48 11.04
CA PHE M 663 31.14 -7.77 9.69
C PHE M 663 32.66 -7.63 9.66
N LYS M 664 33.37 -8.71 9.31
CA LYS M 664 34.81 -8.64 9.11
C LYS M 664 35.20 -9.37 7.82
N ASP M 665 34.95 -8.75 6.68
CA ASP M 665 35.51 -9.14 5.40
C ASP M 665 35.00 -8.18 4.34
N ARG M 666 35.23 -8.47 3.06
CA ARG M 666 34.54 -7.73 2.02
C ARG M 666 33.05 -7.96 2.15
N VAL M 667 32.33 -6.97 2.67
CA VAL M 667 30.92 -7.12 3.03
C VAL M 667 30.15 -5.90 2.54
N GLN M 668 29.02 -6.15 1.89
CA GLN M 668 28.26 -5.11 1.20
C GLN M 668 26.83 -5.02 1.71
N SER M 669 26.67 -4.91 3.03
CA SER M 669 25.35 -4.96 3.64
C SER M 669 24.52 -3.72 3.32
N LYS M 670 23.23 -3.81 3.61
CA LYS M 670 22.28 -2.72 3.43
C LYS M 670 21.04 -3.06 4.24
N ILE M 671 20.67 -2.20 5.18
CA ILE M 671 19.66 -2.53 6.17
C ILE M 671 18.68 -1.38 6.34
N GLY M 672 17.39 -1.66 6.18
CA GLY M 672 16.39 -0.66 6.48
C GLY M 672 16.40 0.48 5.48
N SER M 673 15.92 0.22 4.28
CA SER M 673 16.00 1.22 3.22
C SER M 673 14.71 1.30 2.45
N LEU M 674 14.30 2.52 2.12
CA LEU M 674 13.13 2.80 1.29
C LEU M 674 13.61 3.70 0.16
N ASP M 675 14.01 3.11 -0.96
CA ASP M 675 14.64 3.84 -2.04
C ASP M 675 13.86 3.70 -3.33
N ASN M 676 13.86 4.77 -4.12
CA ASN M 676 13.26 4.78 -5.44
C ASN M 676 14.29 5.25 -6.44
N ILE M 677 14.44 4.49 -7.52
CA ILE M 677 15.46 4.78 -8.53
C ILE M 677 14.80 4.85 -9.89
N THR M 678 14.97 5.97 -10.58
CA THR M 678 14.56 6.12 -11.96
C THR M 678 15.81 6.20 -12.80
N HIS M 679 16.02 5.19 -13.63
CA HIS M 679 17.24 5.07 -14.44
C HIS M 679 16.80 5.00 -15.90
N VAL M 680 17.10 6.05 -16.65
CA VAL M 680 16.69 6.12 -18.06
C VAL M 680 17.88 6.53 -18.90
N PRO M 681 18.82 5.62 -19.17
CA PRO M 681 19.95 5.99 -20.03
C PRO M 681 19.58 5.90 -21.50
N GLY M 682 20.01 6.91 -22.25
CA GLY M 682 19.83 6.87 -23.69
C GLY M 682 20.54 5.68 -24.33
N GLY M 683 21.69 5.32 -23.79
CA GLY M 683 22.41 4.15 -24.28
C GLY M 683 22.20 2.97 -23.37
N GLY M 684 23.17 2.72 -22.49
CA GLY M 684 23.04 1.65 -21.53
C GLY M 684 23.70 0.35 -21.90
N ASN M 685 24.50 0.33 -22.96
CA ASN M 685 25.17 -0.89 -23.37
C ASN M 685 26.41 -1.12 -22.52
N LYS M 686 26.69 -2.38 -22.22
CA LYS M 686 27.73 -2.73 -21.26
C LYS M 686 28.54 -3.90 -21.78
N LYS M 687 29.86 -3.75 -21.78
CA LYS M 687 30.76 -4.80 -22.23
C LYS M 687 31.81 -5.05 -21.16
N ILE M 688 31.96 -6.30 -20.75
CA ILE M 688 32.88 -6.69 -19.69
C ILE M 688 33.78 -7.78 -20.21
N GLU M 689 35.09 -7.55 -20.16
CA GLU M 689 36.05 -8.53 -20.68
C GLU M 689 37.24 -8.64 -19.73
N THR M 690 37.58 -9.88 -19.37
CA THR M 690 38.68 -10.14 -18.45
C THR M 690 39.65 -11.13 -19.06
N HIS M 691 40.93 -10.80 -19.04
CA HIS M 691 41.99 -11.67 -19.54
C HIS M 691 42.93 -12.00 -18.40
N LYS M 692 43.00 -13.29 -18.05
CA LYS M 692 43.82 -13.75 -16.94
C LYS M 692 44.75 -14.85 -17.43
N LEU M 693 46.05 -14.62 -17.29
CA LEU M 693 47.08 -15.60 -17.66
C LEU M 693 47.91 -15.91 -16.43
N THR M 694 47.93 -17.18 -16.03
CA THR M 694 48.66 -17.62 -14.85
C THR M 694 49.69 -18.66 -15.25
N PHE M 695 50.96 -18.35 -15.03
CA PHE M 695 52.06 -19.28 -15.26
C PHE M 695 52.67 -19.63 -13.91
N ARG M 696 52.52 -20.88 -13.50
CA ARG M 696 53.02 -21.32 -12.20
C ARG M 696 53.95 -22.51 -12.37
N GLU M 697 54.87 -22.67 -11.43
CA GLU M 697 55.84 -23.76 -11.48
C GLU M 697 55.73 -24.65 -10.25
N GLY N 621 66.94 -24.02 -19.08
CA GLY N 621 65.56 -23.98 -19.55
C GLY N 621 64.97 -22.59 -19.61
N SER N 622 64.85 -22.05 -20.81
CA SER N 622 64.30 -20.72 -21.01
C SER N 622 62.79 -20.80 -21.23
N VAL N 623 62.10 -19.75 -20.79
CA VAL N 623 60.67 -19.64 -20.99
C VAL N 623 60.40 -18.32 -21.70
N GLN N 624 59.58 -18.37 -22.74
CA GLN N 624 59.22 -17.18 -23.51
C GLN N 624 57.71 -17.02 -23.48
N ILE N 625 57.25 -15.88 -22.95
CA ILE N 625 55.84 -15.56 -22.86
C ILE N 625 55.61 -14.23 -23.55
N VAL N 626 54.74 -14.23 -24.56
CA VAL N 626 54.37 -13.03 -25.31
C VAL N 626 52.89 -12.78 -25.11
N TYR N 627 52.55 -11.63 -24.56
CA TYR N 627 51.19 -11.27 -24.17
C TYR N 627 50.81 -9.96 -24.84
N LYS N 628 49.92 -10.03 -25.85
CA LYS N 628 49.47 -8.83 -26.55
C LYS N 628 48.11 -9.06 -27.19
N PRO N 629 47.03 -9.11 -26.43
CA PRO N 629 45.70 -9.14 -27.06
C PRO N 629 45.42 -7.80 -27.73
N VAL N 630 44.52 -7.82 -28.72
CA VAL N 630 44.23 -6.64 -29.53
C VAL N 630 42.74 -6.36 -29.46
N ASP N 631 42.38 -5.16 -29.03
CA ASP N 631 40.98 -4.78 -28.85
C ASP N 631 40.63 -3.66 -29.80
N LEU N 632 39.73 -3.95 -30.76
CA LEU N 632 39.15 -2.92 -31.60
C LEU N 632 37.65 -2.77 -31.39
N SER N 633 37.15 -3.22 -30.23
CA SER N 633 35.72 -3.20 -29.99
C SER N 633 35.20 -1.78 -29.88
N LYS N 634 33.91 -1.60 -30.18
CA LYS N 634 33.26 -0.31 -30.01
C LYS N 634 31.92 -0.49 -29.32
N VAL N 635 31.61 0.41 -28.42
CA VAL N 635 30.30 0.50 -27.78
C VAL N 635 29.73 1.87 -28.09
N THR N 636 28.57 1.89 -28.75
CA THR N 636 27.98 3.14 -29.20
C THR N 636 26.48 3.10 -28.96
N SER N 637 25.85 4.27 -29.12
CA SER N 637 24.40 4.37 -28.96
C SER N 637 23.96 5.72 -29.50
N LYS N 638 22.87 5.70 -30.22
CA LYS N 638 22.32 6.95 -30.69
C LYS N 638 20.92 7.02 -30.17
N CYS N 639 20.50 8.16 -29.72
CA CYS N 639 19.14 8.44 -29.28
C CYS N 639 18.73 9.81 -29.79
N GLY N 640 17.61 9.87 -30.49
CA GLY N 640 17.17 11.13 -31.05
C GLY N 640 16.77 12.15 -30.01
N SER N 641 15.64 11.91 -29.35
CA SER N 641 15.11 12.84 -28.36
C SER N 641 14.84 12.09 -27.07
N LEU N 642 15.32 12.63 -25.96
CA LEU N 642 15.23 11.99 -24.66
C LEU N 642 14.77 13.01 -23.64
N GLY N 643 13.62 12.77 -23.03
CA GLY N 643 13.12 13.70 -22.04
C GLY N 643 11.70 13.38 -21.65
N ASN N 644 11.08 14.36 -20.97
CA ASN N 644 9.72 14.23 -20.45
C ASN N 644 9.62 13.07 -19.47
N ILE N 645 10.33 13.23 -18.35
CA ILE N 645 10.46 12.21 -17.32
C ILE N 645 10.07 12.80 -15.98
N HIS N 646 9.15 12.14 -15.29
CA HIS N 646 8.60 12.66 -14.03
C HIS N 646 8.82 11.65 -12.91
N HIS N 647 9.57 12.06 -11.90
CA HIS N 647 9.83 11.24 -10.73
C HIS N 647 9.23 11.94 -9.52
N LYS N 648 8.20 11.33 -8.92
CA LYS N 648 7.46 11.93 -7.82
C LYS N 648 7.33 10.94 -6.66
N PRO N 649 8.37 10.82 -5.82
CA PRO N 649 8.30 9.92 -4.67
C PRO N 649 7.43 10.52 -3.58
N GLY N 650 6.39 9.78 -3.19
CA GLY N 650 5.40 10.31 -2.28
C GLY N 650 5.60 10.07 -0.80
N GLY N 651 6.80 10.33 -0.28
CA GLY N 651 7.01 10.23 1.15
C GLY N 651 7.41 8.84 1.58
N GLY N 652 7.29 8.60 2.89
CA GLY N 652 7.57 7.31 3.46
C GLY N 652 8.23 7.43 4.82
N GLN N 653 8.20 6.34 5.59
CA GLN N 653 8.68 6.33 6.96
C GLN N 653 9.55 5.11 7.22
N VAL N 654 10.76 5.34 7.71
CA VAL N 654 11.75 4.29 7.95
C VAL N 654 12.29 4.41 9.36
N GLU N 655 12.21 3.33 10.13
CA GLU N 655 12.79 3.27 11.46
C GLU N 655 13.61 1.99 11.61
N VAL N 656 14.85 2.13 12.06
CA VAL N 656 15.75 1.00 12.24
C VAL N 656 16.44 1.13 13.58
N LYS N 657 16.46 0.03 14.34
CA LYS N 657 17.03 0.01 15.68
C LYS N 657 18.11 -1.05 15.75
N SER N 658 19.33 -0.64 16.08
CA SER N 658 20.44 -1.56 16.32
C SER N 658 21.25 -1.01 17.47
N GLU N 659 22.09 -1.84 18.08
CA GLU N 659 22.83 -1.36 19.24
C GLU N 659 24.35 -1.46 19.08
N LYS N 660 24.89 -2.57 18.61
CA LYS N 660 26.34 -2.74 18.54
C LYS N 660 26.78 -3.06 17.12
N LEU N 661 27.65 -2.21 16.57
CA LEU N 661 28.15 -2.36 15.21
C LEU N 661 29.67 -2.41 15.21
N ASP N 662 30.23 -3.55 14.80
CA ASP N 662 31.68 -3.70 14.63
C ASP N 662 31.97 -4.11 13.20
N PHE N 663 32.69 -3.27 12.47
CA PHE N 663 33.16 -3.57 11.12
C PHE N 663 34.68 -3.45 11.12
N LYS N 664 35.38 -4.53 10.79
CA LYS N 664 36.83 -4.46 10.61
C LYS N 664 37.24 -5.21 9.34
N ASP N 665 37.00 -4.59 8.18
CA ASP N 665 37.59 -5.00 6.91
C ASP N 665 37.10 -4.03 5.84
N ARG N 666 37.34 -4.35 4.57
CA ARG N 666 36.68 -3.61 3.51
C ARG N 666 35.18 -3.83 3.62
N VAL N 667 34.45 -2.84 4.12
CA VAL N 667 33.04 -2.97 4.47
C VAL N 667 32.28 -1.77 3.93
N GLN N 668 31.15 -2.02 3.28
CA GLN N 668 30.42 -0.97 2.57
C GLN N 668 28.98 -0.87 3.06
N SER N 669 28.79 -0.75 4.37
CA SER N 669 27.47 -0.80 4.96
C SER N 669 26.65 0.45 4.61
N LYS N 670 25.36 0.36 4.89
CA LYS N 670 24.41 1.46 4.69
C LYS N 670 23.16 1.13 5.47
N ILE N 671 22.78 2.00 6.41
CA ILE N 671 21.74 1.67 7.39
C ILE N 671 20.78 2.83 7.52
N GLY N 672 19.48 2.55 7.36
CA GLY N 672 18.48 3.56 7.63
C GLY N 672 18.52 4.68 6.63
N SER N 673 18.05 4.43 5.41
CA SER N 673 18.15 5.41 4.35
C SER N 673 16.87 5.49 3.56
N LEU N 674 16.46 6.71 3.21
CA LEU N 674 15.31 6.98 2.36
C LEU N 674 15.82 7.87 1.23
N ASP N 675 16.23 7.27 0.12
CA ASP N 675 16.88 8.00 -0.95
C ASP N 675 16.12 7.85 -2.25
N ASN N 676 16.13 8.90 -3.06
CA ASN N 676 15.54 8.91 -4.38
C ASN N 676 16.59 9.36 -5.37
N ILE N 677 16.77 8.60 -6.45
CA ILE N 677 17.81 8.87 -7.44
C ILE N 677 17.16 8.93 -8.81
N THR N 678 17.35 10.05 -9.50
CA THR N 678 16.95 10.19 -10.90
C THR N 678 18.22 10.26 -11.72
N HIS N 679 18.45 9.24 -12.54
CA HIS N 679 19.67 9.10 -13.32
C HIS N 679 19.26 9.03 -14.79
N VAL N 680 19.58 10.07 -15.55
CA VAL N 680 19.18 10.12 -16.96
C VAL N 680 20.40 10.52 -17.78
N PRO N 681 21.32 9.61 -18.05
CA PRO N 681 22.47 9.96 -18.88
C PRO N 681 22.12 9.87 -20.36
N GLY N 682 22.57 10.87 -21.11
CA GLY N 682 22.41 10.81 -22.55
C GLY N 682 23.11 9.63 -23.17
N GLY N 683 24.27 9.26 -22.62
CA GLY N 683 24.98 8.09 -23.08
C GLY N 683 24.77 6.91 -22.16
N GLY N 684 25.71 6.66 -21.27
CA GLY N 684 25.57 5.61 -20.29
C GLY N 684 26.22 4.30 -20.65
N ASN N 685 27.04 4.27 -21.70
CA ASN N 685 27.72 3.04 -22.07
C ASN N 685 28.94 2.82 -21.21
N LYS N 686 29.22 1.55 -20.90
CA LYS N 686 30.23 1.21 -19.91
C LYS N 686 31.04 0.04 -20.41
N LYS N 687 32.37 0.18 -20.40
CA LYS N 687 33.28 -0.87 -20.82
C LYS N 687 34.30 -1.12 -19.74
N ILE N 688 34.44 -2.38 -19.31
CA ILE N 688 35.34 -2.75 -18.24
C ILE N 688 36.25 -3.86 -18.73
N GLU N 689 37.57 -3.64 -18.66
CA GLU N 689 38.53 -4.61 -19.16
C GLU N 689 39.69 -4.73 -18.19
N THR N 690 40.03 -5.96 -17.81
CA THR N 690 41.11 -6.21 -16.87
C THR N 690 42.09 -7.22 -17.47
N HIS N 691 43.37 -6.89 -17.42
CA HIS N 691 44.43 -7.77 -17.90
C HIS N 691 45.35 -8.10 -16.74
N LYS N 692 45.41 -9.38 -16.37
CA LYS N 692 46.21 -9.83 -15.25
C LYS N 692 47.15 -10.94 -15.72
N LEU N 693 48.45 -10.72 -15.57
CA LEU N 693 49.47 -11.71 -15.90
C LEU N 693 50.29 -12.00 -14.67
N THR N 694 50.31 -13.26 -14.25
CA THR N 694 51.02 -13.69 -13.05
C THR N 694 52.04 -14.75 -13.43
N PHE N 695 53.32 -14.44 -13.19
CA PHE N 695 54.41 -15.38 -13.40
C PHE N 695 55.01 -15.72 -12.04
N ARG N 696 54.84 -16.96 -11.61
CA ARG N 696 55.31 -17.40 -10.31
C ARG N 696 56.24 -18.59 -10.46
N GLU N 697 57.15 -18.73 -9.50
CA GLU N 697 58.11 -19.83 -9.52
C GLU N 697 57.98 -20.71 -8.29
N GLY O 621 -62.87 31.08 21.03
CA GLY O 621 -62.09 29.88 21.27
C GLY O 621 -60.65 30.14 21.66
N SER O 622 -60.35 29.97 22.95
CA SER O 622 -59.02 30.19 23.47
C SER O 622 -58.21 28.90 23.40
N VAL O 623 -56.90 29.05 23.21
CA VAL O 623 -55.99 27.93 23.22
C VAL O 623 -54.90 28.20 24.25
N GLN O 624 -54.62 27.21 25.09
CA GLN O 624 -53.60 27.33 26.12
C GLN O 624 -52.56 26.25 25.90
N ILE O 625 -51.32 26.67 25.69
CA ILE O 625 -50.20 25.76 25.48
C ILE O 625 -49.12 26.07 26.51
N VAL O 626 -48.77 25.09 27.33
CA VAL O 626 -47.73 25.20 28.35
C VAL O 626 -46.61 24.23 28.00
N TYR O 627 -45.41 24.76 27.79
CA TYR O 627 -44.26 24.00 27.32
C TYR O 627 -43.11 24.21 28.30
N LYS O 628 -42.79 23.16 29.09
CA LYS O 628 -41.69 23.23 30.05
C LYS O 628 -41.17 21.84 30.37
N PRO O 629 -40.43 21.20 29.48
CA PRO O 629 -39.75 19.95 29.84
C PRO O 629 -38.64 20.24 30.84
N VAL O 630 -38.28 19.22 31.62
CA VAL O 630 -37.31 19.37 32.71
C VAL O 630 -36.19 18.37 32.49
N ASP O 631 -34.96 18.87 32.42
CA ASP O 631 -33.79 18.04 32.14
C ASP O 631 -32.86 18.06 33.33
N LEU O 632 -32.71 16.91 33.99
CA LEU O 632 -31.68 16.75 35.02
C LEU O 632 -30.63 15.72 34.62
N SER O 633 -30.50 15.45 33.33
CA SER O 633 -29.58 14.40 32.88
C SER O 633 -28.13 14.80 33.13
N LYS O 634 -27.28 13.79 33.29
CA LYS O 634 -25.85 14.02 33.42
C LYS O 634 -25.07 13.09 32.52
N VAL O 635 -24.02 13.61 31.90
CA VAL O 635 -23.07 12.83 31.11
C VAL O 635 -21.71 13.02 31.75
N THR O 636 -21.10 11.93 32.19
CA THR O 636 -19.83 12.00 32.91
C THR O 636 -18.93 10.87 32.44
N SER O 637 -17.66 10.95 32.85
CA SER O 637 -16.69 9.93 32.51
C SER O 637 -15.45 10.13 33.38
N LYS O 638 -14.91 9.02 33.81
CA LYS O 638 -13.69 9.10 34.59
C LYS O 638 -12.69 8.19 33.96
N CYS O 639 -11.50 8.66 33.80
CA CYS O 639 -10.39 7.89 33.26
C CYS O 639 -9.15 8.14 34.09
N GLY O 640 -8.55 7.07 34.60
CA GLY O 640 -7.39 7.23 35.45
C GLY O 640 -6.18 7.78 34.74
N SER O 641 -5.58 6.98 33.86
CA SER O 641 -4.38 7.36 33.15
C SER O 641 -4.59 7.16 31.66
N LEU O 642 -4.29 8.19 30.87
CA LEU O 642 -4.52 8.16 29.44
C LEU O 642 -3.28 8.67 28.72
N GLY O 643 -2.68 7.83 27.89
CA GLY O 643 -1.49 8.24 27.17
C GLY O 643 -0.82 7.07 26.49
N ASN O 644 0.42 7.33 26.06
CA ASN O 644 1.23 6.35 25.33
C ASN O 644 0.52 5.96 24.02
N ILE O 645 0.42 6.95 23.14
CA ILE O 645 -0.30 6.82 21.88
C ILE O 645 0.62 7.24 20.75
N HIS O 646 0.76 6.39 19.74
CA HIS O 646 1.70 6.62 18.65
C HIS O 646 0.95 6.60 17.32
N HIS O 647 0.99 7.72 16.62
CA HIS O 647 0.38 7.85 15.29
C HIS O 647 1.48 8.13 14.28
N LYS O 648 1.72 7.19 13.38
CA LYS O 648 2.81 7.27 12.42
C LYS O 648 2.31 7.00 11.01
N PRO O 649 1.72 8.00 10.35
CA PRO O 649 1.24 7.82 8.97
C PRO O 649 2.40 7.80 8.01
N GLY O 650 2.52 6.72 7.25
CA GLY O 650 3.68 6.50 6.40
C GLY O 650 3.60 6.99 4.97
N GLY O 651 3.18 8.22 4.76
CA GLY O 651 3.20 8.79 3.41
C GLY O 651 1.94 8.48 2.63
N GLY O 652 2.03 8.67 1.33
CA GLY O 652 0.94 8.37 0.41
C GLY O 652 0.87 9.38 -0.71
N GLN O 653 0.16 9.01 -1.77
CA GLN O 653 0.08 9.81 -2.98
C GLN O 653 -1.36 9.91 -3.46
N VAL O 654 -1.83 11.15 -3.67
CA VAL O 654 -3.20 11.42 -4.08
C VAL O 654 -3.21 12.35 -5.27
N GLU O 655 -3.89 11.94 -6.34
CA GLU O 655 -4.07 12.79 -7.52
C GLU O 655 -5.53 12.78 -7.93
N VAL O 656 -6.10 13.96 -8.12
CA VAL O 656 -7.49 14.12 -8.50
C VAL O 656 -7.59 15.15 -9.60
N LYS O 657 -8.35 14.82 -10.65
CA LYS O 657 -8.48 15.66 -11.83
C LYS O 657 -9.95 15.95 -12.05
N SER O 658 -10.31 17.24 -12.05
CA SER O 658 -11.65 17.70 -12.38
C SER O 658 -11.53 18.99 -13.17
N GLU O 659 -12.59 19.38 -13.86
CA GLU O 659 -12.46 20.58 -14.67
C GLU O 659 -13.47 21.67 -14.32
N LYS O 660 -14.75 21.35 -14.15
CA LYS O 660 -15.77 22.37 -13.90
C LYS O 660 -16.52 22.11 -12.60
N LEU O 661 -16.46 23.07 -11.69
CA LEU O 661 -17.10 22.97 -10.38
C LEU O 661 -18.05 24.13 -10.15
N ASP O 662 -19.34 23.83 -10.05
CA ASP O 662 -20.35 24.83 -9.71
C ASP O 662 -21.08 24.39 -8.45
N PHE O 663 -20.97 25.19 -7.39
CA PHE O 663 -21.71 24.97 -6.15
C PHE O 663 -22.52 26.23 -5.87
N LYS O 664 -23.85 26.10 -5.79
CA LYS O 664 -24.70 27.21 -5.36
C LYS O 664 -25.73 26.73 -4.35
N ASP O 665 -25.29 26.52 -3.12
CA ASP O 665 -26.15 26.37 -1.96
C ASP O 665 -25.29 26.16 -0.73
N ARG O 666 -25.89 25.79 0.40
CA ARG O 666 -25.09 25.34 1.52
C ARG O 666 -24.34 24.08 1.11
N VAL O 667 -23.03 24.21 0.84
CA VAL O 667 -22.24 23.13 0.26
C VAL O 667 -20.93 23.03 1.00
N GLN O 668 -20.55 21.80 1.37
CA GLN O 668 -19.41 21.56 2.24
C GLN O 668 -18.39 20.64 1.59
N SER O 669 -17.97 20.97 0.37
CA SER O 669 -17.11 20.08 -0.39
C SER O 669 -15.70 20.01 0.19
N LYS O 670 -14.95 19.03 -0.30
CA LYS O 670 -13.55 18.82 0.08
C LYS O 670 -12.93 17.90 -0.95
N ILE O 671 -11.87 18.36 -1.62
CA ILE O 671 -11.35 17.68 -2.80
C ILE O 671 -9.84 17.59 -2.71
N GLY O 672 -9.31 16.37 -2.85
CA GLY O 672 -7.87 16.22 -2.95
C GLY O 672 -7.17 16.53 -1.64
N SER O 673 -7.28 15.65 -0.66
CA SER O 673 -6.75 15.93 0.66
C SER O 673 -6.04 14.71 1.22
N LEU O 674 -4.91 14.95 1.87
CA LEU O 674 -4.13 13.93 2.57
C LEU O 674 -3.92 14.45 3.99
N ASP O 675 -4.83 14.11 4.89
CA ASP O 675 -4.83 14.68 6.23
C ASP O 675 -4.69 13.59 7.29
N ASN O 676 -4.00 13.92 8.37
CA ASN O 676 -3.85 13.05 9.52
C ASN O 676 -4.29 13.81 10.76
N ILE O 677 -5.17 13.21 11.55
CA ILE O 677 -5.73 13.85 12.72
C ILE O 677 -5.51 12.96 13.93
N THR O 678 -4.87 13.49 14.96
CA THR O 678 -4.75 12.82 16.24
C THR O 678 -5.59 13.59 17.24
N HIS O 679 -6.65 12.97 17.72
CA HIS O 679 -7.61 13.61 18.60
C HIS O 679 -7.67 12.79 19.89
N VAL O 680 -7.17 13.36 20.98
CA VAL O 680 -7.11 12.65 22.25
C VAL O 680 -7.66 13.55 23.34
N PRO O 681 -8.98 13.71 23.45
CA PRO O 681 -9.53 14.54 24.51
C PRO O 681 -9.63 13.76 25.81
N GLY O 682 -9.23 14.41 26.91
CA GLY O 682 -9.41 13.81 28.21
C GLY O 682 -10.87 13.54 28.53
N GLY O 683 -11.76 14.41 28.07
CA GLY O 683 -13.18 14.20 28.26
C GLY O 683 -13.82 13.69 27.00
N GLY O 684 -14.43 14.57 26.23
CA GLY O 684 -15.03 14.19 24.96
C GLY O 684 -16.50 13.90 24.99
N ASN O 685 -17.19 14.19 26.08
CA ASN O 685 -18.62 13.94 26.17
C ASN O 685 -19.39 15.06 25.47
N LYS O 686 -20.49 14.69 24.83
CA LYS O 686 -21.21 15.60 23.96
C LYS O 686 -22.70 15.45 24.19
N LYS O 687 -23.37 16.57 24.42
CA LYS O 687 -24.82 16.59 24.63
C LYS O 687 -25.45 17.60 23.70
N ILE O 688 -26.45 17.16 22.93
CA ILE O 688 -27.11 18.00 21.94
C ILE O 688 -28.61 17.96 22.21
N GLU O 689 -29.21 19.14 22.42
CA GLU O 689 -30.62 19.22 22.74
C GLU O 689 -31.26 20.37 21.98
N THR O 690 -32.36 20.09 21.29
CA THR O 690 -33.06 21.09 20.50
C THR O 690 -34.53 21.12 20.89
N HIS O 691 -35.04 22.33 21.16
CA HIS O 691 -36.44 22.54 21.49
C HIS O 691 -37.07 23.44 20.45
N LYS O 692 -38.04 22.91 19.72
CA LYS O 692 -38.70 23.65 18.65
C LYS O 692 -40.21 23.64 18.88
N LEU O 693 -40.79 24.83 19.01
CA LEU O 693 -42.23 24.99 19.18
C LEU O 693 -42.76 25.86 18.05
N THR O 694 -43.69 25.33 17.27
CA THR O 694 -44.25 26.02 16.13
C THR O 694 -45.76 26.14 16.31
N PHE O 695 -46.25 27.38 16.38
CA PHE O 695 -47.68 27.67 16.45
C PHE O 695 -48.07 28.37 15.17
N ARG O 696 -48.88 27.71 14.35
CA ARG O 696 -49.29 28.25 13.07
C ARG O 696 -50.81 28.29 12.99
N GLU O 697 -51.32 29.21 12.19
CA GLU O 697 -52.75 29.38 12.01
C GLU O 697 -53.16 29.19 10.56
N GLY P 621 -60.92 35.72 20.60
CA GLY P 621 -60.16 34.52 20.87
C GLY P 621 -58.73 34.78 21.28
N SER P 622 -58.45 34.61 22.57
CA SER P 622 -57.11 34.82 23.10
C SER P 622 -56.32 33.54 23.06
N VAL P 623 -55.00 33.68 22.90
CA VAL P 623 -54.09 32.55 22.92
C VAL P 623 -53.02 32.83 23.97
N GLN P 624 -52.76 31.85 24.82
CA GLN P 624 -51.76 31.97 25.87
C GLN P 624 -50.71 30.89 25.68
N ILE P 625 -49.47 31.29 25.48
CA ILE P 625 -48.34 30.38 25.30
C ILE P 625 -47.29 30.70 26.35
N VAL P 626 -46.95 29.71 27.17
CA VAL P 626 -45.93 29.84 28.21
C VAL P 626 -44.81 28.86 27.90
N TYR P 627 -43.61 29.38 27.70
CA TYR P 627 -42.45 28.61 27.25
C TYR P 627 -41.31 28.82 28.25
N LYS P 628 -41.01 27.78 29.05
CA LYS P 628 -39.93 27.86 30.03
C LYS P 628 -39.42 26.47 30.37
N PRO P 629 -38.66 25.81 29.49
CA PRO P 629 -37.99 24.57 29.89
C PRO P 629 -36.90 24.86 30.90
N VAL P 630 -36.57 23.84 31.69
CA VAL P 630 -35.61 24.00 32.79
C VAL P 630 -34.49 23.00 32.60
N ASP P 631 -33.25 23.48 32.54
CA ASP P 631 -32.09 22.65 32.29
C ASP P 631 -31.18 22.67 33.51
N LEU P 632 -31.03 21.53 34.16
CA LEU P 632 -30.03 21.37 35.22
C LEU P 632 -28.98 20.34 34.84
N SER P 633 -28.82 20.05 33.56
CA SER P 633 -27.90 19.00 33.14
C SER P 633 -26.45 19.40 33.41
N LYS P 634 -25.61 18.39 33.57
CA LYS P 634 -24.18 18.61 33.74
C LYS P 634 -23.40 17.66 32.85
N VAL P 635 -22.33 18.19 32.25
CA VAL P 635 -21.37 17.39 31.49
C VAL P 635 -20.02 17.59 32.13
N THR P 636 -19.42 16.49 32.60
CA THR P 636 -18.17 16.56 33.34
C THR P 636 -17.27 15.43 32.89
N SER P 637 -16.01 15.50 33.32
CA SER P 637 -15.03 14.47 33.01
C SER P 637 -13.80 14.67 33.89
N LYS P 638 -13.27 13.57 34.38
CA LYS P 638 -12.07 13.66 35.21
C LYS P 638 -11.04 12.72 34.67
N CYS P 639 -9.86 13.20 34.40
CA CYS P 639 -8.75 12.42 33.89
C CYS P 639 -7.53 12.67 34.74
N GLY P 640 -6.93 11.61 35.25
CA GLY P 640 -5.79 11.77 36.13
C GLY P 640 -4.56 12.31 35.43
N SER P 641 -3.96 11.50 34.57
CA SER P 641 -2.73 11.87 33.87
C SER P 641 -2.93 11.65 32.39
N LEU P 642 -2.60 12.66 31.59
CA LEU P 642 -2.81 12.64 30.15
C LEU P 642 -1.56 13.13 29.46
N GLY P 643 -0.95 12.28 28.64
CA GLY P 643 0.25 12.69 27.95
C GLY P 643 0.93 11.51 27.29
N ASN P 644 2.18 11.75 26.87
CA ASN P 644 2.99 10.78 26.15
C ASN P 644 2.32 10.37 24.84
N ILE P 645 2.22 11.36 23.96
CA ILE P 645 1.52 11.22 22.68
C ILE P 645 2.47 11.63 21.56
N HIS P 646 2.63 10.77 20.56
CA HIS P 646 3.57 10.99 19.48
C HIS P 646 2.86 10.97 18.14
N HIS P 647 2.91 12.08 17.43
CA HIS P 647 2.32 12.20 16.10
C HIS P 647 3.44 12.46 15.11
N LYS P 648 3.68 11.51 14.21
CA LYS P 648 4.80 11.59 13.26
C LYS P 648 4.31 11.30 11.85
N PRO P 649 3.75 12.30 11.18
CA PRO P 649 3.28 12.11 9.79
C PRO P 649 4.47 12.07 8.85
N GLY P 650 4.58 10.98 8.09
CA GLY P 650 5.75 10.77 7.27
C GLY P 650 5.71 11.24 5.83
N GLY P 651 5.29 12.47 5.61
CA GLY P 651 5.34 13.03 4.26
C GLY P 651 4.08 12.72 3.46
N GLY P 652 4.21 12.90 2.15
CA GLY P 652 3.13 12.60 1.23
C GLY P 652 3.08 13.60 0.09
N GLN P 653 2.39 13.21 -0.97
CA GLN P 653 2.33 14.01 -2.20
C GLN P 653 0.90 14.11 -2.70
N VAL P 654 0.44 15.35 -2.93
CA VAL P 654 -0.93 15.62 -3.36
C VAL P 654 -0.90 16.55 -4.56
N GLU P 655 -1.57 16.14 -5.64
CA GLU P 655 -1.73 16.96 -6.82
C GLU P 655 -3.18 16.96 -7.27
N VAL P 656 -3.74 18.15 -7.46
CA VAL P 656 -5.14 18.31 -7.86
C VAL P 656 -5.21 19.33 -8.99
N LYS P 657 -5.94 18.99 -10.04
CA LYS P 657 -6.06 19.82 -11.23
C LYS P 657 -7.53 20.12 -11.48
N SER P 658 -7.88 21.41 -11.49
CA SER P 658 -9.21 21.87 -11.86
C SER P 658 -9.06 23.15 -12.64
N GLU P 659 -10.11 23.54 -13.36
CA GLU P 659 -9.97 24.74 -14.18
C GLU P 659 -10.98 25.84 -13.85
N LYS P 660 -12.27 25.52 -13.70
CA LYS P 660 -13.28 26.55 -13.47
C LYS P 660 -14.05 26.30 -12.18
N LEU P 661 -14.01 27.27 -11.28
CA LEU P 661 -14.67 27.17 -9.98
C LEU P 661 -15.62 28.34 -9.79
N ASP P 662 -16.92 28.06 -9.69
CA ASP P 662 -17.93 29.05 -9.39
C ASP P 662 -18.68 28.63 -8.12
N PHE P 663 -18.58 29.44 -7.07
CA PHE P 663 -19.34 29.23 -5.84
C PHE P 663 -20.15 30.49 -5.60
N LYS P 664 -21.48 30.36 -5.53
CA LYS P 664 -22.33 31.50 -5.13
C LYS P 664 -23.38 31.03 -4.13
N ASP P 665 -22.96 30.82 -2.88
CA ASP P 665 -23.86 30.68 -1.74
C ASP P 665 -23.01 30.48 -0.50
N ARG P 666 -23.63 30.12 0.62
CA ARG P 666 -22.84 29.67 1.76
C ARG P 666 -22.09 28.41 1.38
N VAL P 667 -20.78 28.53 1.13
CA VAL P 667 -19.99 27.44 0.57
C VAL P 667 -18.69 27.34 1.34
N GLN P 668 -18.32 26.11 1.72
CA GLN P 668 -17.19 25.87 2.61
C GLN P 668 -16.17 24.95 1.99
N SER P 669 -15.73 25.25 0.78
CA SER P 669 -14.85 24.38 0.01
C SER P 669 -13.46 24.30 0.63
N LYS P 670 -12.70 23.31 0.16
CA LYS P 670 -11.31 23.09 0.57
C LYS P 670 -10.68 22.16 -0.45
N ILE P 671 -9.61 22.62 -1.10
CA ILE P 671 -9.07 21.93 -2.27
C ILE P 671 -7.56 21.82 -2.16
N GLY P 672 -7.03 20.61 -2.27
CA GLY P 672 -5.59 20.45 -2.34
C GLY P 672 -4.92 20.77 -1.04
N SER P 673 -5.05 19.90 -0.04
CA SER P 673 -4.53 20.19 1.28
C SER P 673 -3.85 18.96 1.87
N LEU P 674 -2.71 19.21 2.53
CA LEU P 674 -1.96 18.18 3.25
C LEU P 674 -1.76 18.72 4.66
N ASP P 675 -2.69 18.40 5.56
CA ASP P 675 -2.71 18.97 6.90
C ASP P 675 -2.59 17.89 7.96
N ASN P 676 -1.92 18.23 9.06
CA ASN P 676 -1.80 17.36 10.22
C ASN P 676 -2.26 18.13 11.44
N ILE P 677 -3.15 17.54 12.22
CA ILE P 677 -3.73 18.20 13.38
C ILE P 677 -3.53 17.32 14.59
N THR P 678 -2.90 17.85 15.63
CA THR P 678 -2.80 17.19 16.92
C THR P 678 -3.66 17.98 17.90
N HIS P 679 -4.74 17.36 18.36
CA HIS P 679 -5.71 18.01 19.24
C HIS P 679 -5.78 17.21 20.52
N VAL P 680 -5.29 17.78 21.61
CA VAL P 680 -5.27 17.08 22.89
C VAL P 680 -5.84 17.99 23.96
N PRO P 681 -7.15 18.16 24.04
CA PRO P 681 -7.71 18.99 25.10
C PRO P 681 -7.83 18.23 26.41
N GLY P 682 -7.46 18.88 27.50
CA GLY P 682 -7.67 18.29 28.81
C GLY P 682 -9.13 18.03 29.10
N GLY P 683 -10.01 18.90 28.62
CA GLY P 683 -11.43 18.70 28.79
C GLY P 683 -12.05 18.17 27.51
N GLY P 684 -12.66 19.05 26.73
CA GLY P 684 -13.22 18.67 25.45
C GLY P 684 -14.69 18.38 25.47
N ASN P 685 -15.40 18.69 26.54
CA ASN P 685 -16.83 18.44 26.60
C ASN P 685 -17.58 19.56 25.89
N LYS P 686 -18.67 19.18 25.23
CA LYS P 686 -19.37 20.10 24.34
C LYS P 686 -20.87 19.96 24.55
N LYS P 687 -21.55 21.08 24.76
CA LYS P 687 -22.99 21.10 24.95
C LYS P 687 -23.62 22.12 24.00
N ILE P 688 -24.59 21.68 23.22
CA ILE P 688 -25.24 22.51 22.22
C ILE P 688 -26.74 22.48 22.46
N GLU P 689 -27.33 23.65 22.64
CA GLU P 689 -28.76 23.73 22.93
C GLU P 689 -29.38 24.88 22.16
N THR P 690 -30.47 24.60 21.45
CA THR P 690 -31.15 25.60 20.64
C THR P 690 -32.62 25.65 21.01
N HIS P 691 -33.14 26.86 21.25
CA HIS P 691 -34.54 27.07 21.57
C HIS P 691 -35.15 27.98 20.50
N LYS P 692 -36.11 27.44 19.75
CA LYS P 692 -36.75 28.18 18.68
C LYS P 692 -38.26 28.18 18.88
N LEU P 693 -38.84 29.37 19.00
CA LEU P 693 -40.28 29.54 19.14
C LEU P 693 -40.79 30.40 18.00
N THR P 694 -41.71 29.85 17.21
CA THR P 694 -42.25 30.55 16.05
C THR P 694 -43.76 30.67 16.20
N PHE P 695 -44.24 31.92 16.25
CA PHE P 695 -45.67 32.21 16.30
C PHE P 695 -46.04 32.91 15.01
N ARG P 696 -46.84 32.24 14.18
CA ARG P 696 -47.23 32.78 12.89
C ARG P 696 -48.75 32.81 12.78
N GLU P 697 -49.23 33.74 11.96
CA GLU P 697 -50.67 33.91 11.77
C GLU P 697 -51.05 33.71 10.31
N DTH Q 1 46.82 -8.83 -39.38
CA DTH Q 1 46.01 -7.65 -39.09
CB DTH Q 1 45.16 -7.84 -37.82
CG2 DTH Q 1 44.35 -6.59 -37.52
OG1 DTH Q 1 46.04 -8.11 -36.71
C DTH Q 1 45.08 -7.37 -40.27
O DTH Q 1 44.45 -8.25 -40.77
N DLE Q 2 45.02 -6.12 -40.70
CA DLE Q 2 44.21 -5.73 -41.86
CB DLE Q 2 45.08 -5.75 -43.11
CG DLE Q 2 44.66 -5.13 -44.46
CD1 DLE Q 2 43.21 -5.42 -44.82
CD2 DLE Q 2 44.96 -3.63 -44.53
C DLE Q 2 43.63 -4.34 -41.60
O DLE Q 2 44.35 -3.47 -41.20
N DLY Q 3 42.34 -4.18 -41.82
CA DLY Q 3 41.69 -2.87 -41.74
C DLY Q 3 40.77 -2.70 -42.94
O DLY Q 3 40.14 -3.65 -43.37
CB DLY Q 3 40.90 -2.73 -40.44
CG DLY Q 3 39.85 -3.81 -40.23
CD DLY Q 3 38.91 -3.43 -39.08
CE DLY Q 3 38.19 -2.13 -39.39
NZ DLY Q 3 37.26 -1.75 -38.28
N DIL Q 4 40.72 -1.51 -43.49
CA DIL Q 4 39.96 -1.22 -44.70
C DIL Q 4 39.26 0.12 -44.53
O DIL Q 4 39.88 1.07 -44.13
CB DIL Q 4 40.89 -1.16 -45.93
CG1 DIL Q 4 41.48 -2.55 -46.22
CG2 DIL Q 4 40.16 -0.61 -47.14
CD1 DIL Q 4 42.43 -2.57 -47.40
N DVA Q 5 37.98 0.19 -44.87
CA DVA Q 5 37.18 1.40 -44.73
CB DVA Q 5 36.24 1.32 -43.52
CG1 DVA Q 5 37.04 1.16 -42.23
CG2 DVA Q 5 35.35 2.54 -43.44
C DVA Q 5 36.38 1.61 -46.01
O DVA Q 5 35.73 0.70 -46.48
N DTR Q 6 36.46 2.79 -46.58
CA DTR Q 6 35.77 3.12 -47.83
CB DTR Q 6 36.75 3.06 -49.00
CG DTR Q 6 36.17 3.42 -50.34
CD1 DTR Q 6 34.86 3.40 -50.70
NE1 DTR Q 6 34.73 3.79 -52.01
CE2 DTR Q 6 35.97 4.06 -52.53
CZ2 DTR Q 6 36.34 4.49 -53.80
CH2 DTR Q 6 37.67 4.69 -54.03
CZ3 DTR Q 6 38.63 4.46 -53.04
CE3 DTR Q 6 38.26 4.05 -51.77
CD2 DTR Q 6 36.91 3.84 -51.50
C DTR Q 6 35.15 4.50 -47.72
O DTR Q 6 35.81 5.43 -47.34
N DIL Q 7 33.89 4.64 -48.13
CA DIL Q 7 33.17 5.90 -48.08
C DIL Q 7 32.58 6.18 -49.46
O DIL Q 7 31.96 5.29 -50.06
CB DIL Q 7 32.08 5.87 -47.01
CG1 DIL Q 7 32.64 5.43 -45.66
CG2 DIL Q 7 31.40 7.24 -46.89
CD1 DIL Q 7 31.60 5.25 -44.59
OXT DIL Q 7 32.69 7.29 -49.99
N DTH R 1 29.73 2.99 -50.72
CA DTH R 1 29.75 1.82 -49.87
CB DTH R 1 28.85 1.99 -48.65
CG2 DTH R 1 28.88 0.75 -47.77
OG1 DTH R 1 27.50 2.24 -49.07
C DTH R 1 31.19 1.56 -49.40
O DTH R 1 31.86 2.45 -48.98
N DLE R 2 31.64 0.31 -49.49
CA DLE R 2 33.00 -0.05 -49.13
CB DLE R 2 33.89 -0.02 -50.38
CG DLE R 2 35.30 -0.61 -50.47
CD1 DLE R 2 36.13 -0.31 -49.22
CD2 DLE R 2 35.30 -2.11 -50.77
C DLE R 2 32.99 -1.44 -48.51
O DLE R 2 32.38 -2.32 -49.04
N DLY R 3 33.65 -1.60 -47.36
CA DLY R 3 33.81 -2.89 -46.74
C DLY R 3 35.26 -3.04 -46.28
O DLY R 3 35.86 -2.08 -45.84
CB DLY R 3 32.86 -3.06 -45.54
CG DLY R 3 31.84 -1.94 -45.40
CD DLY R 3 31.01 -2.11 -44.15
CE DLY R 3 30.45 -0.78 -43.67
NZ DLY R 3 29.30 -0.96 -42.74
N DIL R 4 35.82 -4.23 -46.42
CA DIL R 4 37.22 -4.50 -46.13
C DIL R 4 37.32 -5.84 -45.42
O DIL R 4 36.75 -6.79 -45.86
CB DIL R 4 38.05 -4.53 -47.42
CG1 DIL R 4 38.09 -3.16 -48.08
CG2 DIL R 4 39.45 -5.07 -47.16
CD1 DIL R 4 38.88 -3.13 -49.38
N DVA R 5 38.08 -5.90 -44.33
CA DVA R 5 38.24 -7.10 -43.54
CB DVA R 5 37.42 -7.03 -42.23
CG1 DVA R 5 35.93 -6.90 -42.54
CG2 DVA R 5 37.68 -8.25 -41.37
C DVA R 5 39.72 -7.29 -43.22
O DVA R 5 40.38 -6.38 -42.77
N DTR R 6 40.25 -8.47 -43.50
CA DTR R 6 41.66 -8.76 -43.27
CB DTR R 6 42.42 -8.70 -44.60
CG DTR R 6 43.89 -9.03 -44.52
CD1 DTR R 6 44.68 -9.01 -43.42
NE1 DTR R 6 45.97 -9.37 -43.73
CE2 DTR R 6 46.01 -9.64 -45.08
CZ2 DTR R 6 47.09 -10.05 -45.87
CH2 DTR R 6 46.85 -10.25 -47.20
CZ3 DTR R 6 45.59 -10.05 -47.75
CE3 DTR R 6 44.52 -9.65 -46.97
CD2 DTR R 6 44.73 -9.44 -45.61
C DTR R 6 41.80 -10.15 -42.66
O DTR R 6 41.23 -11.08 -43.15
N DIL R 7 42.61 -10.27 -41.62
CA DIL R 7 42.84 -11.53 -40.92
C DIL R 7 44.34 -11.79 -40.84
O DIL R 7 44.82 -12.88 -41.13
CB DIL R 7 42.21 -11.52 -39.52
CG1 DIL R 7 40.74 -11.09 -39.59
CG2 DIL R 7 42.35 -12.88 -38.85
CD1 DIL R 7 40.09 -10.93 -38.24
OXT DIL R 7 45.11 -10.89 -40.47
N DTH S 1 38.91 5.81 -59.66
CA DTH S 1 40.34 5.57 -59.59
CB DTH S 1 40.98 5.55 -60.99
CG2 DTH S 1 42.47 5.31 -60.91
OG1 DTH S 1 40.73 6.79 -61.66
C DTH S 1 40.62 4.24 -58.90
O DTH S 1 39.99 3.25 -59.20
N DLE S 2 41.54 4.22 -57.95
CA DLE S 2 41.85 3.02 -57.18
CB DLE S 2 41.04 3.04 -55.88
CG DLE S 2 41.31 2.10 -54.69
CD1 DLE S 2 41.60 0.66 -55.12
CD2 DLE S 2 42.41 2.62 -53.76
C DLE S 2 43.35 3.00 -56.89
O DLE S 2 43.90 3.98 -56.49
N DLY S 3 44.00 1.87 -57.15
CA DLY S 3 45.39 1.67 -56.80
C DLY S 3 45.55 0.30 -56.15
O DLY S 3 44.90 -0.65 -56.53
CB DLY S 3 46.28 1.77 -58.04
CG DLY S 3 45.93 0.80 -59.15
CD DLY S 3 47.02 0.74 -60.20
CE DLY S 3 48.33 0.28 -59.60
NZ DLY S 3 49.42 0.21 -60.61
N DIL S 4 46.40 0.22 -55.13
CA DIL S 4 46.58 -0.99 -54.34
C DIL S 4 48.07 -1.17 -54.08
O DIL S 4 48.72 -0.25 -53.66
CB DIL S 4 45.81 -0.90 -53.01
CG1 DIL S 4 44.31 -0.88 -53.24
CG2 DIL S 4 46.22 -2.04 -52.08
CD1 DIL S 4 43.49 -0.76 -51.98
N DVA S 5 48.59 -2.38 -54.26
CA DVA S 5 50.00 -2.69 -54.07
CB DVA S 5 50.74 -2.80 -55.42
CG1 DVA S 5 50.67 -1.49 -56.19
CG2 DVA S 5 52.18 -3.22 -55.19
C DVA S 5 50.10 -3.99 -53.28
O DVA S 5 49.48 -4.97 -53.62
N DTR S 6 50.88 -3.98 -52.21
CA DTR S 6 51.05 -5.15 -51.37
CB DTR S 6 50.19 -5.00 -50.11
CG DTR S 6 50.31 -6.12 -49.11
CD1 DTR S 6 50.76 -7.40 -49.34
NE1 DTR S 6 50.72 -8.13 -48.18
CE2 DTR S 6 50.23 -7.35 -47.17
CZ2 DTR S 6 50.01 -7.65 -45.83
CH2 DTR S 6 49.50 -6.66 -45.04
CZ3 DTR S 6 49.23 -5.38 -45.55
CE3 DTR S 6 49.45 -5.08 -46.88
CD2 DTR S 6 49.96 -6.08 -47.71
C DTR S 6 52.51 -5.29 -50.98
O DTR S 6 53.13 -4.34 -50.55
N DIL S 7 53.07 -6.49 -51.08
CA DIL S 7 54.45 -6.78 -50.76
C DIL S 7 54.50 -7.95 -49.79
O DIL S 7 53.83 -8.97 -50.00
CB DIL S 7 55.26 -7.09 -52.03
CG1 DIL S 7 55.07 -5.99 -53.08
CG2 DIL S 7 56.73 -7.27 -51.69
CD1 DIL S 7 55.73 -6.29 -54.40
OXT DIL S 7 55.20 -7.91 -48.78
N DTH T 1 51.98 -10.90 -51.38
CA DTH T 1 51.30 -10.63 -52.64
CB DTH T 1 52.31 -10.53 -53.80
CG2 DTH T 1 51.59 -10.27 -55.11
OG1 DTH T 1 53.05 -11.76 -53.89
C DTH T 1 50.51 -9.33 -52.54
O DTH T 1 51.02 -8.34 -52.07
N DLE T 2 49.27 -9.34 -52.98
CA DLE T 2 48.41 -8.17 -52.90
CB DLE T 2 47.55 -8.26 -51.62
CG DLE T 2 46.34 -7.37 -51.32
CD1 DLE T 2 46.56 -5.91 -51.71
CD2 DLE T 2 45.05 -7.92 -51.94
C DLE T 2 47.51 -8.13 -54.13
O DLE T 2 46.95 -9.13 -54.49
N DLY T 3 47.41 -6.98 -54.78
CA DLY T 3 46.51 -6.78 -55.90
C DLY T 3 45.80 -5.44 -55.72
O DLY T 3 46.39 -4.48 -55.26
CB DLY T 3 47.26 -6.81 -57.24
CG DLY T 3 48.38 -5.79 -57.34
CD DLY T 3 48.87 -5.68 -58.77
CE DLY T 3 47.75 -5.21 -59.70
NZ DLY T 3 48.21 -5.08 -61.11
N DIL T 4 44.53 -5.39 -56.05
CA DIL T 4 43.69 -4.22 -55.86
C DIL T 4 42.81 -4.02 -57.07
O DIL T 4 42.19 -4.95 -57.51
CB DIL T 4 42.81 -4.38 -54.59
CG1 DIL T 4 43.67 -4.42 -53.33
CG2 DIL T 4 41.76 -3.29 -54.52
CD1 DIL T 4 42.87 -4.61 -52.06
N DVA T 5 42.72 -2.80 -57.58
CA DVA T 5 41.94 -2.47 -58.77
CB DVA T 5 42.85 -2.28 -60.01
CG1 DVA T 5 43.62 -3.56 -60.31
CG2 DVA T 5 42.02 -1.86 -61.20
C DVA T 5 41.15 -1.21 -58.49
O DVA T 5 41.68 -0.23 -58.05
N DTR T 6 39.84 -1.25 -58.74
CA DTR T 6 38.96 -0.12 -58.50
CB DTR T 6 38.19 -0.34 -57.19
CG DTR T 6 37.20 0.74 -56.83
CD1 DTR T 6 37.17 2.02 -57.30
NE1 DTR T 6 36.12 2.71 -56.75
CE2 DTR T 6 35.44 1.87 -55.91
CZ2 DTR T 6 34.31 2.10 -55.13
CH2 DTR T 6 33.84 1.06 -54.38
CZ3 DTR T 6 34.46 -0.18 -54.38
CE3 DTR T 6 35.59 -0.42 -55.16
CD2 DTR T 6 36.09 0.62 -55.94
C DTR T 6 37.98 0.02 -59.66
O DTR T 6 37.38 -0.93 -60.06
N DIL T 7 37.81 1.25 -60.15
CA DIL T 7 36.92 1.54 -61.27
C DIL T 7 35.98 2.67 -60.86
O DIL T 7 34.77 2.60 -61.06
CB DIL T 7 37.72 1.92 -62.52
CG1 DIL T 7 38.78 0.86 -62.83
CG2 DIL T 7 36.78 2.12 -63.71
CD1 DIL T 7 39.68 1.23 -63.98
OXT DIL T 7 36.42 3.68 -60.31
N DTH U 1 -40.79 21.43 41.75
CA DTH U 1 -39.34 21.52 41.75
CB DTH U 1 -38.75 21.15 40.38
CG2 DTH U 1 -37.24 21.26 40.39
OG1 DTH U 1 -39.29 22.01 39.38
C DTH U 1 -38.76 20.59 42.82
O DTH U 1 -39.17 19.45 42.91
N DLE U 2 -37.84 21.08 43.62
CA DLE U 2 -37.25 20.29 44.70
CB DLE U 2 -38.01 20.59 46.01
CG DLE U 2 -37.52 20.19 47.40
CD1 DLE U 2 -36.93 18.78 47.43
CD2 DLE U 2 -36.54 21.21 48.00
C DLE U 2 -35.78 20.66 44.83
O DLE U 2 -35.45 21.82 44.84
N DLY U 3 -34.90 19.67 44.91
CA DLY U 3 -33.49 19.88 45.16
C DLY U 3 -33.02 18.88 46.20
O DLY U 3 -33.45 17.75 46.22
CB DLY U 3 -32.67 19.74 43.87
CG DLY U 3 -32.84 18.40 43.19
CD DLY U 3 -31.78 18.20 42.10
CE DLY U 3 -30.39 18.24 42.70
NZ DLY U 3 -29.33 18.06 41.66
N DIL U 4 -32.16 19.32 47.10
CA DIL U 4 -31.68 18.52 48.22
C DIL U 4 -30.19 18.74 48.39
O DIL U 4 -29.76 19.86 48.42
CB DIL U 4 -32.42 18.90 49.52
CG1 DIL U 4 -33.90 18.53 49.43
CG2 DIL U 4 -31.76 18.26 50.73
CD1 DIL U 4 -34.69 18.92 50.67
N DVA U 5 -29.42 17.67 48.56
CA DVA U 5 -27.98 17.73 48.70
CB DVA U 5 -27.26 17.31 47.39
CG1 DVA U 5 -27.64 18.24 46.25
CG2 DVA U 5 -25.75 17.29 47.60
C DVA U 5 -27.56 16.82 49.85
O DVA U 5 -27.96 15.68 49.91
N DTR U 6 -26.79 17.35 50.78
CA DTR U 6 -26.34 16.60 51.94
CB DTR U 6 -27.18 16.99 53.17
CG DTR U 6 -26.80 16.31 54.45
CD1 DTR U 6 -26.08 15.17 54.61
NE1 DTR U 6 -25.92 14.87 55.94
CE2 DTR U 6 -26.55 15.84 56.69
CZ2 DTR U 6 -26.67 15.98 58.06
CH2 DTR U 6 -27.36 17.06 58.53
CZ3 DTR U 6 -27.92 17.99 57.66
CE3 DTR U 6 -27.81 17.86 56.30
CD2 DTR U 6 -27.11 16.77 55.78
C DTR U 6 -24.87 16.89 52.20
O DTR U 6 -24.47 18.02 52.24
N DIL U 7 -24.08 15.86 52.46
CA DIL U 7 -22.65 15.98 52.71
C DIL U 7 -22.32 15.24 54.01
O DIL U 7 -22.75 14.10 54.21
CB DIL U 7 -21.82 15.42 51.55
CG1 DIL U 7 -22.27 16.03 50.22
CG2 DIL U 7 -20.34 15.67 51.78
CD1 DIL U 7 -21.59 15.45 49.00
OXT DIL U 7 -21.62 15.76 54.89
N DTH V 1 -23.38 10.85 53.73
CA DTH V 1 -24.17 10.50 52.56
CB DTH V 1 -23.27 10.24 51.33
CG2 DTH V 1 -24.10 9.85 50.12
OG1 DTH V 1 -22.34 9.19 51.63
C DTH V 1 -25.15 11.62 52.25
O DTH V 1 -24.78 12.76 52.23
N DLE V 2 -26.40 11.28 51.99
CA DLE V 2 -27.45 12.27 51.72
CB DLE V 2 -28.18 12.60 53.03
CG DLE V 2 -29.50 13.37 53.11
CD1 DLE V 2 -29.54 14.56 52.16
CD2 DLE V 2 -30.72 12.46 52.91
C DLE V 2 -28.41 11.70 50.69
O DLE V 2 -28.82 10.58 50.82
N DLY V 3 -28.73 12.47 49.66
CA DLY V 3 -29.72 12.10 48.67
C DLY V 3 -30.63 13.31 48.41
O DLY V 3 -30.17 14.43 48.40
CB DLY V 3 -29.06 11.63 47.38
CG DLY V 3 -27.56 11.47 47.47
CD DLY V 3 -26.97 11.11 46.12
CE DLY V 3 -25.52 11.52 46.01
NZ DLY V 3 -24.80 10.81 44.92
N DIL V 4 -31.91 13.05 48.24
CA DIL V 4 -32.91 14.10 48.07
C DIL V 4 -33.89 13.68 46.99
O DIL V 4 -34.37 12.58 47.02
CB DIL V 4 -33.67 14.34 49.39
CG1 DIL V 4 -32.74 14.92 50.46
CG2 DIL V 4 -34.89 15.24 49.17
CD1 DIL V 4 -33.42 15.16 51.79
N DVA V 5 -34.20 14.58 46.06
CA DVA V 5 -35.09 14.30 44.95
CB DVA V 5 -34.32 14.08 43.63
CG1 DVA V 5 -33.37 12.90 43.76
CG2 DVA V 5 -35.28 13.90 42.48
C DVA V 5 -36.08 15.46 44.81
O DVA V 5 -35.68 16.60 44.78
N DTR V 6 -37.36 15.15 44.76
CA DTR V 6 -38.40 16.17 44.66
CB DTR V 6 -39.04 16.40 46.03
CG DTR V 6 -40.17 17.40 46.05
CD1 DTR V 6 -40.42 18.38 45.13
NE1 DTR V 6 -41.54 19.09 45.50
CE2 DTR V 6 -42.02 18.58 46.68
CZ2 DTR V 6 -43.12 18.97 47.44
CH2 DTR V 6 -43.37 18.27 48.59
CZ3 DTR V 6 -42.56 17.21 48.99
CE3 DTR V 6 -41.46 16.82 48.23
CD2 DTR V 6 -41.18 17.52 47.06
C DTR V 6 -39.46 15.72 43.65
O DTR V 6 -39.92 14.62 43.73
N DIL V 7 -39.85 16.61 42.75
CA DIL V 7 -40.85 16.32 41.73
C DIL V 7 -41.93 17.39 41.79
O DIL V 7 -43.12 17.10 41.77
CB DIL V 7 -40.20 16.27 40.34
CG1 DIL V 7 -39.01 15.32 40.33
CG2 DIL V 7 -41.23 15.85 39.29
CD1 DIL V 7 -38.25 15.30 39.03
OXT DIL V 7 -41.64 18.59 41.84
N DTH W 1 -28.22 17.09 64.24
CA DTH W 1 -29.26 18.11 64.31
CB DTH W 1 -29.92 18.17 65.70
CG2 DTH W 1 -30.98 19.25 65.76
OG1 DTH W 1 -28.91 18.44 66.68
C DTH W 1 -30.33 17.82 63.26
O DTH W 1 -30.79 16.71 63.14
N DLE W 2 -30.75 18.82 62.51
CA DLE W 2 -31.73 18.65 61.44
CB DLE W 2 -31.00 18.43 60.12
CG DLE W 2 -31.68 18.49 58.73
CD1 DLE W 2 -33.04 17.81 58.72
CD2 DLE W 2 -31.77 19.92 58.19
C DLE W 2 -32.60 19.91 61.38
O DLE W 2 -32.08 20.99 61.40
N DLY W 3 -33.91 19.73 61.33
CA DLY W 3 -34.85 20.83 61.15
C DLY W 3 -35.89 20.42 60.12
O DLY W 3 -36.30 19.28 60.08
CB DLY W 3 -35.52 21.21 62.47
CG DLY W 3 -36.25 20.07 63.15
CD DLY W 3 -37.14 20.58 64.27
CE DLY W 3 -38.19 21.55 63.73
NZ DLY W 3 -39.07 22.07 64.82
N DIL W 4 -36.28 21.35 59.26
CA DIL W 4 -37.19 21.09 58.16
C DIL W 4 -38.18 22.23 58.06
O DIL W 4 -37.78 23.37 58.06
CB DIL W 4 -36.42 20.93 56.83
CG1 DIL W 4 -35.55 19.69 56.86
CG2 DIL W 4 -37.38 20.92 55.66
CD1 DIL W 4 -34.73 19.50 55.59
N DVA W 5 -39.46 21.94 57.92
CA DVA W 5 -40.52 22.94 57.84
CB DVA W 5 -41.29 23.06 59.18
CG1 DVA W 5 -40.36 23.48 60.30
CG2 DVA W 5 -42.44 24.04 59.03
C DVA W 5 -41.46 22.57 56.71
O DVA W 5 -41.91 21.45 56.62
N DTR W 6 -41.73 23.51 55.82
CA DTR W 6 -42.60 23.27 54.67
CB DTR W 6 -41.73 23.05 53.41
CG DTR W 6 -42.51 22.84 52.13
CD1 DTR W 6 -43.80 22.45 52.01
NE1 DTR W 6 -44.15 22.37 50.68
CE2 DTR W 6 -43.07 22.72 49.92
CZ2 DTR W 6 -42.93 22.79 48.53
CH2 DTR W 6 -41.71 23.17 48.04
CZ3 DTR W 6 -40.64 23.48 48.89
CE3 DTR W 6 -40.78 23.40 50.27
CD2 DTR W 6 -42.01 23.02 50.81
C DTR W 6 -43.51 24.47 54.47
O DTR W 6 -43.06 25.58 54.46
N DIL W 7 -44.80 24.22 54.26
CA DIL W 7 -45.80 25.25 54.06
C DIL W 7 -46.57 24.96 52.78
O DIL W 7 -47.00 23.82 52.55
CB DIL W 7 -46.75 25.34 55.26
CG1 DIL W 7 -45.97 25.46 56.56
CG2 DIL W 7 -47.72 26.49 55.09
CD1 DIL W 7 -46.83 25.43 57.81
OXT DIL W 7 -46.79 25.83 51.94
N DTH X 1 -47.61 20.82 53.00
CA DTH X 1 -47.22 20.04 54.17
CB DTH X 1 -47.95 20.54 55.44
CG2 DTH X 1 -47.56 19.71 56.64
OG1 DTH X 1 -49.37 20.45 55.23
C DTH X 1 -45.72 20.15 54.39
O DTH X 1 -45.17 21.22 54.33
N DLE X 2 -45.05 19.04 54.63
CA DLE X 2 -43.61 19.01 54.80
CB DLE X 2 -42.94 18.69 53.45
CG DLE X 2 -41.46 18.29 53.28
CD1 DLE X 2 -40.54 19.13 54.15
CD2 DLE X 2 -41.24 16.79 53.51
C DLE X 2 -43.26 17.96 55.84
O DLE X 2 -43.76 16.87 55.77
N DLY X 3 -42.43 18.31 56.81
CA DLY X 3 -41.92 17.35 57.79
C DLY X 3 -40.41 17.57 57.95
O DLY X 3 -39.95 18.69 57.91
CB DLY X 3 -42.63 17.53 59.13
CG DLY X 3 -42.53 18.93 59.72
CD DLY X 3 -42.98 18.93 61.17
CE DLY X 3 -42.11 18.03 62.02
NZ DLY X 3 -42.54 18.03 63.45
N DIL X 4 -39.67 16.49 58.10
CA DIL X 4 -38.22 16.53 58.17
C DIL X 4 -37.75 15.57 59.25
O DIL X 4 -38.18 14.45 59.28
CB DIL X 4 -37.59 16.14 56.81
CG1 DIL X 4 -37.92 17.17 55.74
CG2 DIL X 4 -36.10 15.92 56.95
CD1 DIL X 4 -37.36 16.82 54.38
N DVA X 5 -36.83 16.01 60.11
CA DVA X 5 -36.33 15.20 61.21
CB DVA X 5 -36.94 15.64 62.55
CG1 DVA X 5 -38.45 15.48 62.54
CG2 DVA X 5 -36.32 14.86 63.70
C DVA X 5 -34.81 15.34 61.24
O DVA X 5 -34.28 16.42 61.22
N DTR X 6 -34.12 14.22 61.28
CA DTR X 6 -32.65 14.21 61.29
CB DTR X 6 -32.13 13.88 59.89
CG DTR X 6 -30.63 13.80 59.77
CD1 DTR X 6 -29.70 14.32 60.62
NE1 DTR X 6 -28.43 14.02 60.17
CE2 DTR X 6 -28.53 13.29 59.02
CZ2 DTR X 6 -27.53 12.76 58.21
CH2 DTR X 6 -27.92 12.07 57.10
CZ3 DTR X 6 -29.28 11.88 56.79
CE3 DTR X 6 -30.26 12.40 57.60
CD2 DTR X 6 -29.90 13.12 58.73
C DTR X 6 -32.16 13.16 62.29
O DTR X 6 -32.61 12.06 62.27
N DIL X 7 -31.20 13.53 63.12
CA DIL X 7 -30.62 12.65 64.14
C DIL X 7 -29.11 12.64 63.99
O DIL X 7 -28.47 11.60 63.98
CB DIL X 7 -31.02 13.11 65.55
CG1 DIL X 7 -32.54 13.28 65.64
CG2 DIL X 7 -30.53 12.12 66.59
CD1 DIL X 7 -33.01 13.85 66.97
OXT DIL X 7 -28.48 13.70 63.86
N GLY Y 621 54.64 -42.98 -29.94
CA GLY Y 621 53.25 -42.95 -30.31
C GLY Y 621 52.63 -41.56 -30.24
N SER Y 622 52.40 -40.98 -31.41
CA SER Y 622 51.81 -39.65 -31.50
C SER Y 622 50.30 -39.75 -31.60
N VAL Y 623 49.63 -38.74 -31.06
CA VAL Y 623 48.18 -38.65 -31.15
C VAL Y 623 47.82 -37.30 -31.77
N GLN Y 624 46.94 -37.32 -32.74
CA GLN Y 624 46.49 -36.11 -33.43
C GLN Y 624 44.99 -35.98 -33.26
N ILE Y 625 44.56 -34.88 -32.65
CA ILE Y 625 43.16 -34.58 -32.43
C ILE Y 625 42.84 -33.23 -33.03
N VAL Y 626 41.90 -33.20 -33.98
CA VAL Y 626 41.45 -31.98 -34.64
C VAL Y 626 39.97 -31.77 -34.31
N TYR Y 627 39.67 -30.65 -33.67
CA TYR Y 627 38.34 -30.34 -33.16
C TYR Y 627 37.88 -29.01 -33.74
N LYS Y 628 36.93 -29.05 -34.68
CA LYS Y 628 36.40 -27.83 -35.27
C LYS Y 628 34.99 -28.07 -35.83
N PRO Y 629 33.97 -28.17 -34.98
CA PRO Y 629 32.59 -28.18 -35.50
C PRO Y 629 32.23 -26.83 -36.08
N VAL Y 630 31.26 -26.83 -36.99
CA VAL Y 630 30.89 -25.63 -37.72
C VAL Y 630 29.40 -25.38 -37.52
N ASP Y 631 29.06 -24.20 -37.02
CA ASP Y 631 27.68 -23.85 -36.70
C ASP Y 631 27.22 -22.70 -37.58
N LEU Y 632 26.26 -22.96 -38.46
CA LEU Y 632 25.60 -21.91 -39.21
C LEU Y 632 24.12 -21.80 -38.86
N SER Y 633 23.72 -22.31 -37.70
CA SER Y 633 22.31 -22.32 -37.34
C SER Y 633 21.79 -20.92 -37.11
N LYS Y 634 20.48 -20.76 -37.31
CA LYS Y 634 19.82 -19.49 -37.04
C LYS Y 634 18.54 -19.73 -36.24
N VAL Y 635 18.29 -18.87 -35.27
CA VAL Y 635 17.04 -18.83 -34.53
C VAL Y 635 16.42 -17.46 -34.73
N THR Y 636 15.21 -17.43 -35.28
CA THR Y 636 14.57 -16.17 -35.64
C THR Y 636 13.10 -16.26 -35.28
N SER Y 637 12.44 -15.10 -35.32
CA SER Y 637 11.01 -15.03 -35.05
C SER Y 637 10.49 -13.67 -35.50
N LYS Y 638 9.34 -13.67 -36.14
CA LYS Y 638 8.69 -12.45 -36.59
C LYS Y 638 7.29 -12.38 -36.02
N CYS Y 639 6.99 -11.29 -35.33
CA CYS Y 639 5.67 -11.05 -34.76
C CYS Y 639 5.19 -9.68 -35.16
N GLY Y 640 4.02 -9.61 -35.77
CA GLY Y 640 3.51 -8.33 -36.24
C GLY Y 640 3.17 -7.37 -35.13
N SER Y 641 2.11 -7.65 -34.39
CA SER Y 641 1.65 -6.78 -33.32
C SER Y 641 1.50 -7.59 -32.05
N LEU Y 642 2.07 -7.08 -30.96
CA LEU Y 642 2.09 -7.78 -29.68
C LEU Y 642 1.71 -6.81 -28.58
N GLY Y 643 0.62 -7.10 -27.89
CA GLY Y 643 0.19 -6.23 -26.82
C GLY Y 643 -1.20 -6.58 -26.33
N ASN Y 644 -1.77 -5.66 -25.56
CA ASN Y 644 -3.08 -5.83 -24.94
C ASN Y 644 -3.08 -7.04 -24.00
N ILE Y 645 -2.28 -6.90 -22.95
CA ILE Y 645 -2.06 -7.98 -21.98
C ILE Y 645 -2.35 -7.45 -20.59
N HIS Y 646 -3.19 -8.15 -19.85
CA HIS Y 646 -3.64 -7.70 -18.53
C HIS Y 646 -3.31 -8.74 -17.48
N HIS Y 647 -2.49 -8.37 -16.52
CA HIS Y 647 -2.12 -9.23 -15.40
C HIS Y 647 -2.64 -8.60 -14.12
N LYS Y 648 -3.60 -9.25 -13.46
CA LYS Y 648 -4.25 -8.72 -12.27
C LYS Y 648 -4.27 -9.74 -11.16
N PRO Y 649 -3.17 -9.89 -10.43
CA PRO Y 649 -3.13 -10.84 -9.30
C PRO Y 649 -3.91 -10.31 -8.12
N GLY Y 650 -4.90 -11.08 -7.68
CA GLY Y 650 -5.82 -10.61 -6.67
C GLY Y 650 -5.50 -10.91 -5.22
N GLY Y 651 -4.28 -10.65 -4.79
CA GLY Y 651 -3.94 -10.80 -3.40
C GLY Y 651 -3.48 -12.21 -3.05
N GLY Y 652 -3.49 -12.50 -1.76
CA GLY Y 652 -3.14 -13.82 -1.26
C GLY Y 652 -2.38 -13.73 0.04
N GLN Y 653 -2.33 -14.86 0.75
CA GLN Y 653 -1.74 -14.91 2.08
C GLN Y 653 -0.82 -16.13 2.21
N VAL Y 654 0.42 -15.89 2.62
CA VAL Y 654 1.44 -16.94 2.73
C VAL Y 654 2.10 -16.86 4.10
N GLU Y 655 2.09 -17.98 4.82
CA GLU Y 655 2.78 -18.08 6.10
C GLU Y 655 3.63 -19.35 6.13
N VAL Y 656 4.90 -19.21 6.47
CA VAL Y 656 5.84 -20.33 6.53
C VAL Y 656 6.63 -20.24 7.82
N LYS Y 657 6.74 -21.36 8.52
CA LYS Y 657 7.41 -21.44 9.81
C LYS Y 657 8.51 -22.48 9.74
N SER Y 658 9.75 -22.06 10.00
CA SER Y 658 10.88 -22.97 10.10
C SER Y 658 11.77 -22.45 11.21
N GLU Y 659 12.69 -23.29 11.70
CA GLU Y 659 13.51 -22.84 12.81
C GLU Y 659 15.00 -22.90 12.53
N LYS Y 660 15.53 -23.98 11.97
CA LYS Y 660 16.97 -24.13 11.77
C LYS Y 660 17.29 -24.37 10.30
N LEU Y 661 18.10 -23.49 9.72
CA LEU Y 661 18.49 -23.57 8.32
C LEU Y 661 20.01 -23.59 8.19
N ASP Y 662 20.55 -24.69 7.70
CA ASP Y 662 21.97 -24.81 7.40
C ASP Y 662 22.15 -25.15 5.93
N PHE Y 663 22.80 -24.27 5.19
CA PHE Y 663 23.16 -24.50 3.79
C PHE Y 663 24.67 -24.36 3.68
N LYS Y 664 25.36 -25.41 3.23
CA LYS Y 664 26.79 -25.29 2.94
C LYS Y 664 27.11 -25.98 1.61
N ASP Y 665 26.77 -25.32 0.51
CA ASP Y 665 27.24 -25.66 -0.83
C ASP Y 665 26.66 -24.67 -1.81
N ARG Y 666 26.80 -24.93 -3.11
CA ARG Y 666 26.04 -24.15 -4.08
C ARG Y 666 24.55 -24.41 -3.86
N VAL Y 667 23.86 -23.45 -3.25
CA VAL Y 667 22.48 -23.63 -2.80
C VAL Y 667 21.67 -22.41 -3.21
N GLN Y 668 20.49 -22.65 -3.79
CA GLN Y 668 19.69 -21.61 -4.38
C GLN Y 668 18.29 -21.55 -3.77
N SER Y 669 18.21 -21.49 -2.46
CA SER Y 669 16.94 -21.58 -1.75
C SER Y 669 16.08 -20.34 -1.98
N LYS Y 670 14.81 -20.46 -1.60
CA LYS Y 670 13.83 -19.38 -1.68
C LYS Y 670 12.65 -19.77 -0.81
N ILE Y 671 12.34 -18.94 0.19
CA ILE Y 671 11.40 -19.33 1.24
C ILE Y 671 10.43 -18.19 1.50
N GLY Y 672 9.13 -18.50 1.43
CA GLY Y 672 8.14 -17.51 1.83
C GLY Y 672 8.07 -16.35 0.88
N SER Y 673 7.51 -16.57 -0.30
CA SER Y 673 7.51 -15.54 -1.33
C SER Y 673 6.15 -15.45 -2.01
N LEU Y 674 5.71 -14.22 -2.27
CA LEU Y 674 4.49 -13.93 -3.01
C LEU Y 674 4.88 -12.99 -4.14
N ASP Y 675 5.22 -13.54 -5.30
CA ASP Y 675 5.77 -12.75 -6.39
C ASP Y 675 4.89 -12.86 -7.63
N ASN Y 676 4.83 -11.77 -8.38
CA ASN Y 676 4.13 -11.72 -9.66
C ASN Y 676 5.09 -11.20 -10.71
N ILE Y 677 5.19 -11.92 -11.83
CA ILE Y 677 6.13 -11.58 -12.88
C ILE Y 677 5.37 -11.47 -14.19
N THR Y 678 5.49 -10.33 -14.85
CA THR Y 678 4.97 -10.13 -16.20
C THR Y 678 6.18 -10.01 -17.12
N HIS Y 679 6.34 -10.99 -18.00
CA HIS Y 679 7.49 -11.06 -18.89
C HIS Y 679 6.97 -11.09 -20.31
N VAL Y 680 7.20 -10.01 -21.06
CA VAL Y 680 6.70 -9.90 -22.42
C VAL Y 680 7.83 -9.44 -23.32
N PRO Y 681 8.74 -10.33 -23.70
CA PRO Y 681 9.82 -9.91 -24.61
C PRO Y 681 9.35 -9.95 -26.05
N GLY Y 682 9.72 -8.91 -26.80
CA GLY Y 682 9.44 -8.91 -28.22
C GLY Y 682 10.12 -10.06 -28.95
N GLY Y 683 11.31 -10.43 -28.50
CA GLY Y 683 12.00 -11.56 -29.08
C GLY Y 683 11.88 -12.78 -28.20
N GLY Y 684 12.91 -13.04 -27.40
CA GLY Y 684 12.86 -14.15 -26.46
C GLY Y 684 13.50 -15.42 -26.93
N ASN Y 685 14.24 -15.40 -28.04
CA ASN Y 685 14.90 -16.60 -28.53
C ASN Y 685 16.19 -16.83 -27.77
N LYS Y 686 16.51 -18.10 -27.54
CA LYS Y 686 17.61 -18.46 -26.66
C LYS Y 686 18.40 -19.60 -27.28
N LYS Y 687 19.71 -19.43 -27.36
CA LYS Y 687 20.60 -20.45 -27.90
C LYS Y 687 21.72 -20.72 -26.92
N ILE Y 688 21.91 -21.98 -26.56
CA ILE Y 688 22.90 -22.39 -25.58
C ILE Y 688 23.79 -23.46 -26.20
N GLU Y 689 25.09 -23.21 -26.22
CA GLU Y 689 26.03 -24.15 -26.84
C GLU Y 689 27.27 -24.27 -25.98
N THR Y 690 27.65 -25.52 -25.69
CA THR Y 690 28.81 -25.79 -24.84
C THR Y 690 29.75 -26.75 -25.57
N HIS Y 691 31.04 -26.40 -25.62
CA HIS Y 691 32.06 -27.23 -26.21
C HIS Y 691 33.09 -27.60 -25.15
N LYS Y 692 33.20 -28.89 -24.84
CA LYS Y 692 34.10 -29.38 -23.82
C LYS Y 692 35.01 -30.45 -24.40
N LEU Y 693 36.32 -30.21 -24.35
CA LEU Y 693 37.32 -31.15 -24.81
C LEU Y 693 38.24 -31.50 -23.66
N THR Y 694 38.30 -32.77 -23.30
CA THR Y 694 39.12 -33.23 -22.19
C THR Y 694 40.13 -34.25 -22.69
N PHE Y 695 41.41 -33.94 -22.55
CA PHE Y 695 42.51 -34.84 -22.88
C PHE Y 695 43.21 -35.23 -21.59
N ARG Y 696 43.10 -36.49 -21.21
CA ARG Y 696 43.69 -36.96 -19.97
C ARG Y 696 44.62 -38.13 -20.25
N GLU Y 697 45.60 -38.31 -19.38
CA GLU Y 697 46.59 -39.37 -19.52
C GLU Y 697 46.56 -40.31 -18.32
N GLY Z 621 57.15 -39.21 -27.85
CA GLY Z 621 55.74 -39.18 -28.23
C GLY Z 621 55.13 -37.79 -28.19
N SER Z 622 54.93 -37.21 -29.37
CA SER Z 622 54.35 -35.89 -29.48
C SER Z 622 52.83 -35.98 -29.60
N VAL Z 623 52.15 -34.96 -29.08
CA VAL Z 623 50.70 -34.87 -29.19
C VAL Z 623 50.37 -33.53 -29.83
N GLN Z 624 49.49 -33.55 -30.81
CA GLN Z 624 49.07 -32.35 -31.52
C GLN Z 624 47.56 -32.21 -31.38
N ILE Z 625 47.13 -31.10 -30.78
CA ILE Z 625 45.72 -30.80 -30.58
C ILE Z 625 45.42 -29.45 -31.21
N VAL Z 626 44.49 -29.42 -32.17
CA VAL Z 626 44.05 -28.21 -32.84
C VAL Z 626 42.58 -27.98 -32.54
N TYR Z 627 42.27 -26.85 -31.92
CA TYR Z 627 40.92 -26.55 -31.42
C TYR Z 627 40.49 -25.21 -32.02
N LYS Z 628 39.54 -25.25 -32.98
CA LYS Z 628 39.03 -24.04 -33.59
C LYS Z 628 37.63 -24.29 -34.17
N PRO Z 629 36.60 -24.36 -33.34
CA PRO Z 629 35.23 -24.38 -33.87
C PRO Z 629 34.88 -23.03 -34.48
N VAL Z 630 33.93 -23.04 -35.40
CA VAL Z 630 33.56 -21.84 -36.14
C VAL Z 630 32.08 -21.58 -35.96
N ASP Z 631 31.74 -20.40 -35.48
CA ASP Z 631 30.34 -20.05 -35.18
C ASP Z 631 29.91 -18.90 -36.08
N LEU Z 632 28.96 -19.17 -36.98
CA LEU Z 632 28.32 -18.12 -37.75
C LEU Z 632 26.83 -18.01 -37.42
N SER Z 633 26.41 -18.50 -36.26
CA SER Z 633 24.99 -18.51 -35.92
C SER Z 633 24.48 -17.09 -35.71
N LYS Z 634 23.17 -16.93 -35.94
CA LYS Z 634 22.52 -15.66 -35.68
C LYS Z 634 21.22 -15.89 -34.90
N VAL Z 635 20.95 -15.01 -33.95
CA VAL Z 635 19.70 -14.98 -33.21
C VAL Z 635 19.09 -13.60 -33.44
N THR Z 636 17.89 -13.57 -34.02
CA THR Z 636 17.25 -12.31 -34.39
C THR Z 636 15.77 -12.39 -34.05
N SER Z 637 15.11 -11.23 -34.12
CA SER Z 637 13.69 -11.15 -33.87
C SER Z 637 13.19 -9.80 -34.33
N LYS Z 638 12.05 -9.81 -34.98
CA LYS Z 638 11.45 -8.55 -35.36
C LYS Z 638 10.09 -8.52 -34.75
N CYS Z 639 9.69 -7.39 -34.23
CA CYS Z 639 8.36 -7.16 -33.69
C CYS Z 639 7.90 -5.78 -34.11
N GLY Z 640 6.72 -5.71 -34.75
CA GLY Z 640 6.24 -4.44 -35.23
C GLY Z 640 5.89 -3.46 -34.14
N SER Z 641 4.81 -3.75 -33.40
CA SER Z 641 4.34 -2.85 -32.36
C SER Z 641 4.17 -3.65 -31.08
N LEU Z 642 4.72 -3.14 -29.98
CA LEU Z 642 4.72 -3.83 -28.70
C LEU Z 642 4.32 -2.85 -27.62
N GLY Z 643 3.21 -3.13 -26.94
CA GLY Z 643 2.78 -2.24 -25.88
C GLY Z 643 1.38 -2.59 -25.41
N ASN Z 644 0.80 -1.65 -24.66
CA ASN Z 644 -0.52 -1.82 -24.06
C ASN Z 644 -0.53 -3.02 -23.11
N ILE Z 645 0.24 -2.88 -22.03
CA ILE Z 645 0.46 -3.94 -21.06
C ILE Z 645 0.14 -3.39 -19.68
N HIS Z 646 -0.72 -4.09 -18.94
CA HIS Z 646 -1.18 -3.63 -17.64
C HIS Z 646 -0.88 -4.66 -16.58
N HIS Z 647 -0.07 -4.28 -15.59
CA HIS Z 647 0.28 -5.13 -14.48
C HIS Z 647 -0.25 -4.49 -13.20
N LYS Z 648 -1.22 -5.13 -12.56
CA LYS Z 648 -1.89 -4.58 -11.39
C LYS Z 648 -1.93 -5.61 -10.27
N PRO Z 649 -0.85 -5.74 -9.50
CA PRO Z 649 -0.82 -6.69 -8.38
C PRO Z 649 -1.63 -6.14 -7.22
N GLY Z 650 -2.62 -6.91 -6.78
CA GLY Z 650 -3.56 -6.43 -5.79
C GLY Z 650 -3.25 -6.71 -4.33
N GLY Z 651 -2.03 -6.45 -3.88
CA GLY Z 651 -1.72 -6.60 -2.48
C GLY Z 651 -1.27 -7.99 -2.12
N GLY Z 652 -1.31 -8.28 -0.83
CA GLY Z 652 -0.97 -9.59 -0.31
C GLY Z 652 -0.22 -9.50 1.00
N GLN Z 653 -0.20 -10.61 1.73
CA GLN Z 653 0.38 -10.67 3.06
C GLN Z 653 1.28 -11.88 3.22
N VAL Z 654 2.52 -11.65 3.65
CA VAL Z 654 3.54 -12.69 3.78
C VAL Z 654 4.18 -12.61 5.15
N GLU Z 655 4.16 -13.72 5.89
CA GLU Z 655 4.83 -13.81 7.17
C GLU Z 655 5.67 -15.08 7.23
N VAL Z 656 6.94 -14.95 7.60
CA VAL Z 656 7.86 -16.07 7.67
C VAL Z 656 8.64 -15.97 8.97
N LYS Z 657 8.72 -17.09 9.68
CA LYS Z 657 9.38 -17.16 10.98
C LYS Z 657 10.48 -18.20 10.94
N SER Z 658 11.72 -17.78 11.21
CA SER Z 658 12.85 -18.70 11.34
C SER Z 658 13.73 -18.17 12.46
N GLU Z 659 14.62 -19.00 12.97
CA GLU Z 659 15.43 -18.55 14.09
C GLU Z 659 16.93 -18.62 13.84
N LYS Z 660 17.45 -19.71 13.29
CA LYS Z 660 18.90 -19.85 13.11
C LYS Z 660 19.25 -20.12 11.65
N LEU Z 661 20.07 -19.24 11.08
CA LEU Z 661 20.48 -19.34 9.68
C LEU Z 661 22.00 -19.36 9.58
N ASP Z 662 22.54 -20.48 9.10
CA ASP Z 662 23.97 -20.60 8.83
C ASP Z 662 24.17 -20.96 7.36
N PHE Z 663 24.84 -20.07 6.62
CA PHE Z 663 25.22 -20.33 5.23
C PHE Z 663 26.73 -20.18 5.14
N LYS Z 664 27.42 -21.24 4.72
CA LYS Z 664 28.85 -21.14 4.44
C LYS Z 664 29.18 -21.84 3.13
N ASP Z 665 28.86 -21.19 2.02
CA ASP Z 665 29.36 -21.53 0.69
C ASP Z 665 28.79 -20.55 -0.31
N ARG Z 666 28.96 -20.82 -1.60
CA ARG Z 666 28.22 -20.05 -2.60
C ARG Z 666 26.73 -20.30 -2.39
N VAL Z 667 26.02 -19.34 -1.80
CA VAL Z 667 24.64 -19.50 -1.38
C VAL Z 667 23.83 -18.29 -1.81
N GLN Z 668 22.67 -18.54 -2.40
CA GLN Z 668 21.87 -17.48 -3.02
C GLN Z 668 20.47 -17.42 -2.42
N SER Z 669 20.37 -17.36 -1.11
CA SER Z 669 19.09 -17.43 -0.43
C SER Z 669 18.24 -16.19 -0.68
N LYS Z 670 16.97 -16.30 -0.32
CA LYS Z 670 15.99 -15.22 -0.41
C LYS Z 670 14.80 -15.59 0.44
N ILE Z 671 14.47 -14.76 1.43
CA ILE Z 671 13.51 -15.14 2.46
C ILE Z 671 12.54 -13.99 2.70
N GLY Z 672 11.24 -14.29 2.61
CA GLY Z 672 10.25 -13.30 2.98
C GLY Z 672 10.20 -12.15 2.02
N SER Z 673 9.65 -12.37 0.83
CA SER Z 673 9.67 -11.35 -0.20
C SER Z 673 8.33 -11.26 -0.90
N LEU Z 674 7.89 -10.04 -1.18
CA LEU Z 674 6.69 -9.74 -1.94
C LEU Z 674 7.10 -8.81 -3.07
N ASP Z 675 7.46 -9.38 -4.22
CA ASP Z 675 8.02 -8.60 -5.31
C ASP Z 675 7.17 -8.72 -6.57
N ASN Z 676 7.11 -7.64 -7.32
CA ASN Z 676 6.43 -7.60 -8.61
C ASN Z 676 7.41 -7.09 -9.66
N ILE Z 677 7.53 -7.82 -10.76
CA ILE Z 677 8.49 -7.49 -11.81
C ILE Z 677 7.75 -7.40 -13.13
N THR Z 678 7.87 -6.25 -13.79
CA THR Z 678 7.39 -6.07 -15.15
C THR Z 678 8.60 -5.96 -16.06
N HIS Z 679 8.78 -6.95 -16.92
CA HIS Z 679 9.94 -7.03 -17.80
C HIS Z 679 9.44 -7.06 -19.22
N VAL Z 680 9.69 -5.99 -19.97
CA VAL Z 680 9.21 -5.89 -21.35
C VAL Z 680 10.35 -5.46 -22.24
N PRO Z 681 11.28 -6.34 -22.59
CA PRO Z 681 12.36 -5.94 -23.49
C PRO Z 681 11.92 -5.99 -24.95
N GLY Z 682 12.30 -4.95 -25.69
CA GLY Z 682 12.03 -4.98 -27.12
C GLY Z 682 12.72 -6.12 -27.82
N GLY Z 683 13.91 -6.49 -27.36
CA GLY Z 683 14.61 -7.63 -27.91
C GLY Z 683 14.47 -8.85 -27.03
N GLY Z 684 15.47 -9.10 -26.21
CA GLY Z 684 15.42 -10.20 -25.26
C GLY Z 684 16.06 -11.48 -25.70
N ASN Z 685 16.81 -11.47 -26.80
CA ASN Z 685 17.46 -12.67 -27.27
C ASN Z 685 18.75 -12.90 -26.49
N LYS Z 686 19.06 -14.17 -26.24
CA LYS Z 686 20.14 -14.53 -25.34
C LYS Z 686 20.94 -15.68 -25.94
N LYS Z 687 22.26 -15.51 -26.01
CA LYS Z 687 23.15 -16.54 -26.53
C LYS Z 687 24.25 -16.80 -25.53
N ILE Z 688 24.43 -18.07 -25.16
CA ILE Z 688 25.41 -18.47 -24.15
C ILE Z 688 26.30 -19.55 -24.76
N GLU Z 689 27.60 -19.31 -24.76
CA GLU Z 689 28.55 -20.24 -25.36
C GLU Z 689 29.78 -20.38 -24.47
N THR Z 690 30.16 -21.62 -24.16
CA THR Z 690 31.30 -21.89 -23.30
C THR Z 690 32.24 -22.85 -24.00
N HIS Z 691 33.53 -22.51 -24.03
CA HIS Z 691 34.57 -23.36 -24.61
C HIS Z 691 35.56 -23.71 -23.52
N LYS Z 692 35.67 -25.00 -23.21
CA LYS Z 692 36.55 -25.48 -22.15
C LYS Z 692 37.47 -26.56 -22.72
N LEU Z 693 38.77 -26.32 -22.65
CA LEU Z 693 39.78 -27.28 -23.09
C LEU Z 693 40.68 -27.61 -21.92
N THR Z 694 40.74 -28.89 -21.55
CA THR Z 694 41.54 -29.34 -20.42
C THR Z 694 42.55 -30.37 -20.90
N PHE Z 695 43.83 -30.05 -20.73
CA PHE Z 695 44.92 -30.97 -21.05
C PHE Z 695 45.61 -31.34 -19.74
N ARG Z 696 45.49 -32.60 -19.35
CA ARG Z 696 46.05 -33.07 -18.10
C ARG Z 696 46.99 -34.24 -18.36
N GLU Z 697 47.95 -34.41 -17.46
CA GLU Z 697 48.94 -35.49 -17.59
C GLU Z 697 48.90 -36.41 -16.38
N GLY AA 621 -70.37 12.49 22.74
CA GLY AA 621 -69.56 11.30 22.89
C GLY AA 621 -68.11 11.57 23.20
N SER AA 622 -67.72 11.35 24.45
CA SER AA 622 -66.36 11.58 24.88
C SER AA 622 -65.54 10.30 24.72
N VAL AA 623 -64.25 10.49 24.44
CA VAL AA 623 -63.31 9.37 24.35
C VAL AA 623 -62.17 9.63 25.32
N GLN AA 624 -61.82 8.62 26.10
CA GLN AA 624 -60.74 8.71 27.07
C GLN AA 624 -59.70 7.66 26.74
N ILE AA 625 -58.48 8.10 26.47
CA ILE AA 625 -57.36 7.21 26.15
C ILE AA 625 -56.22 7.52 27.11
N VAL AA 626 -55.80 6.50 27.86
CA VAL AA 626 -54.70 6.60 28.82
C VAL AA 626 -53.59 5.65 28.37
N TYR AA 627 -52.41 6.21 28.10
CA TYR AA 627 -51.29 5.49 27.52
C TYR AA 627 -50.08 5.67 28.44
N LYS AA 628 -49.70 4.61 29.16
CA LYS AA 628 -48.54 4.67 30.04
C LYS AA 628 -47.98 3.27 30.28
N PRO AA 629 -47.29 2.67 29.31
CA PRO AA 629 -46.56 1.42 29.60
C PRO AA 629 -45.40 1.69 30.53
N VAL AA 630 -44.98 0.66 31.24
CA VAL AA 630 -43.94 0.78 32.26
C VAL AA 630 -42.82 -0.19 31.94
N ASP AA 631 -41.61 0.33 31.80
CA ASP AA 631 -40.45 -0.47 31.42
C ASP AA 631 -39.44 -0.48 32.55
N LEU AA 632 -39.22 -1.65 33.15
CA LEU AA 632 -38.13 -1.83 34.11
C LEU AA 632 -37.10 -2.83 33.61
N SER AA 633 -37.04 -3.06 32.30
CA SER AA 633 -36.15 -4.07 31.75
C SER AA 633 -34.69 -3.66 31.92
N LYS AA 634 -33.81 -4.66 31.97
CA LYS AA 634 -32.38 -4.42 32.03
C LYS AA 634 -31.67 -5.31 31.03
N VAL AA 635 -30.66 -4.74 30.37
CA VAL AA 635 -29.76 -5.48 29.50
C VAL AA 635 -28.35 -5.29 30.05
N THR AA 636 -27.70 -6.39 30.41
CA THR AA 636 -26.39 -6.33 31.05
C THR AA 636 -25.51 -7.42 30.47
N SER AA 637 -24.22 -7.34 30.80
CA SER AA 637 -23.26 -8.33 30.36
C SER AA 637 -21.97 -8.14 31.15
N LYS AA 638 -21.38 -9.26 31.50
CA LYS AA 638 -20.11 -9.18 32.21
C LYS AA 638 -19.14 -10.06 31.48
N CYS AA 639 -17.97 -9.56 31.26
CA CYS AA 639 -16.90 -10.30 30.62
C CYS AA 639 -15.61 -10.06 31.37
N GLY AA 640 -14.95 -11.13 31.81
CA GLY AA 640 -13.75 -10.98 32.59
C GLY AA 640 -12.59 -10.39 31.80
N SER AA 641 -12.04 -11.16 30.87
CA SER AA 641 -10.90 -10.73 30.08
C SER AA 641 -11.21 -10.89 28.61
N LEU AA 642 -10.96 -9.83 27.83
CA LEU AA 642 -11.30 -9.80 26.41
C LEU AA 642 -10.11 -9.26 25.65
N GLY AA 643 -9.56 -10.05 24.75
CA GLY AA 643 -8.43 -9.60 23.98
C GLY AA 643 -7.79 -10.74 23.20
N ASN AA 644 -6.59 -10.45 22.70
CA ASN AA 644 -5.82 -11.38 21.88
C ASN AA 644 -6.60 -11.74 20.61
N ILE AA 645 -6.79 -10.72 19.77
CA ILE AA 645 -7.58 -10.83 18.56
C ILE AA 645 -6.74 -10.35 17.39
N HIS AA 646 -6.65 -11.17 16.34
CA HIS AA 646 -5.80 -10.88 15.19
C HIS AA 646 -6.63 -10.86 13.93
N HIS AA 647 -6.66 -9.72 13.25
CA HIS AA 647 -7.35 -9.55 11.98
C HIS AA 647 -6.33 -9.23 10.92
N LYS AA 648 -6.14 -10.13 9.97
CA LYS AA 648 -5.11 -10.00 8.93
C LYS AA 648 -5.71 -10.24 7.55
N PRO AA 649 -6.35 -9.22 6.97
CA PRO AA 649 -6.92 -9.35 5.62
C PRO AA 649 -5.82 -9.33 4.58
N GLY AA 650 -5.76 -10.39 3.77
CA GLY AA 650 -4.65 -10.55 2.85
C GLY AA 650 -4.82 -10.02 1.44
N GLY AA 651 -5.28 -8.78 1.30
CA GLY AA 651 -5.36 -8.17 -0.02
C GLY AA 651 -6.66 -8.47 -0.72
N GLY AA 652 -6.65 -8.24 -2.03
CA GLY AA 652 -7.80 -8.52 -2.87
C GLY AA 652 -7.97 -7.47 -3.96
N GLN AA 653 -8.73 -7.82 -4.97
CA GLN AA 653 -8.91 -6.98 -6.16
C GLN AA 653 -10.38 -6.88 -6.54
N VAL AA 654 -10.87 -5.65 -6.67
CA VAL AA 654 -12.28 -5.39 -6.96
C VAL AA 654 -12.38 -4.41 -8.12
N GLU AA 655 -13.12 -4.80 -9.17
CA GLU AA 655 -13.39 -3.91 -10.30
C GLU AA 655 -14.87 -3.93 -10.61
N VAL AA 656 -15.47 -2.74 -10.71
CA VAL AA 656 -16.89 -2.60 -10.99
C VAL AA 656 -17.07 -1.53 -12.06
N LYS AA 657 -17.89 -1.85 -13.07
CA LYS AA 657 -18.12 -0.96 -14.19
C LYS AA 657 -19.61 -0.68 -14.31
N SER AA 658 -19.98 0.60 -14.23
CA SER AA 658 -21.35 1.04 -14.46
C SER AA 658 -21.28 2.36 -15.21
N GLU AA 659 -22.40 2.77 -15.82
CA GLU AA 659 -22.34 3.99 -16.59
C GLU AA 659 -23.34 5.05 -16.14
N LYS AA 660 -24.60 4.71 -15.89
CA LYS AA 660 -25.62 5.70 -15.54
C LYS AA 660 -26.27 5.39 -14.20
N LEU AA 661 -26.17 6.32 -13.26
CA LEU AA 661 -26.72 6.16 -11.92
C LEU AA 661 -27.66 7.30 -11.60
N ASP AA 662 -28.94 6.97 -11.41
CA ASP AA 662 -29.94 7.95 -10.96
C ASP AA 662 -30.57 7.45 -9.68
N PHE AA 663 -30.40 8.21 -8.60
CA PHE AA 663 -31.06 7.95 -7.32
C PHE AA 663 -31.86 9.18 -6.95
N LYS AA 664 -33.17 9.02 -6.78
CA LYS AA 664 -34.01 10.12 -6.26
C LYS AA 664 -34.97 9.59 -5.20
N ASP AA 665 -34.44 9.34 -4.01
CA ASP AA 665 -35.23 9.13 -2.79
C ASP AA 665 -34.28 8.90 -1.63
N ARG AA 666 -34.80 8.48 -0.48
CA ARG AA 666 -33.91 8.00 0.56
C ARG AA 666 -33.17 6.77 0.06
N VAL AA 667 -31.90 6.93 -0.29
CA VAL AA 667 -31.13 5.88 -0.96
C VAL AA 667 -29.77 5.77 -0.31
N GLN AA 668 -29.36 4.53 -0.02
CA GLN AA 668 -28.16 4.28 0.78
C GLN AA 668 -27.16 3.40 0.02
N SER AA 669 -26.84 3.77 -1.21
CA SER AA 669 -26.02 2.94 -2.07
C SER AA 669 -24.57 2.86 -1.58
N LYS AA 670 -23.84 1.91 -2.15
CA LYS AA 670 -22.42 1.71 -1.87
C LYS AA 670 -21.86 0.84 -2.98
N ILE AA 671 -20.85 1.34 -3.69
CA ILE AA 671 -20.40 0.70 -4.93
C ILE AA 671 -18.88 0.63 -4.95
N GLY AA 672 -18.35 -0.57 -5.16
CA GLY AA 672 -16.92 -0.70 -5.36
C GLY AA 672 -16.14 -0.42 -4.10
N SER AA 673 -16.18 -1.34 -3.15
CA SER AA 673 -15.55 -1.09 -1.85
C SER AA 673 -14.81 -2.32 -1.38
N LEU AA 674 -13.62 -2.08 -0.81
CA LEU AA 674 -12.79 -3.11 -0.19
C LEU AA 674 -12.49 -2.64 1.23
N ASP AA 675 -13.33 -3.03 2.18
CA ASP AA 675 -13.24 -2.51 3.54
C ASP AA 675 -13.02 -3.63 4.54
N ASN AA 676 -12.27 -3.32 5.59
CA ASN AA 676 -12.03 -4.23 6.69
C ASN AA 676 -12.39 -3.52 7.98
N ILE AA 677 -13.22 -4.16 8.81
CA ILE AA 677 -13.70 -3.56 10.04
C ILE AA 677 -13.39 -4.50 11.20
N THR AA 678 -12.69 -3.99 12.19
CA THR AA 678 -12.47 -4.71 13.45
C THR AA 678 -13.25 -3.98 14.52
N HIS AA 679 -14.28 -4.63 15.05
CA HIS AA 679 -15.18 -4.04 16.03
C HIS AA 679 -15.14 -4.90 17.27
N VAL AA 680 -14.57 -4.36 18.35
CA VAL AA 680 -14.42 -5.12 19.59
C VAL AA 680 -14.92 -4.26 20.75
N PRO AA 681 -16.22 -4.13 20.94
CA PRO AA 681 -16.70 -3.34 22.07
C PRO AA 681 -16.71 -4.16 23.35
N GLY AA 682 -16.25 -3.54 24.43
CA GLY AA 682 -16.34 -4.20 25.73
C GLY AA 682 -17.76 -4.50 26.14
N GLY AA 683 -18.69 -3.63 25.77
CA GLY AA 683 -20.09 -3.86 26.04
C GLY AA 683 -20.81 -4.34 24.81
N GLY AA 684 -21.49 -3.45 24.12
CA GLY AA 684 -22.15 -3.79 22.87
C GLY AA 684 -23.62 -4.11 22.99
N ASN AA 685 -24.23 -3.86 24.14
CA ASN AA 685 -25.65 -4.14 24.30
C ASN AA 685 -26.48 -3.01 23.71
N LYS AA 686 -27.62 -3.37 23.12
CA LYS AA 686 -28.40 -2.43 22.34
C LYS AA 686 -29.88 -2.61 22.66
N LYS AA 687 -30.55 -1.52 22.99
CA LYS AA 687 -31.98 -1.53 23.29
C LYS AA 687 -32.69 -0.49 22.44
N ILE AA 688 -33.72 -0.93 21.72
CA ILE AA 688 -34.47 -0.06 20.81
C ILE AA 688 -35.94 -0.13 21.17
N GLU AA 689 -36.54 1.02 21.46
CA GLU AA 689 -37.93 1.07 21.87
C GLU AA 689 -38.63 2.24 21.20
N THR AA 690 -39.78 1.96 20.57
CA THR AA 690 -40.54 2.98 19.87
C THR AA 690 -41.98 2.98 20.36
N HIS AA 691 -42.48 4.17 20.70
CA HIS AA 691 -43.86 4.34 21.14
C HIS AA 691 -44.57 5.27 20.17
N LYS AA 692 -45.59 4.76 19.49
CA LYS AA 692 -46.33 5.51 18.49
C LYS AA 692 -47.81 5.48 18.82
N LEU AA 693 -48.40 6.66 19.04
CA LEU AA 693 -49.83 6.79 19.30
C LEU AA 693 -50.44 7.68 18.25
N THR AA 694 -51.41 7.16 17.51
CA THR AA 694 -52.07 7.89 16.44
C THR AA 694 -53.56 7.98 16.72
N PHE AA 695 -54.05 9.20 16.87
CA PHE AA 695 -55.48 9.47 17.05
C PHE AA 695 -55.97 10.21 15.81
N ARG AA 696 -56.82 9.57 15.03
CA ARG AA 696 -57.32 10.15 13.80
C ARG AA 696 -58.85 10.16 13.82
N GLU AA 697 -59.42 11.11 13.08
CA GLU AA 697 -60.86 11.26 13.01
C GLU AA 697 -61.37 11.12 11.58
N GLY BA 621 -68.52 17.17 22.35
CA GLY BA 621 -67.73 15.97 22.52
C GLY BA 621 -66.27 16.24 22.85
N SER BA 622 -65.90 16.03 24.10
CA SER BA 622 -64.54 16.25 24.56
C SER BA 622 -63.73 14.98 24.42
N VAL BA 623 -62.43 15.15 24.16
CA VAL BA 623 -61.51 14.03 24.10
C VAL BA 623 -60.37 14.29 25.08
N GLN BA 624 -60.04 13.29 25.87
CA GLN BA 624 -58.98 13.39 26.86
C GLN BA 624 -57.93 12.33 26.56
N ILE BA 625 -56.70 12.76 26.30
CA ILE BA 625 -55.59 11.87 26.01
C ILE BA 625 -54.46 12.17 26.99
N VAL BA 626 -54.06 11.16 27.76
CA VAL BA 626 -52.97 11.26 28.72
C VAL BA 626 -51.86 10.31 28.31
N TYR BA 627 -50.68 10.86 28.04
CA TYR BA 627 -49.55 10.12 27.50
C TYR BA 627 -48.35 10.32 28.43
N LYS BA 628 -47.98 9.25 29.16
CA LYS BA 628 -46.84 9.31 30.07
C LYS BA 628 -46.29 7.92 30.32
N PRO BA 629 -45.58 7.31 29.38
CA PRO BA 629 -44.88 6.07 29.68
C PRO BA 629 -43.72 6.33 30.63
N VAL BA 630 -43.32 5.30 31.36
CA VAL BA 630 -42.29 5.43 32.40
C VAL BA 630 -41.18 4.45 32.10
N ASP BA 631 -39.95 4.96 31.97
CA ASP BA 631 -38.80 4.15 31.61
C ASP BA 631 -37.80 4.16 32.77
N LEU BA 632 -37.60 2.98 33.38
CA LEU BA 632 -36.53 2.81 34.35
C LEU BA 632 -35.49 1.80 33.88
N SER BA 633 -35.41 1.56 32.58
CA SER BA 633 -34.52 0.55 32.05
C SER BA 633 -33.06 0.96 32.24
N LYS BA 634 -32.19 -0.05 32.32
CA LYS BA 634 -30.76 0.19 32.39
C LYS BA 634 -30.03 -0.72 31.42
N VAL BA 635 -29.01 -0.15 30.76
CA VAL BA 635 -28.09 -0.91 29.92
C VAL BA 635 -26.70 -0.72 30.49
N THR BA 636 -26.06 -1.82 30.87
CA THR BA 636 -24.76 -1.76 31.52
C THR BA 636 -23.87 -2.86 30.98
N SER BA 637 -22.59 -2.77 31.33
CA SER BA 637 -21.62 -3.78 30.91
C SER BA 637 -20.35 -3.59 31.71
N LYS BA 638 -19.76 -4.69 32.13
CA LYS BA 638 -18.51 -4.62 32.88
C LYS BA 638 -17.52 -5.53 32.23
N CYS BA 639 -16.36 -5.02 31.91
CA CYS BA 639 -15.28 -5.78 31.29
C CYS BA 639 -14.00 -5.53 32.07
N GLY BA 640 -13.36 -6.61 32.51
CA GLY BA 640 -12.16 -6.46 33.30
C GLY BA 640 -10.99 -5.87 32.54
N SER BA 641 -10.43 -6.64 31.63
CA SER BA 641 -9.27 -6.22 30.86
C SER BA 641 -9.55 -6.39 29.37
N LEU BA 642 -9.30 -5.35 28.60
CA LEU BA 642 -9.60 -5.34 27.17
C LEU BA 642 -8.41 -4.79 26.42
N GLY BA 643 -7.84 -5.60 25.54
CA GLY BA 643 -6.70 -5.16 24.78
C GLY BA 643 -6.04 -6.30 24.03
N ASN BA 644 -4.84 -6.02 23.54
CA ASN BA 644 -4.06 -6.97 22.74
C ASN BA 644 -4.81 -7.34 21.46
N ILE BA 645 -4.99 -6.32 20.62
CA ILE BA 645 -5.76 -6.43 19.38
C ILE BA 645 -4.90 -5.96 18.23
N HIS BA 646 -4.80 -6.80 17.19
CA HIS BA 646 -3.92 -6.52 16.05
C HIS BA 646 -4.73 -6.51 14.77
N HIS BA 647 -4.74 -5.37 14.09
CA HIS BA 647 -5.42 -5.21 12.81
C HIS BA 647 -4.37 -4.90 11.75
N LYS BA 648 -4.18 -5.82 10.82
CA LYS BA 648 -3.13 -5.69 9.79
C LYS BA 648 -3.71 -5.93 8.41
N PRO BA 649 -4.34 -4.92 7.82
CA PRO BA 649 -4.89 -5.07 6.45
C PRO BA 649 -3.76 -5.05 5.42
N GLY BA 650 -3.69 -6.12 4.64
CA GLY BA 650 -2.57 -6.29 3.73
C GLY BA 650 -2.72 -5.77 2.32
N GLY BA 651 -3.17 -4.54 2.15
CA GLY BA 651 -3.22 -3.93 0.84
C GLY BA 651 -4.52 -4.23 0.10
N GLY BA 652 -4.48 -4.01 -1.20
CA GLY BA 652 -5.62 -4.29 -2.06
C GLY BA 652 -5.76 -3.25 -3.15
N GLN BA 653 -6.52 -3.61 -4.18
CA GLN BA 653 -6.67 -2.77 -5.37
C GLN BA 653 -8.13 -2.68 -5.78
N VAL BA 654 -8.61 -1.44 -5.93
CA VAL BA 654 -10.01 -1.17 -6.26
C VAL BA 654 -10.08 -0.20 -7.42
N GLU BA 655 -10.81 -0.59 -8.47
CA GLU BA 655 -11.06 0.27 -9.61
C GLU BA 655 -12.54 0.26 -9.95
N VAL BA 656 -13.13 1.45 -10.08
CA VAL BA 656 -14.55 1.59 -10.37
C VAL BA 656 -14.71 2.65 -11.45
N LYS BA 657 -15.50 2.34 -12.47
CA LYS BA 657 -15.72 3.22 -13.61
C LYS BA 657 -17.21 3.50 -13.76
N SER BA 658 -17.57 4.78 -13.70
CA SER BA 658 -18.93 5.23 -13.96
C SER BA 658 -18.86 6.54 -14.71
N GLU BA 659 -19.95 6.94 -15.33
CA GLU BA 659 -19.88 8.17 -16.12
C GLU BA 659 -20.88 9.24 -15.69
N LYS BA 660 -22.15 8.90 -15.46
CA LYS BA 660 -23.17 9.90 -15.13
C LYS BA 660 -23.84 9.59 -13.81
N LEU BA 661 -23.75 10.54 -12.87
CA LEU BA 661 -24.32 10.38 -11.54
C LEU BA 661 -25.27 11.53 -11.24
N ASP BA 662 -26.55 11.22 -11.07
CA ASP BA 662 -27.56 12.19 -10.66
C ASP BA 662 -28.22 11.71 -9.36
N PHE BA 663 -28.05 12.49 -8.30
CA PHE BA 663 -28.73 12.23 -7.03
C PHE BA 663 -29.53 13.47 -6.68
N LYS BA 664 -30.86 13.32 -6.53
CA LYS BA 664 -31.69 14.42 -6.03
C LYS BA 664 -32.67 13.90 -4.98
N ASP BA 665 -32.16 13.66 -3.78
CA ASP BA 665 -32.97 13.46 -2.57
C ASP BA 665 -32.05 13.24 -1.40
N ARG BA 666 -32.58 12.84 -0.25
CA ARG BA 666 -31.71 12.36 0.81
C ARG BA 666 -30.97 11.11 0.33
N VAL BA 667 -29.70 11.27 0.00
CA VAL BA 667 -28.92 10.21 -0.65
C VAL BA 667 -27.56 10.10 0.03
N GLN BA 668 -27.16 8.87 0.34
CA GLN BA 668 -25.97 8.62 1.15
C GLN BA 668 -24.97 7.73 0.42
N SER BA 669 -24.63 8.08 -0.81
CA SER BA 669 -23.80 7.25 -1.65
C SER BA 669 -22.37 7.16 -1.13
N LYS BA 670 -21.63 6.21 -1.69
CA LYS BA 670 -20.21 6.00 -1.38
C LYS BA 670 -19.63 5.12 -2.48
N ILE BA 671 -18.61 5.61 -3.18
CA ILE BA 671 -18.15 4.96 -4.40
C ILE BA 671 -16.63 4.88 -4.39
N GLY BA 672 -16.10 3.68 -4.59
CA GLY BA 672 -14.66 3.54 -4.77
C GLY BA 672 -13.90 3.83 -3.49
N SER BA 673 -13.96 2.92 -2.52
CA SER BA 673 -13.36 3.18 -1.23
C SER BA 673 -12.62 1.95 -0.73
N LEU BA 674 -11.44 2.18 -0.14
CA LEU BA 674 -10.63 1.14 0.49
C LEU BA 674 -10.35 1.64 1.91
N ASP BA 675 -11.20 1.26 2.86
CA ASP BA 675 -11.14 1.79 4.21
C ASP BA 675 -10.95 0.68 5.22
N ASN BA 676 -10.20 1.00 6.28
CA ASN BA 676 -9.99 0.09 7.39
C ASN BA 676 -10.37 0.81 8.67
N ILE BA 677 -11.21 0.17 9.50
CA ILE BA 677 -11.71 0.78 10.71
C ILE BA 677 -11.42 -0.14 11.88
N THR BA 678 -10.74 0.37 12.89
CA THR BA 678 -10.54 -0.33 14.15
C THR BA 678 -11.34 0.41 15.21
N HIS BA 679 -12.38 -0.24 15.72
CA HIS BA 679 -13.29 0.36 16.68
C HIS BA 679 -13.27 -0.48 17.93
N VAL BA 680 -12.72 0.06 19.01
CA VAL BA 680 -12.60 -0.68 20.26
C VAL BA 680 -13.10 0.19 21.40
N PRO BA 681 -14.41 0.33 21.57
CA PRO BA 681 -14.92 1.12 22.69
C PRO BA 681 -14.94 0.31 23.97
N GLY BA 682 -14.50 0.93 25.06
CA GLY BA 682 -14.60 0.28 26.36
C GLY BA 682 -16.04 0.00 26.74
N GLY BA 683 -16.97 0.87 26.35
CA GLY BA 683 -18.37 0.65 26.60
C GLY BA 683 -19.07 0.15 25.36
N GLY BA 684 -19.73 1.04 24.65
CA GLY BA 684 -20.38 0.70 23.41
C GLY BA 684 -21.85 0.39 23.50
N ASN BA 685 -22.48 0.65 24.64
CA ASN BA 685 -23.90 0.38 24.78
C ASN BA 685 -24.71 1.50 24.17
N LYS BA 686 -25.84 1.14 23.56
CA LYS BA 686 -26.61 2.07 22.76
C LYS BA 686 -28.09 1.90 23.06
N LYS BA 687 -28.77 3.00 23.36
CA LYS BA 687 -30.19 2.99 23.64
C LYS BA 687 -30.89 4.03 22.77
N ILE BA 688 -31.92 3.61 22.04
CA ILE BA 688 -32.64 4.46 21.11
C ILE BA 688 -34.12 4.40 21.45
N GLU BA 689 -34.71 5.56 21.71
CA GLU BA 689 -36.11 5.62 22.10
C GLU BA 689 -36.80 6.77 21.41
N THR BA 690 -37.94 6.50 20.76
CA THR BA 690 -38.68 7.52 20.04
C THR BA 690 -40.13 7.53 20.51
N HIS BA 691 -40.63 8.72 20.83
CA HIS BA 691 -42.02 8.90 21.25
C HIS BA 691 -42.71 9.83 20.26
N LYS BA 692 -43.71 9.31 19.56
CA LYS BA 692 -44.43 10.07 18.55
C LYS BA 692 -45.92 10.04 18.86
N LEU BA 693 -46.51 11.21 19.05
CA LEU BA 693 -47.95 11.36 19.29
C LEU BA 693 -48.54 12.25 18.22
N THR BA 694 -49.49 11.71 17.47
CA THR BA 694 -50.13 12.44 16.38
C THR BA 694 -51.62 12.54 16.64
N PHE BA 695 -52.12 13.77 16.76
CA PHE BA 695 -53.55 14.04 16.91
C PHE BA 695 -54.02 14.78 15.67
N ARG BA 696 -54.86 14.13 14.88
CA ARG BA 696 -55.34 14.71 13.64
C ARG BA 696 -56.86 14.73 13.63
N GLU BA 697 -57.42 15.67 12.88
CA GLU BA 697 -58.85 15.83 12.79
C GLU BA 697 -59.34 15.67 11.35
N DTH CA 1 35.52 -23.65 -46.22
CA DTH CA 1 34.72 -22.49 -45.84
CB DTH CA 1 33.96 -22.74 -44.51
CG2 DTH CA 1 33.15 -21.51 -44.13
OG1 DTH CA 1 34.90 -23.03 -43.47
C DTH CA 1 33.71 -22.18 -46.94
O DTH CA 1 33.05 -23.06 -47.43
N DLE CA 2 33.60 -20.92 -47.32
CA DLE CA 2 32.71 -20.51 -48.40
CB DLE CA 2 33.49 -20.47 -49.72
CG DLE CA 2 32.97 -19.81 -51.01
CD1 DLE CA 2 31.51 -20.11 -51.28
CD2 DLE CA 2 33.26 -18.30 -51.05
C DLE CA 2 32.13 -19.14 -48.06
O DLE CA 2 32.86 -18.27 -47.68
N DLY CA 3 30.82 -18.98 -48.19
CA DLY CA 3 30.16 -17.69 -48.02
C DLY CA 3 29.16 -17.50 -49.15
O DLY CA 3 28.52 -18.44 -49.58
CB DLY CA 3 29.47 -17.61 -46.67
CG DLY CA 3 28.44 -18.71 -46.42
CD DLY CA 3 27.58 -18.38 -45.20
CE DLY CA 3 26.82 -17.08 -45.42
NZ DLY CA 3 25.96 -16.75 -44.24
N DIL CA 4 29.06 -16.28 -49.66
CA DIL CA 4 28.22 -15.96 -50.80
C DIL CA 4 27.52 -14.64 -50.54
O DIL CA 4 28.15 -13.70 -50.15
CB DIL CA 4 29.06 -15.86 -52.08
CG1 DIL CA 4 29.65 -17.22 -52.47
CG2 DIL CA 4 28.24 -15.26 -53.23
CD1 DIL CA 4 30.52 -17.18 -53.70
N DVA CA 5 26.21 -14.58 -50.79
CA DVA CA 5 25.41 -13.39 -50.56
CB DVA CA 5 24.56 -13.53 -49.28
CG1 DVA CA 5 25.44 -13.72 -48.05
CG2 DVA CA 5 23.66 -12.32 -49.11
C DVA CA 5 24.53 -13.15 -51.77
O DVA CA 5 23.86 -14.04 -52.23
N DTR CA 6 24.55 -11.94 -52.30
CA DTR CA 6 23.77 -11.59 -53.48
CB DTR CA 6 24.67 -11.59 -54.72
CG DTR CA 6 24.00 -11.20 -56.01
CD1 DTR CA 6 22.66 -11.22 -56.28
NE1 DTR CA 6 22.44 -10.78 -57.56
CE2 DTR CA 6 23.63 -10.48 -58.15
CZ2 DTR CA 6 23.92 -10.00 -59.43
CH2 DTR CA 6 25.23 -9.78 -59.74
CZ3 DTR CA 6 26.25 -10.02 -58.82
CE3 DTR CA 6 25.97 -10.49 -57.55
CD2 DTR CA 6 24.65 -10.72 -57.20
C DTR CA 6 23.15 -10.22 -53.29
O DTR CA 6 23.82 -9.29 -52.92
N DIL CA 7 21.86 -10.09 -53.60
CA DIL CA 7 21.12 -8.84 -53.46
C DIL CA 7 20.44 -8.52 -54.78
O DIL CA 7 19.79 -9.39 -55.39
CB DIL CA 7 20.10 -8.91 -52.32
CG1 DIL CA 7 20.76 -9.39 -51.03
CG2 DIL CA 7 19.42 -7.58 -52.12
CD1 DIL CA 7 19.79 -9.62 -49.90
OXT DIL CA 7 20.50 -7.40 -55.29
N DTH DA 1 17.55 -11.70 -55.98
CA DTH DA 1 17.65 -12.91 -55.17
CB DTH DA 1 16.82 -12.79 -53.88
CG2 DTH DA 1 16.93 -14.07 -53.05
OG1 DTH DA 1 15.45 -12.55 -54.20
C DTH DA 1 19.11 -13.17 -54.81
O DTH DA 1 19.80 -12.27 -54.39
N DLE DA 2 19.57 -14.39 -54.98
CA DLE DA 2 20.97 -14.75 -54.72
CB DLE DA 2 21.77 -14.67 -56.02
CG DLE DA 2 23.18 -15.23 -56.21
CD1 DLE DA 2 24.09 -14.96 -55.02
CD2 DLE DA 2 23.17 -16.72 -56.57
C DLE DA 2 21.01 -16.16 -54.14
O DLE DA 2 20.38 -17.03 -54.66
N DLY DA 3 21.74 -16.35 -53.05
CA DLY DA 3 21.97 -17.67 -52.47
C DLY DA 3 23.44 -17.80 -52.13
O DLY DA 3 24.07 -16.86 -51.70
CB DLY DA 3 21.10 -17.88 -51.23
CG DLY DA 3 20.08 -16.79 -50.99
CD DLY DA 3 19.33 -17.01 -49.68
CE DLY DA 3 18.79 -15.71 -49.12
NZ DLY DA 3 17.71 -15.94 -48.12
N DIL DA 4 24.00 -18.99 -52.35
CA DIL DA 4 25.42 -19.24 -52.15
C DIL DA 4 25.59 -20.59 -51.50
O DIL DA 4 25.01 -21.54 -51.93
CB DIL DA 4 26.17 -19.22 -53.51
CG1 DIL DA 4 26.16 -17.81 -54.11
CG2 DIL DA 4 27.59 -19.74 -53.35
CD1 DIL DA 4 26.84 -17.73 -55.46
N DVA DA 5 26.42 -20.68 -50.47
CA DVA DA 5 26.65 -21.91 -49.73
CB DVA DA 5 25.92 -21.90 -48.37
CG1 DVA DA 5 24.42 -21.77 -48.57
CG2 DVA DA 5 26.26 -23.14 -47.58
C DVA DA 5 28.16 -22.09 -49.52
O DVA DA 5 28.83 -21.18 -49.09
N DTR DA 6 28.68 -23.25 -49.87
CA DTR DA 6 30.11 -23.52 -49.75
CB DTR DA 6 30.77 -23.40 -51.13
CG DTR DA 6 32.25 -23.71 -51.16
CD1 DTR DA 6 33.11 -23.72 -50.10
NE1 DTR DA 6 34.37 -24.05 -50.52
CE2 DTR DA 6 34.34 -24.28 -51.88
CZ2 DTR DA 6 35.37 -24.65 -52.75
CH2 DTR DA 6 35.05 -24.80 -54.07
CZ3 DTR DA 6 33.73 -24.60 -54.53
CE3 DTR DA 6 32.72 -24.24 -53.66
CD2 DTR DA 6 33.02 -24.07 -52.31
C DTR DA 6 30.30 -24.93 -49.20
O DTR DA 6 29.72 -25.85 -49.68
N DIL DA 7 31.19 -25.08 -48.22
CA DIL DA 7 31.48 -26.36 -47.59
C DIL DA 7 32.98 -26.58 -47.61
O DIL DA 7 33.46 -27.67 -47.97
CB DIL DA 7 30.94 -26.39 -46.14
CG1 DIL DA 7 29.47 -26.00 -46.11
CG2 DIL DA 7 31.14 -27.77 -45.53
CD1 DIL DA 7 28.91 -25.89 -44.71
OXT DIL DA 7 33.77 -25.70 -47.27
N DTH EA 1 26.07 -8.44 -65.40
CA DTH EA 1 27.51 -8.67 -65.43
CB DTH EA 1 28.05 -8.63 -66.87
CG2 DTH EA 1 29.55 -8.84 -66.90
OG1 DTH EA 1 27.74 -7.37 -67.48
C DTH EA 1 27.84 -10.02 -64.80
O DTH EA 1 27.21 -11.00 -65.10
N DLE EA 2 28.83 -10.06 -63.93
CA DLE EA 2 29.21 -11.27 -63.23
CB DLE EA 2 28.50 -11.32 -61.86
CG DLE EA 2 28.85 -12.29 -60.73
CD1 DLE EA 2 29.12 -13.70 -61.23
CD2 DLE EA 2 30.00 -11.78 -59.86
C DLE EA 2 30.72 -11.29 -63.04
O DLE EA 2 31.28 -10.30 -62.65
N DLY EA 3 31.37 -12.40 -63.36
CA DLY EA 3 32.79 -12.58 -63.13
C DLY EA 3 33.01 -13.97 -62.53
O DLY EA 3 32.34 -14.91 -62.90
CB DLY EA 3 33.59 -12.43 -64.42
CG DLY EA 3 33.17 -13.36 -65.53
CD DLY EA 3 34.19 -13.37 -66.66
CE DLY EA 3 35.55 -13.83 -66.16
NZ DLY EA 3 36.56 -13.84 -67.25
N DIL EA 4 33.92 -14.07 -61.58
CA DIL EA 4 34.17 -15.30 -60.85
C DIL EA 4 35.67 -15.47 -60.69
O DIL EA 4 36.34 -14.55 -60.28
CB DIL EA 4 33.49 -15.27 -59.47
CG1 DIL EA 4 31.97 -15.27 -59.60
CG2 DIL EA 4 33.98 -16.42 -58.60
CD1 DIL EA 4 31.25 -15.20 -58.28
N DVA EA 5 36.19 -16.66 -60.95
CA DVA EA 5 37.62 -16.96 -60.87
CB DVA EA 5 38.27 -17.01 -62.27
CG1 DVA EA 5 38.13 -15.68 -62.98
CG2 DVA EA 5 39.73 -17.41 -62.15
C DVA EA 5 37.80 -18.28 -60.14
O DVA EA 5 37.17 -19.26 -60.47
N DTR EA 6 38.64 -18.29 -59.12
CA DTR EA 6 38.88 -19.49 -58.33
CB DTR EA 6 38.11 -19.40 -57.01
CG DTR EA 6 38.31 -20.55 -56.06
CD1 DTR EA 6 38.76 -21.81 -56.36
NE1 DTR EA 6 38.81 -22.59 -55.23
CE2 DTR EA 6 38.38 -21.85 -54.17
CZ2 DTR EA 6 38.25 -22.19 -52.82
CH2 DTR EA 6 37.79 -21.23 -51.96
CZ3 DTR EA 6 37.46 -19.96 -52.41
CE3 DTR EA 6 37.59 -19.61 -53.74
CD2 DTR EA 6 38.05 -20.56 -54.64
C DTR EA 6 40.38 -19.62 -58.04
O DTR EA 6 41.00 -18.68 -57.62
N DIL EA 7 40.93 -20.81 -58.22
CA DIL EA 7 42.34 -21.10 -58.00
C DIL EA 7 42.46 -22.30 -57.07
O DIL EA 7 41.80 -23.32 -57.28
CB DIL EA 7 43.07 -21.35 -59.33
CG1 DIL EA 7 42.80 -20.21 -60.33
CG2 DIL EA 7 44.56 -21.52 -59.11
CD1 DIL EA 7 43.37 -20.46 -61.71
OXT DIL EA 7 43.23 -22.28 -56.12
N DTH FA 1 39.88 -25.22 -58.60
CA DTH FA 1 39.12 -24.93 -59.80
CB DTH FA 1 40.05 -24.77 -61.02
CG2 DTH FA 1 39.23 -24.49 -62.27
OG1 DTH FA 1 40.80 -25.98 -61.21
C DTH FA 1 38.33 -23.64 -59.61
O DTH FA 1 38.86 -22.66 -59.13
N DLE FA 2 37.05 -23.65 -59.97
CA DLE FA 2 36.18 -22.50 -59.78
CB DLE FA 2 35.42 -22.65 -58.45
CG DLE FA 2 34.22 -21.79 -58.04
CD1 DLE FA 2 34.39 -20.32 -58.40
CD2 DLE FA 2 32.89 -22.34 -58.59
C DLE FA 2 35.20 -22.43 -60.95
O DLE FA 2 34.63 -23.43 -61.31
N DLY FA 3 35.05 -21.26 -61.55
CA DLY FA 3 34.07 -21.04 -62.60
C DLY FA 3 33.36 -19.72 -62.32
O DLY FA 3 33.97 -18.77 -61.86
CB DLY FA 3 34.73 -21.01 -63.97
CG DLY FA 3 35.84 -19.98 -64.12
CD DLY FA 3 36.22 -19.80 -65.59
CE DLY FA 3 35.03 -19.32 -66.41
NZ DLY FA 3 35.39 -19.14 -67.84
N DIL FA 4 32.07 -19.67 -62.57
CA DIL FA 4 31.23 -18.52 -62.27
C DIL FA 4 30.27 -18.30 -63.42
O DIL FA 4 29.63 -19.22 -63.85
CB DIL FA 4 30.44 -18.74 -60.97
CG1 DIL FA 4 31.38 -18.81 -59.76
CG2 DIL FA 4 29.38 -17.66 -60.79
CD1 DIL FA 4 30.67 -19.05 -58.45
N DVA FA 5 30.13 -17.06 -63.88
CA DVA FA 5 29.26 -16.71 -65.00
CB DVA FA 5 30.08 -16.46 -66.29
CG1 DVA FA 5 30.85 -17.71 -66.69
CG2 DVA FA 5 29.17 -16.01 -67.41
C DVA FA 5 28.47 -15.46 -64.63
O DVA FA 5 29.02 -14.49 -64.18
N DTR FA 6 27.16 -15.53 -64.79
CA DTR FA 6 26.28 -14.41 -64.45
CB DTR FA 6 25.60 -14.69 -63.11
CG DTR FA 6 24.63 -13.64 -62.65
CD1 DTR FA 6 24.55 -12.34 -63.07
NE1 DTR FA 6 23.53 -11.69 -62.42
CE2 DTR FA 6 22.91 -12.57 -61.57
CZ2 DTR FA 6 21.83 -12.37 -60.71
CH2 DTR FA 6 21.42 -13.44 -59.96
CZ3 DTR FA 6 22.07 -14.69 -60.04
CE3 DTR FA 6 23.14 -14.88 -60.90
CD2 DTR FA 6 23.58 -13.80 -61.69
C DTR FA 6 25.23 -14.24 -65.54
O DTR FA 6 24.62 -15.19 -65.93
N DIL FA 7 25.00 -13.00 -65.98
CA DIL FA 7 24.04 -12.69 -67.02
C DIL FA 7 23.11 -11.59 -66.51
O DIL FA 7 21.89 -11.67 -66.64
CB DIL FA 7 24.74 -12.25 -68.31
CG1 DIL FA 7 25.80 -13.27 -68.73
CG2 DIL FA 7 23.73 -12.03 -69.42
CD1 DIL FA 7 26.62 -12.86 -69.92
OXT DIL FA 7 23.57 -10.59 -65.95
N DTH GA 1 -46.83 2.48 41.59
CA DTH GA 1 -45.38 2.59 41.50
CB DTH GA 1 -44.88 2.27 40.08
CG2 DTH GA 1 -43.37 2.41 39.99
OG1 DTH GA 1 -45.49 3.17 39.15
C DTH GA 1 -44.73 1.63 42.49
O DTH GA 1 -45.10 0.49 42.56
N DLE GA 2 -43.75 2.10 43.24
CA DLE GA 2 -43.08 1.29 44.26
CB DLE GA 2 -43.76 1.54 45.61
CG DLE GA 2 -43.17 1.10 46.97
CD1 DLE GA 2 -42.57 -0.30 46.91
CD2 DLE GA 2 -42.16 2.11 47.52
C DLE GA 2 -41.61 1.69 44.30
O DLE GA 2 -41.30 2.84 44.33
N DLY GA 3 -40.72 0.70 44.29
CA DLY GA 3 -39.29 0.93 44.44
C DLY GA 3 -38.74 -0.10 45.42
O DLY GA 3 -39.16 -1.24 45.43
CB DLY GA 3 -38.57 0.84 43.10
CG DLY GA 3 -38.76 -0.48 42.38
CD DLY GA 3 -37.78 -0.62 41.23
CE DLY GA 3 -36.35 -0.58 41.73
NZ DLY GA 3 -35.36 -0.71 40.61
N DIL GA 4 -37.82 0.32 46.27
CA DIL GA 4 -37.26 -0.51 47.33
C DIL GA 4 -35.77 -0.27 47.41
O DIL GA 4 -35.35 0.84 47.45
CB DIL GA 4 -37.92 -0.19 48.69
CG1 DIL GA 4 -39.40 -0.57 48.69
CG2 DIL GA 4 -37.17 -0.86 49.83
CD1 DIL GA 4 -40.11 -0.24 49.98
N DVA GA 5 -34.98 -1.34 47.48
CA DVA GA 5 -33.53 -1.26 47.53
CB DVA GA 5 -32.90 -1.62 46.18
CG1 DVA GA 5 -33.36 -0.66 45.09
CG2 DVA GA 5 -31.38 -1.62 46.28
C DVA GA 5 -33.02 -2.20 48.62
O DVA GA 5 -33.40 -3.36 48.67
N DTR GA 6 -32.19 -1.70 49.52
CA DTR GA 6 -31.66 -2.48 50.62
CB DTR GA 6 -32.43 -2.14 51.91
CG DTR GA 6 -31.94 -2.86 53.15
CD1 DTR GA 6 -31.20 -4.00 53.21
NE1 DTR GA 6 -30.95 -4.33 54.52
CE2 DTR GA 6 -31.54 -3.40 55.33
CZ2 DTR GA 6 -31.57 -3.31 56.72
CH2 DTR GA 6 -32.24 -2.26 57.28
CZ3 DTR GA 6 -32.88 -1.30 56.48
CE3 DTR GA 6 -32.86 -1.39 55.10
CD2 DTR GA 6 -32.18 -2.45 54.51
C DTR GA 6 -30.18 -2.18 50.80
O DTR GA 6 -29.80 -1.04 50.85
N DIL GA 7 -29.37 -3.20 50.95
CA DIL GA 7 -27.92 -3.07 51.12
C DIL GA 7 -27.50 -3.85 52.36
O DIL GA 7 -27.90 -5.00 52.55
CB DIL GA 7 -27.17 -3.57 49.88
CG1 DIL GA 7 -27.72 -2.91 48.61
CG2 DIL GA 7 -25.67 -3.31 50.03
CD1 DIL GA 7 -27.11 -3.46 47.34
OXT DIL GA 7 -26.75 -3.35 53.20
N DTH HA 1 -28.52 -8.24 52.00
CA DTH HA 1 -29.38 -8.56 50.87
CB DTH HA 1 -28.56 -8.76 49.58
CG2 DTH HA 1 -29.47 -9.11 48.42
OG1 DTH HA 1 -27.60 -9.81 49.78
C DTH HA 1 -30.39 -7.44 50.66
O DTH HA 1 -30.04 -6.30 50.66
N DLE HA 2 -31.65 -7.80 50.48
CA DLE HA 2 -32.72 -6.82 50.33
CB DLE HA 2 -33.37 -6.54 51.68
CG DLE HA 2 -34.70 -5.79 51.89
CD1 DLE HA 2 -34.81 -4.57 50.98
CD2 DLE HA 2 -35.92 -6.71 51.73
C DLE HA 2 -33.74 -7.37 49.34
O DLE HA 2 -34.14 -8.49 49.45
N DLY HA 3 -34.14 -6.56 48.36
CA DLY HA 3 -35.20 -6.92 47.43
C DLY HA 3 -36.13 -5.71 47.26
O DLY HA 3 -35.69 -4.59 47.26
CB DLY HA 3 -34.62 -7.33 46.07
CG DLY HA 3 -33.10 -7.47 46.05
CD DLY HA 3 -32.61 -7.78 44.66
CE DLY HA 3 -31.16 -7.33 44.47
NZ DLY HA 3 -30.52 -8.00 43.31
N DIL HA 4 -37.42 -5.98 47.18
CA DIL HA 4 -38.44 -4.94 47.11
C DIL HA 4 -39.48 -5.34 46.08
O DIL HA 4 -39.95 -6.45 46.10
CB DIL HA 4 -39.11 -4.76 48.49
CG1 DIL HA 4 -38.12 -4.20 49.51
CG2 DIL HA 4 -40.35 -3.88 48.37
CD1 DIL HA 4 -38.71 -4.02 50.89
N DVA HA 5 -39.87 -4.42 45.21
CA DVA HA 5 -40.83 -4.67 44.15
CB DVA HA 5 -40.14 -4.83 42.78
CG1 DVA HA 5 -39.18 -6.01 42.79
CG2 DVA HA 5 -41.18 -4.99 41.68
C DVA HA 5 -41.84 -3.53 44.11
O DVA HA 5 -41.46 -2.38 44.09
N DTR HA 6 -43.12 -3.84 44.14
CA DTR HA 6 -44.17 -2.84 44.14
CB DTR HA 6 -44.73 -2.67 45.56
CG DTR HA 6 -45.86 -1.69 45.69
CD1 DTR HA 6 -46.19 -0.68 44.83
NE1 DTR HA 6 -47.30 0.00 45.30
CE2 DTR HA 6 -47.69 -0.55 46.49
CZ2 DTR HA 6 -48.74 -0.22 47.33
CH2 DTR HA 6 -48.90 -0.95 48.47
CZ3 DTR HA 6 -48.05 -2.02 48.78
CE3 DTR HA 6 -47.00 -2.36 47.94
CD2 DTR HA 6 -46.81 -1.62 46.77
C DTR HA 6 -45.29 -3.27 43.20
O DTR HA 6 -45.74 -4.38 43.27
N DIL HA 7 -45.76 -2.36 42.36
CA DIL HA 7 -46.83 -2.63 41.40
C DIL HA 7 -47.91 -1.57 41.55
O DIL HA 7 -49.10 -1.89 41.61
CB DIL HA 7 -46.27 -2.62 39.96
CG1 DIL HA 7 -45.06 -3.56 39.84
CG2 DIL HA 7 -47.36 -3.02 38.97
CD1 DIL HA 7 -44.40 -3.51 38.49
OXT DIL HA 7 -47.63 -0.37 41.63
N DTH IA 1 -32.72 -2.43 63.03
CA DTH IA 1 -33.77 -1.43 63.19
CB DTH IA 1 -34.32 -1.44 64.63
CG2 DTH IA 1 -35.39 -0.37 64.80
OG1 DTH IA 1 -33.25 -1.18 65.55
C DTH IA 1 -34.91 -1.70 62.22
O DTH IA 1 -35.34 -2.83 62.09
N DLE IA 2 -35.38 -0.68 61.53
CA DLE IA 2 -36.43 -0.83 60.52
CB DLE IA 2 -35.78 -1.00 59.14
CG DLE IA 2 -36.56 -0.90 57.82
CD1 DLE IA 2 -37.91 -1.60 57.87
CD2 DLE IA 2 -36.70 0.55 57.32
C DLE IA 2 -37.31 0.41 60.56
O DLE IA 2 -36.82 1.50 60.58
N DLY IA 3 -38.63 0.22 60.61
CA DLY IA 3 -39.58 1.31 60.51
C DLY IA 3 -40.69 0.91 59.54
O DLY IA 3 -41.09 -0.23 59.49
CB DLY IA 3 -40.17 1.63 61.89
CG DLY IA 3 -40.85 0.46 62.58
CD DLY IA 3 -41.66 0.92 63.77
CE DLY IA 3 -42.75 1.88 63.34
NZ DLY IA 3 -43.57 2.35 64.51
N DIL IA 4 -41.15 1.87 58.75
CA DIL IA 4 -42.13 1.63 57.70
C DIL IA 4 -43.14 2.77 57.70
O DIL IA 4 -42.74 3.90 57.72
CB DIL IA 4 -41.45 1.53 56.32
CG1 DIL IA 4 -40.56 0.30 56.23
CG2 DIL IA 4 -42.49 1.55 55.21
CD1 DIL IA 4 -39.83 0.16 54.92
N DVA IA 5 -44.42 2.46 57.65
CA DVA IA 5 -45.49 3.44 57.67
CB DVA IA 5 -46.18 3.51 59.06
CG1 DVA IA 5 -45.18 3.89 60.14
CG2 DVA IA 5 -47.34 4.47 59.03
C DVA IA 5 -46.50 3.10 56.59
O DVA IA 5 -46.95 1.97 56.50
N DTR IA 6 -46.84 4.06 55.75
CA DTR IA 6 -47.78 3.84 54.65
CB DTR IA 6 -47.00 3.68 53.34
CG DTR IA 6 -47.86 3.51 52.11
CD1 DTR IA 6 -49.16 3.10 52.06
NE1 DTR IA 6 -49.60 3.07 50.75
CE2 DTR IA 6 -48.57 3.45 49.94
CZ2 DTR IA 6 -48.52 3.57 48.54
CH2 DTR IA 6 -47.35 3.98 47.99
CZ3 DTR IA 6 -46.23 4.28 48.77
CE3 DTR IA 6 -46.27 4.16 50.15
CD2 DTR IA 6 -47.46 3.74 50.75
C DTR IA 6 -48.73 5.04 54.56
O DTR IA 6 -48.30 6.16 54.56
N DIL IA 7 -50.01 4.77 54.42
CA DIL IA 7 -51.04 5.80 54.33
C DIL IA 7 -51.90 5.54 53.09
O DIL IA 7 -52.33 4.40 52.86
CB DIL IA 7 -51.91 5.83 55.59
CG1 DIL IA 7 -51.05 5.92 56.85
CG2 DIL IA 7 -52.92 6.98 55.53
CD1 DIL IA 7 -51.83 5.83 58.14
OXT DIL IA 7 -52.18 6.43 52.31
N DTH JA 1 -52.87 1.38 53.24
CA DTH JA 1 -52.39 0.57 54.35
CB DTH JA 1 -53.04 1.01 55.68
CG2 DTH JA 1 -52.55 0.15 56.83
OG1 DTH JA 1 -54.46 0.90 55.58
C DTH JA 1 -50.88 0.70 54.47
O DTH JA 1 -50.35 1.77 54.42
N DLE JA 2 -50.18 -0.42 54.63
CA DLE JA 2 -48.72 -0.43 54.70
CB DLE JA 2 -48.15 -0.70 53.30
CG DLE JA 2 -46.68 -1.07 53.03
CD1 DLE JA 2 -45.71 -0.25 53.85
CD2 DLE JA 2 -46.42 -2.57 53.18
C DLE JA 2 -48.30 -1.51 55.68
O DLE JA 2 -48.79 -2.61 55.61
N DLY JA 3 -47.40 -1.19 56.60
CA DLY JA 3 -46.82 -2.16 57.51
C DLY JA 3 -45.31 -1.92 57.58
O DLY JA 3 -44.86 -0.80 57.54
CB DLY JA 3 -47.44 -2.04 58.90
CG DLY JA 3 -47.33 -0.66 59.53
CD DLY JA 3 -47.68 -0.71 61.01
CE DLY JA 3 -46.74 -1.64 61.77
NZ DLY JA 3 -47.07 -1.69 63.22
N DIL JA 4 -44.55 -3.00 57.64
CA DIL JA 4 -43.09 -2.93 57.61
C DIL JA 4 -42.55 -3.92 58.63
O DIL JA 4 -42.95 -5.05 58.65
CB DIL JA 4 -42.55 -3.28 56.22
CG1 DIL JA 4 -42.96 -2.22 55.20
CG2 DIL JA 4 -41.05 -3.48 56.24
CD1 DIL JA 4 -42.49 -2.50 53.79
N DVA JA 5 -41.58 -3.51 59.44
CA DVA JA 5 -40.99 -4.34 60.48
CB DVA JA 5 -41.51 -3.96 61.87
CG1 DVA JA 5 -43.02 -4.15 61.96
CG2 DVA JA 5 -40.81 -4.77 62.95
C DVA JA 5 -39.47 -4.18 60.42
O DVA JA 5 -38.96 -3.08 60.40
N DTR JA 6 -38.76 -5.29 60.37
CA DTR JA 6 -37.30 -5.28 60.29
CB DTR JA 6 -36.87 -5.55 58.84
CG DTR JA 6 -35.38 -5.62 58.61
CD1 DTR JA 6 -34.40 -5.11 59.41
NE1 DTR JA 6 -33.16 -5.36 58.88
CE2 DTR JA 6 -33.32 -6.06 57.70
CZ2 DTR JA 6 -32.38 -6.54 56.80
CH2 DTR JA 6 -32.83 -7.21 55.71
CZ3 DTR JA 6 -34.20 -7.40 55.48
CE3 DTR JA 6 -35.14 -6.92 56.37
CD2 DTR JA 6 -34.71 -6.24 57.50
C DTR JA 6 -36.72 -6.35 61.21
O DTR JA 6 -37.16 -7.47 61.18
N DIL JA 7 -35.71 -6.00 61.98
CA DIL JA 7 -35.07 -6.90 62.92
C DIL JA 7 -33.56 -6.88 62.67
O DIL JA 7 -32.91 -7.93 62.59
CB DIL JA 7 -35.38 -6.50 64.38
CG1 DIL JA 7 -36.89 -6.35 64.58
CG2 DIL JA 7 -34.80 -7.52 65.35
CD1 DIL JA 7 -37.26 -5.84 65.95
OXT DIL JA 7 -32.97 -5.81 62.54
O20 EDT KA . 16.93 -4.87 -42.75
C5 EDT KA . 17.36 -5.09 -43.90
O19 EDT KA . 16.60 -5.31 -44.88
C4 EDT KA . 18.86 -5.15 -44.17
N3 EDT KA . 19.72 -4.92 -42.96
C2 EDT KA . 20.65 -3.79 -43.16
C1 EDT KA . 20.28 -2.64 -42.25
O18 EDT KA . 19.38 -2.79 -41.38
O17 EDT KA . 20.88 -1.53 -42.37
C6 EDT KA . 20.39 -6.16 -42.50
C7 EDT KA . 21.49 -6.65 -43.44
N8 EDT KA . 22.17 -7.89 -42.97
C9 EDT KA . 21.23 -9.02 -42.76
C10 EDT KA . 21.96 -10.35 -42.93
O16 EDT KA . 23.16 -10.35 -43.34
O15 EDT KA . 21.36 -11.42 -42.67
C11 EDT KA . 23.01 -7.66 -41.75
C12 EDT KA . 24.52 -7.72 -42.03
O13 EDT KA . 24.95 -7.95 -43.18
O14 EDT KA . 25.28 -7.50 -41.05
O20 EDT LA . -20.23 -0.56 41.77
C5 EDT LA . -20.87 -0.69 42.84
O19 EDT LA . -20.76 -1.70 43.58
C4 EDT LA . -21.87 0.38 43.29
N3 EDT LA . -21.99 1.53 42.35
C2 EDT LA . -21.70 2.82 43.03
C1 EDT LA . -20.42 3.43 42.51
O18 EDT LA . -19.84 2.90 41.51
O17 EDT LA . -19.94 4.45 43.05
C6 EDT LA . -23.27 1.55 41.62
C7 EDT LA . -24.48 1.86 42.48
N8 EDT LA . -25.77 1.87 41.75
C9 EDT LA . -26.06 0.58 41.06
C10 EDT LA . -27.55 0.39 40.89
O16 EDT LA . -28.35 1.20 41.44
O15 EDT LA . -27.98 -0.57 40.22
C11 EDT LA . -25.89 3.02 40.80
C12 EDT LA . -26.89 4.09 41.26
O13 EDT LA . -27.53 3.96 42.32
O14 EDT LA . -27.00 5.11 40.53
O20 EDT MA . 22.65 2.71 -40.31
C5 EDT MA . 23.11 2.46 -41.44
O19 EDT MA . 22.39 2.24 -42.44
C4 EDT MA . 24.63 2.39 -41.66
N3 EDT MA . 25.43 2.64 -40.43
C2 EDT MA . 26.38 3.76 -40.62
C1 EDT MA . 25.99 4.93 -39.74
O18 EDT MA . 25.06 4.80 -38.89
O17 EDT MA . 26.60 6.03 -39.85
C6 EDT MA . 26.09 1.40 -39.92
C7 EDT MA . 27.21 0.89 -40.81
N8 EDT MA . 27.86 -0.35 -40.30
C9 EDT MA . 26.91 -1.47 -40.12
C10 EDT MA . 27.63 -2.80 -40.23
O16 EDT MA . 28.85 -2.82 -40.60
O15 EDT MA . 27.02 -3.86 -39.97
C11 EDT MA . 28.67 -0.10 -39.07
C12 EDT MA . 30.18 -0.17 -39.29
O13 EDT MA . 30.65 -0.43 -40.42
O14 EDT MA . 30.92 0.05 -38.29
O20 EDT NA . -17.29 8.75 42.83
C5 EDT NA . -17.97 8.65 43.88
O19 EDT NA . -17.88 7.64 44.64
C4 EDT NA . -18.97 9.73 44.28
N3 EDT NA . -19.05 10.86 43.32
C2 EDT NA . -18.78 12.16 43.99
C1 EDT NA . -17.47 12.75 43.49
O18 EDT NA . -16.87 12.21 42.52
O17 EDT NA . -17.00 13.78 44.04
C6 EDT NA . -20.31 10.88 42.54
C7 EDT NA . -21.54 11.20 43.37
N8 EDT NA . -22.81 11.21 42.58
C9 EDT NA . -23.08 9.91 41.91
C10 EDT NA . -24.56 9.73 41.69
O16 EDT NA . -25.38 10.56 42.20
O15 EDT NA . -24.99 8.76 41.02
C11 EDT NA . -22.88 12.35 41.62
C12 EDT NA . -23.89 13.44 42.02
O13 EDT NA . -24.56 13.32 43.06
O14 EDT NA . -23.97 14.44 41.26
O20 EDT OA . -23.14 -9.87 40.65
C5 EDT OA . -23.74 -10.02 41.74
O19 EDT OA . -23.59 -11.05 42.46
C4 EDT OA . -24.74 -8.97 42.24
N3 EDT OA . -24.89 -7.81 41.33
C2 EDT OA . -24.59 -6.53 42.03
C1 EDT OA . -23.33 -5.90 41.47
O18 EDT OA . -22.78 -6.40 40.44
O17 EDT OA . -22.84 -4.88 42.02
C6 EDT OA . -26.20 -7.78 40.63
C7 EDT OA . -27.39 -7.50 41.56
N8 EDT OA . -28.70 -7.49 40.85
C9 EDT OA . -29.00 -8.77 40.16
C10 EDT OA . -30.49 -8.96 40.04
O16 EDT OA . -31.29 -8.16 40.62
O15 EDT OA . -30.94 -9.92 39.36
C11 EDT OA . -28.86 -6.32 39.94
C12 EDT OA . -29.85 -5.26 40.45
O13 EDT OA . -30.44 -5.42 41.53
O14 EDT OA . -29.99 -4.23 39.73
O20 EDT PA . 11.18 -12.45 -45.13
C5 EDT PA . 11.59 -12.65 -46.30
O19 EDT PA . 10.79 -12.85 -47.26
C4 EDT PA . 13.07 -12.69 -46.62
N3 EDT PA . 13.97 -12.48 -45.44
C2 EDT PA . 14.89 -11.34 -45.64
C1 EDT PA . 14.54 -10.20 -44.71
O18 EDT PA . 13.67 -10.38 -43.80
O17 EDT PA . 15.13 -9.09 -44.83
C6 EDT PA . 14.67 -13.72 -45.02
C7 EDT PA . 15.73 -14.19 -46.00
N8 EDT PA . 16.43 -15.43 -45.57
C9 EDT PA . 15.51 -16.57 -45.37
C10 EDT PA . 16.24 -17.89 -45.57
O16 EDT PA . 17.43 -17.88 -46.03
O15 EDT PA . 15.66 -18.96 -45.32
C11 EDT PA . 17.32 -15.21 -44.38
C12 EDT PA . 18.81 -15.25 -44.72
O13 EDT PA . 19.21 -15.46 -45.88
O14 EDT PA . 19.61 -15.05 -43.76
#